data_2RLO
#
_entry.id   2RLO
#
_entity_poly.entity_id   1
_entity_poly.type   'polypeptide(L)'
_entity_poly.pdbx_seq_one_letter_code
;RAIPIKQSFLLKRSGNSLNKEWKKKYVTLSSNGFLLYHPSINDYIHSTHGKEMDLLRTTVKVPGKRPPRAISAFGPSASG
SAGQAEEENFEFLIVSSTGQTWHFEAASFEERDAWVQAIESQILASLQ
;
_entity_poly.pdbx_strand_id   A
#
# COMPACT_ATOMS: atom_id res chain seq x y z
N ARG A 1 21.34 5.50 10.56
CA ARG A 1 21.33 4.02 10.52
C ARG A 1 19.92 3.46 10.68
N ALA A 2 19.19 3.39 9.57
CA ALA A 2 17.83 2.88 9.59
C ALA A 2 17.75 1.50 8.94
N ILE A 3 16.59 0.86 9.06
CA ILE A 3 16.40 -0.47 8.48
C ILE A 3 15.11 -0.52 7.66
N PRO A 4 15.18 -1.06 6.42
CA PRO A 4 14.00 -1.16 5.55
C PRO A 4 12.90 -2.02 6.16
N ILE A 5 11.69 -1.48 6.16
CA ILE A 5 10.53 -2.20 6.70
C ILE A 5 9.77 -2.92 5.60
N LYS A 6 9.98 -2.50 4.35
CA LYS A 6 9.34 -3.12 3.20
C LYS A 6 9.71 -2.36 1.95
N GLN A 7 10.49 -2.96 1.08
CA GLN A 7 10.89 -2.31 -0.15
C GLN A 7 10.67 -3.23 -1.34
N SER A 8 9.71 -2.87 -2.17
CA SER A 8 9.39 -3.67 -3.36
C SER A 8 8.52 -2.90 -4.33
N PHE A 9 8.10 -3.58 -5.39
CA PHE A 9 7.26 -2.96 -6.41
C PHE A 9 5.80 -2.90 -5.95
N LEU A 10 5.09 -1.87 -6.41
CA LEU A 10 3.69 -1.69 -6.06
C LEU A 10 2.91 -1.11 -7.23
N LEU A 11 1.63 -1.46 -7.31
CA LEU A 11 0.78 -0.96 -8.38
C LEU A 11 0.14 0.37 -7.97
N LYS A 12 0.12 1.33 -8.89
CA LYS A 12 -0.46 2.64 -8.60
C LYS A 12 -1.46 3.05 -9.67
N ARG A 13 -2.69 3.33 -9.25
CA ARG A 13 -3.76 3.74 -10.15
C ARG A 13 -3.31 4.87 -11.06
N SER A 14 -3.85 4.90 -12.28
CA SER A 14 -3.50 5.93 -13.25
C SER A 14 -4.60 6.07 -14.30
N GLY A 15 -5.74 6.63 -13.88
CA GLY A 15 -6.84 6.81 -14.80
C GLY A 15 -8.07 7.38 -14.11
N ASN A 16 -8.95 6.49 -13.65
CA ASN A 16 -10.17 6.91 -12.95
C ASN A 16 -10.78 5.75 -12.18
N SER A 17 -11.87 6.03 -11.47
CA SER A 17 -12.55 5.02 -10.68
C SER A 17 -13.26 4.02 -11.58
N LEU A 18 -14.00 4.53 -12.56
CA LEU A 18 -14.74 3.67 -13.50
C LEU A 18 -13.78 2.83 -14.33
N ASN A 19 -12.61 3.40 -14.63
CA ASN A 19 -11.61 2.69 -15.42
C ASN A 19 -10.26 2.70 -14.71
N LYS A 20 -10.07 1.76 -13.79
CA LYS A 20 -8.82 1.66 -13.04
C LYS A 20 -7.68 1.21 -13.94
N GLU A 21 -6.46 1.55 -13.55
CA GLU A 21 -5.26 1.18 -14.29
C GLU A 21 -4.03 1.43 -13.44
N TRP A 22 -3.52 0.37 -12.85
CA TRP A 22 -2.34 0.45 -12.00
C TRP A 22 -1.07 0.15 -12.77
N LYS A 23 -0.04 0.96 -12.52
CA LYS A 23 1.25 0.78 -13.18
C LYS A 23 2.30 0.28 -12.18
N LYS A 24 3.36 -0.32 -12.70
CA LYS A 24 4.42 -0.85 -11.85
C LYS A 24 5.22 0.27 -11.21
N LYS A 25 5.23 0.29 -9.88
CA LYS A 25 5.96 1.30 -9.13
C LYS A 25 6.97 0.65 -8.20
N TYR A 26 7.63 1.46 -7.38
CA TYR A 26 8.62 0.97 -6.44
C TYR A 26 8.52 1.73 -5.12
N VAL A 27 8.14 1.04 -4.06
CA VAL A 27 7.99 1.68 -2.75
C VAL A 27 8.98 1.12 -1.75
N THR A 28 9.41 1.97 -0.82
CA THR A 28 10.32 1.53 0.22
C THR A 28 9.93 2.13 1.57
N LEU A 29 9.48 1.26 2.45
CA LEU A 29 9.11 1.65 3.80
C LEU A 29 10.33 1.51 4.68
N SER A 30 10.82 2.62 5.20
CA SER A 30 12.02 2.61 6.04
C SER A 30 11.66 2.75 7.51
N SER A 31 12.60 2.39 8.37
CA SER A 31 12.40 2.48 9.81
C SER A 31 12.52 3.92 10.29
N ASN A 32 12.73 4.86 9.36
CA ASN A 32 12.87 6.27 9.71
C ASN A 32 11.52 6.99 9.61
N GLY A 33 10.45 6.24 9.79
CA GLY A 33 9.13 6.83 9.72
C GLY A 33 8.92 7.58 8.41
N PHE A 34 9.36 6.97 7.32
CA PHE A 34 9.24 7.59 6.02
C PHE A 34 8.84 6.58 4.96
N LEU A 35 7.85 6.94 4.15
CA LEU A 35 7.37 6.08 3.08
C LEU A 35 7.70 6.71 1.73
N LEU A 36 8.53 6.03 0.94
CA LEU A 36 8.93 6.56 -0.36
C LEU A 36 8.45 5.67 -1.50
N TYR A 37 8.13 6.28 -2.63
CA TYR A 37 7.67 5.54 -3.80
C TYR A 37 8.10 6.25 -5.09
N HIS A 38 8.72 5.48 -5.99
CA HIS A 38 9.19 6.00 -7.26
C HIS A 38 8.48 5.32 -8.43
N PRO A 39 8.52 5.93 -9.63
CA PRO A 39 7.89 5.38 -10.83
C PRO A 39 8.25 3.91 -11.05
N SER A 40 9.50 3.55 -10.77
CA SER A 40 9.96 2.18 -10.95
C SER A 40 11.28 1.95 -10.23
N ILE A 41 11.91 0.80 -10.52
CA ILE A 41 13.18 0.45 -9.90
C ILE A 41 14.30 1.40 -10.37
N ASN A 42 14.34 1.65 -11.68
CA ASN A 42 15.35 2.55 -12.23
C ASN A 42 15.34 3.87 -11.47
N ASP A 43 14.20 4.21 -10.89
CA ASP A 43 14.07 5.44 -10.12
C ASP A 43 14.72 5.28 -8.75
N TYR A 44 14.53 4.12 -8.12
CA TYR A 44 15.10 3.85 -6.81
C TYR A 44 16.63 3.70 -6.92
N ILE A 45 17.04 2.85 -7.85
CA ILE A 45 18.45 2.59 -8.09
C ILE A 45 19.20 3.87 -8.45
N HIS A 46 18.79 4.46 -9.55
CA HIS A 46 19.38 5.67 -10.07
C HIS A 46 19.00 6.90 -9.24
N SER A 47 17.86 6.83 -8.55
CA SER A 47 17.39 7.94 -7.72
C SER A 47 16.81 9.06 -8.56
N THR A 48 15.67 8.80 -9.18
CA THR A 48 14.99 9.79 -10.01
C THR A 48 13.48 9.68 -9.82
N HIS A 49 12.88 10.73 -9.30
CA HIS A 49 11.45 10.74 -9.05
C HIS A 49 11.11 9.76 -7.93
N GLY A 50 11.15 10.25 -6.70
CA GLY A 50 10.86 9.42 -5.55
C GLY A 50 10.14 10.18 -4.48
N LYS A 51 8.82 10.15 -4.53
CA LYS A 51 7.99 10.86 -3.56
C LYS A 51 8.09 10.22 -2.19
N GLU A 52 8.04 11.07 -1.15
CA GLU A 52 8.12 10.60 0.23
C GLU A 52 7.00 11.18 1.06
N MET A 53 6.41 10.34 1.90
CA MET A 53 5.31 10.76 2.74
C MET A 53 5.64 10.54 4.22
N ASP A 54 5.62 11.62 4.99
CA ASP A 54 5.94 11.55 6.42
C ASP A 54 5.00 10.57 7.13
N LEU A 55 5.58 9.71 7.96
CA LEU A 55 4.80 8.73 8.69
C LEU A 55 4.50 9.19 10.12
N LEU A 56 4.47 10.50 10.31
CA LEU A 56 4.20 11.07 11.63
C LEU A 56 2.69 11.12 11.90
N ARG A 57 1.95 11.61 10.92
CA ARG A 57 0.50 11.73 11.05
C ARG A 57 -0.20 11.24 9.78
N THR A 58 0.07 9.99 9.41
CA THR A 58 -0.53 9.40 8.23
C THR A 58 -1.53 8.31 8.60
N THR A 59 -2.38 7.97 7.65
CA THR A 59 -3.38 6.93 7.87
C THR A 59 -3.32 5.90 6.75
N VAL A 60 -3.70 4.66 7.06
CA VAL A 60 -3.67 3.59 6.09
C VAL A 60 -5.00 2.84 6.07
N LYS A 61 -5.61 2.75 4.88
CA LYS A 61 -6.88 2.05 4.74
C LYS A 61 -7.09 1.57 3.31
N VAL A 62 -7.98 0.59 3.15
CA VAL A 62 -8.29 0.03 1.84
C VAL A 62 -9.24 0.94 1.07
N PRO A 63 -9.26 0.83 -0.27
CA PRO A 63 -10.12 1.64 -1.12
C PRO A 63 -11.60 1.34 -0.92
N GLY A 64 -12.13 1.72 0.24
CA GLY A 64 -13.53 1.49 0.55
C GLY A 64 -13.92 0.03 0.40
N LYS A 65 -13.29 -0.83 1.19
CA LYS A 65 -13.58 -2.26 1.15
C LYS A 65 -13.67 -2.84 2.55
N ARG A 66 -14.41 -3.93 2.70
CA ARG A 66 -14.58 -4.59 3.98
C ARG A 66 -13.22 -5.01 4.55
N PRO A 67 -13.14 -5.22 5.88
CA PRO A 67 -11.90 -5.65 6.54
C PRO A 67 -11.29 -6.89 5.89
N PRO A 68 -10.07 -6.78 5.35
CA PRO A 68 -9.39 -7.91 4.70
C PRO A 68 -8.93 -8.95 5.71
N ARG A 69 -9.73 -10.00 5.89
CA ARG A 69 -9.41 -11.08 6.81
C ARG A 69 -9.81 -12.43 6.24
N ALA A 70 -9.04 -12.92 5.28
CA ALA A 70 -9.32 -14.21 4.66
C ALA A 70 -9.08 -15.35 5.62
N ILE A 71 -8.03 -15.23 6.43
CA ILE A 71 -7.70 -16.27 7.40
C ILE A 71 -8.82 -16.46 8.42
N SER A 72 -9.49 -15.36 8.76
CA SER A 72 -10.58 -15.41 9.71
C SER A 72 -10.10 -15.86 11.09
N ALA A 73 -10.37 -15.05 12.10
CA ALA A 73 -9.96 -15.37 13.47
C ALA A 73 -11.05 -16.10 14.23
N PHE A 74 -12.01 -16.64 13.49
CA PHE A 74 -13.11 -17.38 14.09
C PHE A 74 -13.93 -16.48 15.01
N GLY A 75 -15.21 -16.83 15.19
CA GLY A 75 -16.07 -16.05 16.06
C GLY A 75 -17.16 -15.33 15.27
N PRO A 76 -18.39 -15.24 15.84
CA PRO A 76 -19.51 -14.58 15.17
C PRO A 76 -19.17 -13.15 14.75
N SER A 77 -18.96 -12.94 13.46
CA SER A 77 -18.63 -11.62 12.94
C SER A 77 -19.89 -10.79 12.73
N ALA A 78 -19.70 -9.56 12.26
CA ALA A 78 -20.83 -8.66 12.02
C ALA A 78 -21.59 -9.05 10.76
N SER A 79 -20.85 -9.58 9.77
CA SER A 79 -21.46 -9.99 8.51
C SER A 79 -20.47 -10.81 7.68
N GLY A 80 -20.40 -12.11 7.97
CA GLY A 80 -19.49 -12.97 7.23
C GLY A 80 -19.95 -13.22 5.81
N SER A 81 -19.94 -12.18 4.99
CA SER A 81 -20.35 -12.29 3.60
C SER A 81 -19.29 -12.99 2.76
N ALA A 82 -19.58 -13.20 1.48
CA ALA A 82 -18.65 -13.85 0.58
C ALA A 82 -18.32 -15.26 1.06
N GLY A 83 -18.95 -16.26 0.44
CA GLY A 83 -18.71 -17.63 0.81
C GLY A 83 -18.25 -18.48 -0.35
N GLN A 84 -18.86 -18.28 -1.52
CA GLN A 84 -18.49 -19.02 -2.71
C GLN A 84 -17.50 -18.24 -3.57
N ALA A 85 -17.65 -16.92 -3.57
CA ALA A 85 -16.77 -16.06 -4.35
C ALA A 85 -16.09 -15.03 -3.45
N GLU A 86 -14.98 -14.46 -3.94
CA GLU A 86 -14.24 -13.47 -3.19
C GLU A 86 -13.36 -12.62 -4.11
N GLU A 87 -13.47 -11.31 -3.98
CA GLU A 87 -12.68 -10.39 -4.81
C GLU A 87 -11.19 -10.61 -4.58
N GLU A 88 -10.80 -10.74 -3.32
CA GLU A 88 -9.40 -10.95 -2.96
C GLU A 88 -8.53 -9.81 -3.49
N ASN A 89 -9.10 -8.61 -3.52
CA ASN A 89 -8.38 -7.43 -4.00
C ASN A 89 -7.61 -6.77 -2.87
N PHE A 90 -6.29 -6.98 -2.86
CA PHE A 90 -5.44 -6.40 -1.83
C PHE A 90 -4.83 -5.07 -2.27
N GLU A 91 -5.39 -3.98 -1.74
CA GLU A 91 -4.92 -2.65 -2.07
C GLU A 91 -5.09 -1.71 -0.87
N PHE A 92 -4.03 -1.00 -0.52
CA PHE A 92 -4.07 -0.09 0.63
C PHE A 92 -3.71 1.34 0.22
N LEU A 93 -4.23 2.30 0.98
CA LEU A 93 -3.97 3.72 0.71
C LEU A 93 -3.21 4.38 1.85
N ILE A 94 -2.33 5.31 1.50
CA ILE A 94 -1.54 6.05 2.48
C ILE A 94 -1.94 7.52 2.48
N VAL A 95 -2.62 7.97 3.52
CA VAL A 95 -3.06 9.36 3.59
C VAL A 95 -2.10 10.22 4.41
N SER A 96 -1.69 11.34 3.83
CA SER A 96 -0.79 12.28 4.49
C SER A 96 -1.59 13.34 5.22
N SER A 97 -0.89 14.33 5.77
CA SER A 97 -1.55 15.41 6.50
C SER A 97 -2.08 16.48 5.56
N THR A 98 -1.55 16.51 4.33
CA THR A 98 -1.99 17.50 3.35
C THR A 98 -2.99 16.90 2.37
N GLY A 99 -3.67 15.84 2.80
CA GLY A 99 -4.66 15.20 1.95
C GLY A 99 -4.05 14.22 0.95
N GLN A 100 -2.75 14.37 0.66
CA GLN A 100 -2.07 13.49 -0.28
C GLN A 100 -2.31 12.03 0.08
N THR A 101 -2.91 11.29 -0.85
CA THR A 101 -3.19 9.88 -0.60
C THR A 101 -2.51 8.97 -1.62
N TRP A 102 -1.58 8.16 -1.14
CA TRP A 102 -0.86 7.22 -1.98
C TRP A 102 -1.59 5.89 -2.04
N HIS A 103 -2.25 5.61 -3.15
CA HIS A 103 -2.97 4.34 -3.28
C HIS A 103 -2.12 3.31 -4.02
N PHE A 104 -1.76 2.23 -3.33
CA PHE A 104 -0.96 1.19 -3.94
C PHE A 104 -1.65 -0.16 -3.87
N GLU A 105 -1.24 -1.06 -4.77
CA GLU A 105 -1.78 -2.41 -4.81
C GLU A 105 -0.65 -3.43 -4.69
N ALA A 106 -0.50 -3.99 -3.49
CA ALA A 106 0.55 -4.95 -3.23
C ALA A 106 0.50 -6.12 -4.21
N ALA A 107 1.67 -6.45 -4.77
CA ALA A 107 1.77 -7.55 -5.73
C ALA A 107 1.55 -8.89 -5.02
N SER A 108 1.97 -8.95 -3.76
CA SER A 108 1.83 -10.15 -2.96
C SER A 108 0.80 -9.95 -1.84
N PHE A 109 0.05 -11.00 -1.53
CA PHE A 109 -0.96 -10.92 -0.48
C PHE A 109 -0.34 -10.69 0.89
N GLU A 110 0.80 -11.33 1.13
CA GLU A 110 1.50 -11.18 2.41
C GLU A 110 2.18 -9.83 2.50
N GLU A 111 2.69 -9.35 1.36
CA GLU A 111 3.38 -8.07 1.30
C GLU A 111 2.45 -6.92 1.67
N ARG A 112 1.21 -6.97 1.21
CA ARG A 112 0.24 -5.93 1.50
C ARG A 112 0.07 -5.74 3.00
N ASP A 113 0.15 -6.84 3.74
CA ASP A 113 0.02 -6.79 5.19
C ASP A 113 1.25 -6.17 5.83
N ALA A 114 2.43 -6.64 5.42
CA ALA A 114 3.67 -6.10 5.94
C ALA A 114 3.73 -4.60 5.74
N TRP A 115 3.40 -4.17 4.54
CA TRP A 115 3.39 -2.75 4.21
C TRP A 115 2.42 -1.99 5.11
N VAL A 116 1.16 -2.43 5.12
CA VAL A 116 0.16 -1.77 5.95
C VAL A 116 0.62 -1.74 7.41
N GLN A 117 1.34 -2.78 7.83
CA GLN A 117 1.84 -2.85 9.19
C GLN A 117 3.11 -2.00 9.32
N ALA A 118 3.84 -1.88 8.24
CA ALA A 118 5.07 -1.09 8.22
C ALA A 118 4.74 0.39 8.35
N ILE A 119 3.74 0.82 7.59
CA ILE A 119 3.31 2.21 7.61
C ILE A 119 2.72 2.55 8.97
N GLU A 120 1.81 1.71 9.45
CA GLU A 120 1.19 1.93 10.75
C GLU A 120 2.23 1.80 11.86
N SER A 121 3.20 0.92 11.64
CA SER A 121 4.27 0.71 12.61
C SER A 121 5.14 1.96 12.72
N GLN A 122 5.50 2.52 11.58
CA GLN A 122 6.32 3.72 11.55
C GLN A 122 5.59 4.88 12.23
N ILE A 123 4.27 4.88 12.08
CA ILE A 123 3.45 5.92 12.69
C ILE A 123 3.33 5.71 14.19
N LEU A 124 3.28 4.44 14.60
CA LEU A 124 3.18 4.09 16.01
C LEU A 124 4.46 4.46 16.74
N ALA A 125 5.59 4.32 16.06
CA ALA A 125 6.89 4.63 16.64
C ALA A 125 7.11 6.13 16.73
N SER A 126 6.62 6.85 15.71
CA SER A 126 6.77 8.30 15.66
C SER A 126 5.78 8.97 16.61
N LEU A 127 4.64 8.33 16.83
CA LEU A 127 3.62 8.86 17.73
C LEU A 127 4.08 8.79 19.18
N GLN A 128 4.60 7.64 19.57
CA GLN A 128 5.08 7.44 20.94
C GLN A 128 6.29 8.34 21.23
N ARG A 1 21.01 4.32 12.97
CA ARG A 1 20.77 3.89 11.57
C ARG A 1 19.37 3.31 11.41
N ALA A 2 18.82 3.44 10.19
CA ALA A 2 17.49 2.93 9.90
C ALA A 2 17.56 1.60 9.17
N ILE A 3 16.44 0.87 9.18
CA ILE A 3 16.37 -0.42 8.51
C ILE A 3 15.09 -0.52 7.67
N PRO A 4 15.21 -0.97 6.42
CA PRO A 4 14.06 -1.11 5.52
C PRO A 4 12.94 -1.95 6.13
N ILE A 5 11.75 -1.40 6.14
CA ILE A 5 10.58 -2.10 6.69
C ILE A 5 9.81 -2.85 5.61
N LYS A 6 10.06 -2.49 4.35
CA LYS A 6 9.41 -3.13 3.21
C LYS A 6 9.76 -2.41 1.92
N GLN A 7 10.53 -3.04 1.07
CA GLN A 7 10.90 -2.45 -0.20
C GLN A 7 10.52 -3.37 -1.34
N SER A 8 9.56 -2.96 -2.16
CA SER A 8 9.12 -3.78 -3.27
C SER A 8 8.39 -2.96 -4.32
N PHE A 9 7.89 -3.64 -5.35
CA PHE A 9 7.17 -2.98 -6.43
C PHE A 9 5.68 -2.99 -6.17
N LEU A 10 5.09 -1.80 -6.15
CA LEU A 10 3.65 -1.67 -5.92
C LEU A 10 2.93 -1.12 -7.14
N LEU A 11 1.66 -1.43 -7.27
CA LEU A 11 0.86 -0.95 -8.39
C LEU A 11 0.19 0.37 -8.04
N LYS A 12 0.08 1.26 -9.01
CA LYS A 12 -0.54 2.57 -8.79
C LYS A 12 -1.48 2.94 -9.94
N ARG A 13 -2.77 2.97 -9.65
CA ARG A 13 -3.78 3.31 -10.65
C ARG A 13 -3.48 4.67 -11.29
N SER A 14 -3.84 4.81 -12.56
CA SER A 14 -3.62 6.05 -13.29
C SER A 14 -4.81 6.99 -13.15
N GLY A 15 -6.01 6.46 -13.39
CA GLY A 15 -7.21 7.26 -13.29
C GLY A 15 -8.47 6.44 -13.46
N ASN A 16 -9.61 7.05 -13.19
CA ASN A 16 -10.91 6.37 -13.31
C ASN A 16 -11.01 5.22 -12.33
N SER A 17 -12.16 5.11 -11.67
CA SER A 17 -12.38 4.05 -10.70
C SER A 17 -12.78 2.75 -11.40
N LEU A 18 -13.85 2.81 -12.18
CA LEU A 18 -14.33 1.63 -12.90
C LEU A 18 -13.31 1.18 -13.94
N ASN A 19 -12.61 2.13 -14.53
CA ASN A 19 -11.60 1.84 -15.54
C ASN A 19 -10.19 2.06 -14.97
N LYS A 20 -9.96 1.52 -13.78
CA LYS A 20 -8.66 1.66 -13.13
C LYS A 20 -7.54 1.11 -14.00
N GLU A 21 -6.32 1.57 -13.73
CA GLU A 21 -5.15 1.15 -14.48
C GLU A 21 -3.89 1.39 -13.65
N TRP A 22 -3.45 0.35 -12.96
CA TRP A 22 -2.28 0.43 -12.11
C TRP A 22 -1.01 0.11 -12.87
N LYS A 23 0.03 0.89 -12.63
CA LYS A 23 1.32 0.69 -13.28
C LYS A 23 2.36 0.21 -12.27
N LYS A 24 3.45 -0.34 -12.78
CA LYS A 24 4.52 -0.85 -11.92
C LYS A 24 5.23 0.29 -11.21
N LYS A 25 5.27 0.25 -9.88
CA LYS A 25 5.92 1.27 -9.09
C LYS A 25 6.91 0.64 -8.12
N TYR A 26 7.68 1.48 -7.43
CA TYR A 26 8.67 0.99 -6.47
C TYR A 26 8.55 1.75 -5.14
N VAL A 27 8.18 1.04 -4.09
CA VAL A 27 8.03 1.65 -2.78
C VAL A 27 9.03 1.10 -1.79
N THR A 28 9.45 1.94 -0.85
CA THR A 28 10.38 1.52 0.18
C THR A 28 9.98 2.10 1.54
N LEU A 29 9.54 1.23 2.42
CA LEU A 29 9.18 1.61 3.76
C LEU A 29 10.42 1.47 4.63
N SER A 30 10.87 2.58 5.18
CA SER A 30 12.07 2.57 6.02
C SER A 30 11.73 2.78 7.48
N SER A 31 12.65 2.42 8.35
CA SER A 31 12.43 2.59 9.79
C SER A 31 12.63 4.06 10.21
N ASN A 32 12.90 4.92 9.23
CA ASN A 32 13.10 6.34 9.50
C ASN A 32 11.79 7.11 9.39
N GLY A 33 10.68 6.42 9.63
CA GLY A 33 9.38 7.05 9.55
C GLY A 33 9.18 7.77 8.23
N PHE A 34 9.64 7.15 7.14
CA PHE A 34 9.50 7.75 5.82
C PHE A 34 9.12 6.71 4.78
N LEU A 35 8.03 6.98 4.07
CA LEU A 35 7.55 6.10 3.02
C LEU A 35 7.87 6.71 1.65
N LEU A 36 8.69 6.03 0.87
CA LEU A 36 9.07 6.53 -0.45
C LEU A 36 8.52 5.66 -1.56
N TYR A 37 8.19 6.30 -2.68
CA TYR A 37 7.66 5.57 -3.84
C TYR A 37 8.05 6.27 -5.13
N HIS A 38 8.67 5.50 -6.03
CA HIS A 38 9.13 6.02 -7.31
C HIS A 38 8.43 5.31 -8.46
N PRO A 39 8.46 5.89 -9.67
CA PRO A 39 7.83 5.30 -10.86
C PRO A 39 8.21 3.84 -11.07
N SER A 40 9.48 3.52 -10.80
CA SER A 40 9.98 2.15 -10.98
C SER A 40 11.30 1.95 -10.26
N ILE A 41 11.94 0.81 -10.52
CA ILE A 41 13.24 0.50 -9.90
C ILE A 41 14.32 1.45 -10.39
N ASN A 42 14.36 1.69 -11.70
CA ASN A 42 15.35 2.60 -12.28
C ASN A 42 15.32 3.93 -11.53
N ASP A 43 14.19 4.25 -10.95
CA ASP A 43 14.03 5.49 -10.19
C ASP A 43 14.69 5.38 -8.83
N TYR A 44 14.51 4.23 -8.18
CA TYR A 44 15.09 3.99 -6.87
C TYR A 44 16.61 3.86 -6.99
N ILE A 45 17.04 3.01 -7.90
CA ILE A 45 18.46 2.77 -8.14
C ILE A 45 19.17 4.07 -8.53
N HIS A 46 18.75 4.61 -9.65
CA HIS A 46 19.33 5.83 -10.20
C HIS A 46 18.94 7.08 -9.41
N SER A 47 17.80 7.00 -8.72
CA SER A 47 17.32 8.13 -7.91
C SER A 47 16.69 9.20 -8.79
N THR A 48 15.50 8.92 -9.30
CA THR A 48 14.78 9.86 -10.14
C THR A 48 13.28 9.74 -9.90
N HIS A 49 12.67 10.82 -9.43
CA HIS A 49 11.24 10.81 -9.14
C HIS A 49 10.95 9.82 -8.02
N GLY A 50 11.03 10.31 -6.78
CA GLY A 50 10.78 9.47 -5.63
C GLY A 50 10.07 10.23 -4.54
N LYS A 51 8.75 10.19 -4.57
CA LYS A 51 7.94 10.89 -3.58
C LYS A 51 8.07 10.25 -2.21
N GLU A 52 8.05 11.09 -1.17
CA GLU A 52 8.16 10.62 0.20
C GLU A 52 7.03 11.18 1.05
N MET A 53 6.41 10.30 1.83
CA MET A 53 5.30 10.69 2.68
C MET A 53 5.66 10.48 4.16
N ASP A 54 5.59 11.55 4.94
CA ASP A 54 5.90 11.49 6.36
C ASP A 54 5.04 10.43 7.06
N LEU A 55 5.68 9.59 7.86
CA LEU A 55 4.99 8.52 8.56
C LEU A 55 4.64 8.95 10.00
N LEU A 56 4.53 10.26 10.22
CA LEU A 56 4.21 10.78 11.54
C LEU A 56 2.70 10.77 11.78
N ARG A 57 1.97 11.52 10.96
CA ARG A 57 0.51 11.59 11.09
C ARG A 57 -0.18 11.04 9.85
N THR A 58 0.31 9.91 9.35
CA THR A 58 -0.28 9.29 8.17
C THR A 58 -1.30 8.22 8.56
N THR A 59 -2.15 7.86 7.62
CA THR A 59 -3.17 6.85 7.86
C THR A 59 -3.18 5.81 6.74
N VAL A 60 -3.68 4.63 7.04
CA VAL A 60 -3.75 3.56 6.05
C VAL A 60 -5.20 3.21 5.73
N LYS A 61 -5.60 3.46 4.49
CA LYS A 61 -6.97 3.19 4.06
C LYS A 61 -7.07 1.87 3.30
N VAL A 62 -8.27 1.34 3.21
CA VAL A 62 -8.52 0.08 2.50
C VAL A 62 -9.86 0.11 1.78
N PRO A 63 -9.90 -0.37 0.52
CA PRO A 63 -11.14 -0.38 -0.28
C PRO A 63 -12.12 -1.44 0.20
N GLY A 64 -12.56 -1.30 1.45
CA GLY A 64 -13.52 -2.25 2.01
C GLY A 64 -12.84 -3.48 2.57
N LYS A 65 -12.81 -3.59 3.89
CA LYS A 65 -12.20 -4.74 4.55
C LYS A 65 -12.75 -6.05 4.00
N ARG A 66 -12.16 -7.17 4.43
CA ARG A 66 -12.60 -8.48 3.96
C ARG A 66 -12.39 -8.61 2.46
N PRO A 67 -12.60 -9.81 1.90
CA PRO A 67 -12.43 -10.06 0.46
C PRO A 67 -13.22 -9.05 -0.39
N PRO A 68 -12.53 -8.25 -1.21
CA PRO A 68 -13.16 -7.25 -2.07
C PRO A 68 -13.62 -7.83 -3.40
N ARG A 69 -14.35 -7.03 -4.16
CA ARG A 69 -14.84 -7.46 -5.47
C ARG A 69 -14.68 -6.36 -6.50
N ALA A 70 -14.35 -6.76 -7.74
CA ALA A 70 -14.16 -5.80 -8.82
C ALA A 70 -15.48 -5.16 -9.22
N ILE A 71 -16.57 -5.92 -9.11
CA ILE A 71 -17.88 -5.41 -9.46
C ILE A 71 -18.45 -4.51 -8.36
N SER A 72 -18.05 -4.80 -7.13
CA SER A 72 -18.52 -4.03 -5.98
C SER A 72 -17.43 -3.92 -4.92
N ALA A 73 -16.96 -2.70 -4.68
CA ALA A 73 -15.91 -2.46 -3.69
C ALA A 73 -16.50 -2.11 -2.33
N PHE A 74 -17.77 -2.43 -2.15
CA PHE A 74 -18.47 -2.16 -0.90
C PHE A 74 -19.62 -3.13 -0.68
N GLY A 75 -19.37 -4.20 0.06
CA GLY A 75 -20.39 -5.19 0.31
C GLY A 75 -19.85 -6.42 1.03
N PRO A 76 -20.69 -7.10 1.83
CA PRO A 76 -20.28 -8.30 2.57
C PRO A 76 -19.63 -9.34 1.67
N SER A 77 -18.95 -10.31 2.27
CA SER A 77 -18.29 -11.36 1.52
C SER A 77 -18.50 -12.72 2.19
N ALA A 78 -19.66 -13.33 1.93
CA ALA A 78 -19.98 -14.63 2.50
C ALA A 78 -19.53 -15.76 1.60
N SER A 79 -19.69 -15.57 0.29
CA SER A 79 -19.30 -16.58 -0.69
C SER A 79 -20.09 -17.86 -0.50
N GLY A 80 -20.43 -18.51 -1.62
CA GLY A 80 -21.19 -19.75 -1.55
C GLY A 80 -21.68 -20.19 -2.91
N SER A 81 -21.15 -21.30 -3.40
CA SER A 81 -21.54 -21.83 -4.70
C SER A 81 -21.27 -20.82 -5.81
N ALA A 82 -20.13 -20.97 -6.48
CA ALA A 82 -19.75 -20.08 -7.56
C ALA A 82 -18.69 -20.71 -8.45
N GLY A 83 -18.54 -20.16 -9.66
CA GLY A 83 -17.56 -20.70 -10.59
C GLY A 83 -16.39 -19.74 -10.81
N GLN A 84 -16.70 -18.45 -10.87
CA GLN A 84 -15.67 -17.44 -11.07
C GLN A 84 -15.88 -16.25 -10.13
N ALA A 85 -15.45 -16.41 -8.88
CA ALA A 85 -15.60 -15.35 -7.89
C ALA A 85 -14.35 -15.26 -7.00
N GLU A 86 -14.41 -14.37 -6.02
CA GLU A 86 -13.29 -14.18 -5.10
C GLU A 86 -12.02 -13.76 -5.85
N GLU A 87 -12.08 -12.61 -6.51
CA GLU A 87 -10.93 -12.11 -7.26
C GLU A 87 -9.74 -11.88 -6.34
N GLU A 88 -10.02 -11.54 -5.09
CA GLU A 88 -8.98 -11.29 -4.11
C GLU A 88 -8.07 -10.16 -4.54
N ASN A 89 -8.55 -8.93 -4.38
CA ASN A 89 -7.78 -7.74 -4.75
C ASN A 89 -7.27 -7.03 -3.50
N PHE A 90 -5.98 -7.15 -3.24
CA PHE A 90 -5.37 -6.52 -2.07
C PHE A 90 -4.77 -5.16 -2.41
N GLU A 91 -5.47 -4.10 -2.01
CA GLU A 91 -5.02 -2.74 -2.28
C GLU A 91 -5.13 -1.87 -1.01
N PHE A 92 -4.05 -1.18 -0.67
CA PHE A 92 -4.04 -0.32 0.53
C PHE A 92 -3.66 1.11 0.16
N LEU A 93 -4.12 2.07 0.96
CA LEU A 93 -3.83 3.48 0.71
C LEU A 93 -3.00 4.10 1.83
N ILE A 94 -2.35 5.21 1.51
CA ILE A 94 -1.51 5.93 2.48
C ILE A 94 -1.86 7.41 2.49
N VAL A 95 -2.51 7.87 3.55
CA VAL A 95 -2.90 9.27 3.65
C VAL A 95 -1.96 10.07 4.56
N SER A 96 -1.54 11.23 4.08
CA SER A 96 -0.65 12.09 4.85
C SER A 96 -1.43 13.19 5.55
N SER A 97 -0.73 14.12 6.18
CA SER A 97 -1.37 15.22 6.89
C SER A 97 -1.68 16.38 5.95
N THR A 98 -1.27 16.26 4.68
CA THR A 98 -1.52 17.30 3.70
C THR A 98 -2.54 16.85 2.67
N GLY A 99 -3.32 15.86 3.03
CA GLY A 99 -4.34 15.34 2.12
C GLY A 99 -3.79 14.36 1.09
N GLN A 100 -2.48 14.40 0.86
CA GLN A 100 -1.86 13.49 -0.11
C GLN A 100 -2.17 12.04 0.22
N THR A 101 -2.70 11.31 -0.75
CA THR A 101 -3.05 9.92 -0.55
C THR A 101 -2.39 9.01 -1.59
N TRP A 102 -1.49 8.15 -1.14
CA TRP A 102 -0.80 7.22 -2.03
C TRP A 102 -1.53 5.89 -2.06
N HIS A 103 -2.23 5.62 -3.16
CA HIS A 103 -2.96 4.37 -3.28
C HIS A 103 -2.11 3.34 -4.02
N PHE A 104 -1.76 2.25 -3.33
CA PHE A 104 -0.94 1.21 -3.93
C PHE A 104 -1.64 -0.15 -3.88
N GLU A 105 -1.12 -1.08 -4.67
CA GLU A 105 -1.65 -2.43 -4.73
C GLU A 105 -0.52 -3.42 -4.52
N ALA A 106 -0.46 -4.00 -3.32
CA ALA A 106 0.58 -4.96 -2.98
C ALA A 106 0.64 -6.11 -3.98
N ALA A 107 1.81 -6.31 -4.57
CA ALA A 107 2.00 -7.38 -5.54
C ALA A 107 1.71 -8.74 -4.92
N SER A 108 1.93 -8.83 -3.61
CA SER A 108 1.68 -10.07 -2.88
C SER A 108 0.61 -9.86 -1.82
N PHE A 109 -0.14 -10.93 -1.51
CA PHE A 109 -1.20 -10.85 -0.51
C PHE A 109 -0.62 -10.60 0.88
N GLU A 110 0.49 -11.25 1.19
CA GLU A 110 1.13 -11.09 2.48
C GLU A 110 1.85 -9.74 2.55
N GLU A 111 2.35 -9.29 1.41
CA GLU A 111 3.06 -8.01 1.33
C GLU A 111 2.18 -6.86 1.77
N ARG A 112 0.91 -6.88 1.38
CA ARG A 112 -0.02 -5.82 1.74
C ARG A 112 -0.09 -5.66 3.26
N ASP A 113 0.03 -6.77 3.97
CA ASP A 113 -0.02 -6.75 5.43
C ASP A 113 1.28 -6.19 6.00
N ALA A 114 2.41 -6.61 5.44
CA ALA A 114 3.70 -6.13 5.90
C ALA A 114 3.80 -4.63 5.72
N TRP A 115 3.40 -4.15 4.55
CA TRP A 115 3.41 -2.74 4.25
C TRP A 115 2.45 -1.99 5.17
N VAL A 116 1.20 -2.46 5.24
CA VAL A 116 0.21 -1.81 6.10
C VAL A 116 0.70 -1.79 7.54
N GLN A 117 1.45 -2.82 7.92
CA GLN A 117 1.99 -2.90 9.26
C GLN A 117 3.27 -2.08 9.37
N ALA A 118 4.00 -1.97 8.26
CA ALA A 118 5.22 -1.20 8.22
C ALA A 118 4.91 0.29 8.38
N ILE A 119 3.93 0.74 7.63
CA ILE A 119 3.50 2.13 7.68
C ILE A 119 2.90 2.43 9.06
N GLU A 120 1.97 1.59 9.49
CA GLU A 120 1.35 1.75 10.79
C GLU A 120 2.39 1.64 11.89
N SER A 121 3.40 0.79 11.65
CA SER A 121 4.48 0.60 12.61
C SER A 121 5.25 1.89 12.81
N GLN A 122 5.65 2.51 11.71
CA GLN A 122 6.40 3.77 11.76
C GLN A 122 5.57 4.85 12.42
N ILE A 123 4.28 4.87 12.11
CA ILE A 123 3.37 5.86 12.68
C ILE A 123 3.20 5.64 14.18
N LEU A 124 3.09 4.38 14.58
CA LEU A 124 2.94 4.03 15.98
C LEU A 124 4.14 4.51 16.79
N ALA A 125 5.32 4.43 16.18
CA ALA A 125 6.55 4.86 16.84
C ALA A 125 6.65 6.39 16.87
N SER A 126 6.04 7.03 15.87
CA SER A 126 6.08 8.49 15.78
C SER A 126 4.95 9.12 16.58
N LEU A 127 3.80 8.46 16.62
CA LEU A 127 2.65 8.96 17.36
C LEU A 127 2.93 8.99 18.87
N GLN A 128 3.74 8.04 19.33
CA GLN A 128 4.08 7.96 20.75
C GLN A 128 4.79 9.22 21.21
N ARG A 1 20.34 6.01 11.95
CA ARG A 1 20.36 4.60 11.48
C ARG A 1 18.94 4.06 11.30
N ALA A 2 18.59 3.72 10.06
CA ALA A 2 17.26 3.20 9.75
C ALA A 2 17.35 1.80 9.14
N ILE A 3 16.22 1.09 9.14
CA ILE A 3 16.15 -0.25 8.59
C ILE A 3 14.92 -0.42 7.71
N PRO A 4 15.07 -1.02 6.52
CA PRO A 4 13.95 -1.23 5.60
C PRO A 4 12.85 -2.09 6.22
N ILE A 5 11.64 -1.56 6.22
CA ILE A 5 10.49 -2.27 6.78
C ILE A 5 9.73 -3.04 5.69
N LYS A 6 9.94 -2.64 4.43
CA LYS A 6 9.31 -3.29 3.29
C LYS A 6 9.71 -2.56 2.02
N GLN A 7 10.50 -3.21 1.19
CA GLN A 7 10.93 -2.61 -0.06
C GLN A 7 10.64 -3.53 -1.23
N SER A 8 9.73 -3.11 -2.10
CA SER A 8 9.38 -3.91 -3.27
C SER A 8 8.53 -3.10 -4.24
N PHE A 9 8.09 -3.75 -5.32
CA PHE A 9 7.29 -3.10 -6.34
C PHE A 9 5.81 -3.10 -5.95
N LEU A 10 5.13 -2.01 -6.27
CA LEU A 10 3.71 -1.87 -5.96
C LEU A 10 2.95 -1.32 -7.16
N LEU A 11 1.66 -1.61 -7.23
CA LEU A 11 0.83 -1.12 -8.32
C LEU A 11 0.22 0.22 -7.95
N LYS A 12 0.25 1.18 -8.88
CA LYS A 12 -0.30 2.50 -8.63
C LYS A 12 -1.32 2.90 -9.69
N ARG A 13 -2.58 3.01 -9.28
CA ARG A 13 -3.66 3.38 -10.18
C ARG A 13 -3.38 4.74 -10.84
N SER A 14 -3.84 4.90 -12.07
CA SER A 14 -3.63 6.15 -12.80
C SER A 14 -4.33 6.09 -14.16
N GLY A 15 -5.50 6.72 -14.25
CA GLY A 15 -6.24 6.75 -15.50
C GLY A 15 -7.68 6.33 -15.33
N ASN A 16 -8.59 7.26 -15.58
CA ASN A 16 -10.02 6.98 -15.45
C ASN A 16 -10.38 6.62 -14.01
N SER A 17 -11.60 6.94 -13.61
CA SER A 17 -12.08 6.65 -12.26
C SER A 17 -12.66 5.25 -12.19
N LEU A 18 -13.65 4.97 -13.03
CA LEU A 18 -14.29 3.65 -13.06
C LEU A 18 -13.33 2.60 -13.61
N ASN A 19 -12.60 2.96 -14.65
CA ASN A 19 -11.65 2.05 -15.28
C ASN A 19 -10.25 2.25 -14.69
N LYS A 20 -10.00 1.60 -13.55
CA LYS A 20 -8.71 1.70 -12.88
C LYS A 20 -7.57 1.29 -13.81
N GLU A 21 -6.35 1.63 -13.43
CA GLU A 21 -5.16 1.30 -14.20
C GLU A 21 -3.91 1.48 -13.34
N TRP A 22 -3.43 0.38 -12.79
CA TRP A 22 -2.26 0.41 -11.93
C TRP A 22 -1.00 0.04 -12.70
N LYS A 23 0.07 0.80 -12.47
CA LYS A 23 1.35 0.56 -13.13
C LYS A 23 2.40 0.10 -12.13
N LYS A 24 3.42 -0.60 -12.62
CA LYS A 24 4.49 -1.10 -11.76
C LYS A 24 5.26 0.05 -11.12
N LYS A 25 5.25 0.10 -9.80
CA LYS A 25 5.95 1.13 -9.06
C LYS A 25 7.01 0.53 -8.14
N TYR A 26 7.69 1.39 -7.39
CA TYR A 26 8.73 0.94 -6.47
C TYR A 26 8.58 1.67 -5.14
N VAL A 27 8.27 0.91 -4.08
CA VAL A 27 8.09 1.50 -2.76
C VAL A 27 9.07 0.93 -1.74
N THR A 28 9.49 1.77 -0.81
CA THR A 28 10.39 1.33 0.23
C THR A 28 10.00 1.94 1.58
N LEU A 29 9.51 1.08 2.46
CA LEU A 29 9.13 1.49 3.79
C LEU A 29 10.34 1.36 4.69
N SER A 30 10.81 2.48 5.22
CA SER A 30 11.99 2.47 6.07
C SER A 30 11.61 2.69 7.53
N SER A 31 12.50 2.27 8.42
CA SER A 31 12.27 2.45 9.85
C SER A 31 12.48 3.90 10.27
N ASN A 32 12.78 4.77 9.31
CA ASN A 32 13.00 6.19 9.59
C ASN A 32 11.71 6.97 9.48
N GLY A 33 10.59 6.30 9.70
CA GLY A 33 9.30 6.96 9.61
C GLY A 33 9.12 7.68 8.30
N PHE A 34 9.56 7.04 7.22
CA PHE A 34 9.45 7.63 5.89
C PHE A 34 9.05 6.60 4.85
N LEU A 35 7.96 6.87 4.16
CA LEU A 35 7.48 5.99 3.11
C LEU A 35 7.83 6.57 1.74
N LEU A 36 8.65 5.86 0.98
CA LEU A 36 9.07 6.33 -0.33
C LEU A 36 8.53 5.46 -1.45
N TYR A 37 8.20 6.09 -2.57
CA TYR A 37 7.69 5.39 -3.74
C TYR A 37 8.06 6.14 -5.01
N HIS A 38 8.72 5.44 -5.93
CA HIS A 38 9.16 6.04 -7.19
C HIS A 38 8.41 5.43 -8.37
N PRO A 39 8.39 6.14 -9.52
CA PRO A 39 7.72 5.67 -10.73
C PRO A 39 8.08 4.24 -11.11
N SER A 40 9.30 3.82 -10.76
CA SER A 40 9.75 2.46 -11.08
C SER A 40 11.14 2.20 -10.51
N ILE A 41 11.73 1.07 -10.90
CA ILE A 41 13.05 0.69 -10.43
C ILE A 41 14.12 1.68 -10.92
N ASN A 42 14.03 2.06 -12.19
CA ASN A 42 14.98 3.02 -12.76
C ASN A 42 15.06 4.26 -11.88
N ASP A 43 13.97 4.54 -11.18
CA ASP A 43 13.92 5.69 -10.28
C ASP A 43 14.67 5.41 -8.99
N TYR A 44 14.53 4.18 -8.48
CA TYR A 44 15.20 3.78 -7.25
C TYR A 44 16.69 3.63 -7.49
N ILE A 45 17.03 2.86 -8.52
CA ILE A 45 18.41 2.61 -8.91
C ILE A 45 19.14 3.92 -9.19
N HIS A 46 18.64 4.63 -10.18
CA HIS A 46 19.22 5.89 -10.61
C HIS A 46 18.93 7.02 -9.61
N SER A 47 17.84 6.87 -8.86
CA SER A 47 17.48 7.87 -7.85
C SER A 47 16.88 9.13 -8.47
N THR A 48 15.66 9.00 -8.99
CA THR A 48 14.97 10.13 -9.59
C THR A 48 14.21 10.92 -8.52
N HIS A 49 13.16 11.62 -8.91
CA HIS A 49 12.36 12.40 -7.98
C HIS A 49 12.15 11.66 -6.65
N GLY A 50 11.60 10.46 -6.75
CA GLY A 50 11.36 9.65 -5.57
C GLY A 50 10.44 10.34 -4.58
N LYS A 51 9.17 9.95 -4.59
CA LYS A 51 8.18 10.52 -3.69
C LYS A 51 8.34 9.98 -2.28
N GLU A 52 8.12 10.85 -1.29
CA GLU A 52 8.24 10.46 0.12
C GLU A 52 7.11 11.06 0.94
N MET A 53 6.50 10.22 1.77
CA MET A 53 5.40 10.66 2.61
C MET A 53 5.75 10.49 4.09
N ASP A 54 5.70 11.58 4.84
CA ASP A 54 6.01 11.55 6.26
C ASP A 54 5.11 10.56 6.98
N LEU A 55 5.70 9.69 7.77
CA LEU A 55 4.94 8.68 8.51
C LEU A 55 4.62 9.14 9.93
N LEU A 56 4.51 10.46 10.11
CA LEU A 56 4.20 11.01 11.43
C LEU A 56 2.70 11.00 11.68
N ARG A 57 1.95 11.71 10.85
CA ARG A 57 0.50 11.78 10.98
C ARG A 57 -0.18 11.17 9.77
N THR A 58 0.23 9.96 9.40
CA THR A 58 -0.33 9.27 8.24
C THR A 58 -1.37 8.23 8.68
N THR A 59 -2.20 7.81 7.74
CA THR A 59 -3.22 6.82 8.02
C THR A 59 -3.26 5.76 6.93
N VAL A 60 -4.01 4.69 7.18
CA VAL A 60 -4.13 3.60 6.22
C VAL A 60 -5.60 3.24 6.00
N LYS A 61 -6.06 3.35 4.75
CA LYS A 61 -7.45 3.04 4.44
C LYS A 61 -7.55 2.10 3.25
N VAL A 62 -8.70 1.45 3.12
CA VAL A 62 -8.95 0.52 2.02
C VAL A 62 -10.43 0.54 1.62
N PRO A 63 -10.72 0.60 0.30
CA PRO A 63 -12.09 0.64 -0.20
C PRO A 63 -12.90 -0.58 0.26
N GLY A 64 -13.46 -0.50 1.46
CA GLY A 64 -14.25 -1.59 1.99
C GLY A 64 -13.42 -2.84 2.21
N LYS A 65 -13.00 -3.06 3.45
CA LYS A 65 -12.19 -4.23 3.78
C LYS A 65 -12.92 -5.51 3.40
N ARG A 66 -12.51 -6.09 2.27
CA ARG A 66 -13.12 -7.33 1.77
C ARG A 66 -12.64 -7.62 0.35
N PRO A 67 -13.05 -8.76 -0.22
CA PRO A 67 -12.66 -9.16 -1.58
C PRO A 67 -12.94 -8.04 -2.59
N PRO A 68 -11.97 -7.74 -3.47
CA PRO A 68 -12.13 -6.69 -4.50
C PRO A 68 -13.09 -7.11 -5.60
N ARG A 69 -13.91 -6.16 -6.06
CA ARG A 69 -14.88 -6.44 -7.11
C ARG A 69 -15.84 -7.55 -6.70
N ALA A 70 -16.18 -7.57 -5.42
CA ALA A 70 -17.10 -8.58 -4.89
C ALA A 70 -18.44 -8.53 -5.61
N ILE A 71 -19.04 -7.35 -5.67
CA ILE A 71 -20.33 -7.17 -6.32
C ILE A 71 -20.16 -6.82 -7.80
N SER A 72 -19.68 -5.61 -8.05
CA SER A 72 -19.46 -5.14 -9.42
C SER A 72 -20.74 -5.25 -10.25
N ALA A 73 -21.79 -4.59 -9.77
CA ALA A 73 -23.09 -4.62 -10.46
C ALA A 73 -23.22 -3.45 -11.44
N PHE A 74 -22.10 -2.83 -11.77
CA PHE A 74 -22.09 -1.70 -12.69
C PHE A 74 -21.48 -2.10 -14.03
N GLY A 75 -22.34 -2.50 -14.97
CA GLY A 75 -21.87 -2.89 -16.29
C GLY A 75 -21.40 -4.34 -16.32
N PRO A 76 -20.28 -4.62 -17.01
CA PRO A 76 -19.75 -5.99 -17.10
C PRO A 76 -19.23 -6.49 -15.76
N SER A 77 -20.01 -7.38 -15.13
CA SER A 77 -19.62 -7.94 -13.84
C SER A 77 -18.35 -8.78 -13.96
N ALA A 78 -17.96 -9.41 -12.85
CA ALA A 78 -16.77 -10.23 -12.84
C ALA A 78 -17.03 -11.61 -13.44
N SER A 79 -18.30 -12.01 -13.46
CA SER A 79 -18.69 -13.30 -14.00
C SER A 79 -18.10 -14.44 -13.19
N GLY A 80 -18.93 -15.06 -12.34
CA GLY A 80 -18.48 -16.15 -11.52
C GLY A 80 -18.14 -15.71 -10.11
N SER A 81 -18.63 -16.46 -9.12
CA SER A 81 -18.39 -16.14 -7.72
C SER A 81 -17.72 -17.31 -7.00
N ALA A 82 -16.40 -17.33 -7.01
CA ALA A 82 -15.64 -18.39 -6.36
C ALA A 82 -15.98 -19.75 -6.98
N GLY A 83 -15.05 -20.70 -6.83
CA GLY A 83 -15.25 -22.03 -7.37
C GLY A 83 -14.38 -22.32 -8.57
N GLN A 84 -13.25 -21.62 -8.66
CA GLN A 84 -12.33 -21.80 -9.77
C GLN A 84 -11.09 -20.92 -9.60
N ALA A 85 -11.31 -19.70 -9.13
CA ALA A 85 -10.22 -18.76 -8.92
C ALA A 85 -10.72 -17.48 -8.26
N GLU A 86 -9.81 -16.71 -7.70
CA GLU A 86 -10.15 -15.46 -7.03
C GLU A 86 -9.00 -14.46 -7.09
N GLU A 87 -9.25 -13.30 -7.68
CA GLU A 87 -8.24 -12.26 -7.81
C GLU A 87 -7.66 -11.89 -6.45
N GLU A 88 -8.55 -11.60 -5.49
CA GLU A 88 -8.14 -11.23 -4.14
C GLU A 88 -7.08 -10.12 -4.17
N ASN A 89 -7.11 -9.31 -5.22
CA ASN A 89 -6.16 -8.22 -5.36
C ASN A 89 -6.32 -7.22 -4.22
N PHE A 90 -5.38 -7.26 -3.27
CA PHE A 90 -5.42 -6.36 -2.13
C PHE A 90 -4.77 -5.03 -2.44
N GLU A 91 -5.40 -3.94 -2.00
CA GLU A 91 -4.89 -2.60 -2.24
C GLU A 91 -5.06 -1.73 -0.99
N PHE A 92 -3.99 -1.08 -0.57
CA PHE A 92 -4.03 -0.22 0.61
C PHE A 92 -3.69 1.23 0.26
N LEU A 93 -4.27 2.17 1.00
CA LEU A 93 -4.03 3.59 0.75
C LEU A 93 -3.24 4.24 1.88
N ILE A 94 -2.34 5.15 1.51
CA ILE A 94 -1.51 5.87 2.48
C ILE A 94 -1.91 7.34 2.51
N VAL A 95 -2.55 7.76 3.60
CA VAL A 95 -2.97 9.16 3.72
C VAL A 95 -1.97 9.98 4.51
N SER A 96 -1.62 11.15 3.98
CA SER A 96 -0.69 12.05 4.64
C SER A 96 -1.45 13.11 5.43
N SER A 97 -0.72 14.07 5.98
CA SER A 97 -1.34 15.14 6.75
C SER A 97 -1.86 16.25 5.86
N THR A 98 -1.34 16.32 4.63
CA THR A 98 -1.77 17.35 3.68
C THR A 98 -2.77 16.78 2.70
N GLY A 99 -3.45 15.71 3.08
CA GLY A 99 -4.44 15.09 2.22
C GLY A 99 -3.84 14.12 1.22
N GLN A 100 -2.55 14.27 0.94
CA GLN A 100 -1.87 13.39 -0.01
C GLN A 100 -2.17 11.93 0.30
N THR A 101 -2.68 11.21 -0.70
CA THR A 101 -3.02 9.80 -0.51
C THR A 101 -2.35 8.92 -1.56
N TRP A 102 -1.45 8.05 -1.10
CA TRP A 102 -0.75 7.13 -1.98
C TRP A 102 -1.48 5.81 -2.04
N HIS A 103 -2.18 5.55 -3.14
CA HIS A 103 -2.91 4.30 -3.27
C HIS A 103 -2.06 3.27 -4.00
N PHE A 104 -1.72 2.19 -3.31
CA PHE A 104 -0.92 1.13 -3.91
C PHE A 104 -1.62 -0.22 -3.82
N GLU A 105 -1.13 -1.16 -4.62
CA GLU A 105 -1.69 -2.51 -4.63
C GLU A 105 -0.57 -3.53 -4.40
N ALA A 106 -0.59 -4.14 -3.22
CA ALA A 106 0.42 -5.12 -2.84
C ALA A 106 0.55 -6.23 -3.88
N ALA A 107 1.76 -6.40 -4.42
CA ALA A 107 2.01 -7.43 -5.41
C ALA A 107 1.81 -8.82 -4.80
N SER A 108 2.13 -8.94 -3.52
CA SER A 108 1.99 -10.19 -2.80
C SER A 108 0.96 -10.04 -1.69
N PHE A 109 0.12 -11.06 -1.52
CA PHE A 109 -0.92 -11.04 -0.50
C PHE A 109 -0.32 -10.83 0.89
N GLU A 110 0.85 -11.40 1.13
CA GLU A 110 1.51 -11.26 2.42
C GLU A 110 2.10 -9.86 2.57
N GLU A 111 2.60 -9.31 1.47
CA GLU A 111 3.21 -7.98 1.47
C GLU A 111 2.18 -6.90 1.81
N ARG A 112 0.93 -7.13 1.42
CA ARG A 112 -0.14 -6.15 1.68
C ARG A 112 -0.24 -5.87 3.17
N ASP A 113 -0.12 -6.91 3.99
CA ASP A 113 -0.21 -6.77 5.43
C ASP A 113 1.08 -6.16 5.98
N ALA A 114 2.22 -6.68 5.53
CA ALA A 114 3.51 -6.18 5.98
C ALA A 114 3.59 -4.67 5.75
N TRP A 115 3.31 -4.25 4.52
CA TRP A 115 3.34 -2.84 4.18
C TRP A 115 2.36 -2.04 5.04
N VAL A 116 1.11 -2.48 5.08
CA VAL A 116 0.10 -1.81 5.89
C VAL A 116 0.54 -1.75 7.35
N GLN A 117 1.24 -2.79 7.79
CA GLN A 117 1.73 -2.85 9.16
C GLN A 117 3.01 -2.02 9.29
N ALA A 118 3.76 -1.92 8.20
CA ALA A 118 5.00 -1.16 8.19
C ALA A 118 4.69 0.34 8.28
N ILE A 119 3.71 0.77 7.51
CA ILE A 119 3.31 2.17 7.51
C ILE A 119 2.70 2.53 8.86
N GLU A 120 1.76 1.72 9.33
CA GLU A 120 1.12 1.96 10.62
C GLU A 120 2.14 1.84 11.74
N SER A 121 3.11 0.94 11.55
CA SER A 121 4.14 0.73 12.55
C SER A 121 5.02 1.97 12.67
N GLN A 122 5.42 2.52 11.54
CA GLN A 122 6.25 3.71 11.52
C GLN A 122 5.52 4.89 12.15
N ILE A 123 4.20 4.92 11.95
CA ILE A 123 3.37 5.98 12.52
C ILE A 123 3.25 5.83 14.02
N LEU A 124 3.15 4.60 14.49
CA LEU A 124 3.03 4.32 15.91
C LEU A 124 4.30 4.72 16.65
N ALA A 125 5.44 4.51 15.99
CA ALA A 125 6.73 4.84 16.58
C ALA A 125 6.97 6.36 16.53
N SER A 126 6.42 7.00 15.51
CA SER A 126 6.57 8.45 15.34
C SER A 126 5.60 9.21 16.24
N LEU A 127 4.41 8.65 16.43
CA LEU A 127 3.39 9.29 17.26
C LEU A 127 3.89 9.48 18.68
N GLN A 128 4.70 8.53 19.15
CA GLN A 128 5.25 8.60 20.50
C GLN A 128 6.34 9.67 20.60
N ARG A 1 22.11 3.10 11.29
CA ARG A 1 21.11 3.61 10.31
C ARG A 1 19.76 2.91 10.50
N ALA A 2 18.82 3.23 9.61
CA ALA A 2 17.49 2.64 9.67
C ALA A 2 17.44 1.28 8.98
N ILE A 3 16.33 0.58 9.13
CA ILE A 3 16.16 -0.73 8.53
C ILE A 3 14.88 -0.78 7.68
N PRO A 4 14.96 -1.29 6.45
CA PRO A 4 13.81 -1.40 5.56
C PRO A 4 12.69 -2.24 6.14
N ILE A 5 11.49 -1.69 6.17
CA ILE A 5 10.32 -2.38 6.69
C ILE A 5 9.58 -3.12 5.58
N LYS A 6 9.80 -2.70 4.33
CA LYS A 6 9.18 -3.31 3.17
C LYS A 6 9.59 -2.55 1.93
N GLN A 7 10.39 -3.17 1.09
CA GLN A 7 10.82 -2.51 -0.14
C GLN A 7 10.62 -3.44 -1.33
N SER A 8 9.65 -3.11 -2.17
CA SER A 8 9.35 -3.92 -3.34
C SER A 8 8.49 -3.15 -4.34
N PHE A 9 8.07 -3.83 -5.40
CA PHE A 9 7.24 -3.22 -6.44
C PHE A 9 5.78 -3.21 -6.02
N LEU A 10 5.14 -2.05 -6.19
CA LEU A 10 3.74 -1.89 -5.84
C LEU A 10 2.96 -1.34 -7.03
N LEU A 11 1.68 -1.67 -7.10
CA LEU A 11 0.83 -1.19 -8.18
C LEU A 11 0.19 0.14 -7.78
N LYS A 12 0.16 1.09 -8.71
CA LYS A 12 -0.42 2.40 -8.42
C LYS A 12 -1.48 2.76 -9.45
N ARG A 13 -2.68 3.11 -8.97
CA ARG A 13 -3.79 3.48 -9.84
C ARG A 13 -3.34 4.50 -10.90
N SER A 14 -3.96 4.43 -12.07
CA SER A 14 -3.64 5.34 -13.16
C SER A 14 -4.43 6.64 -13.04
N GLY A 15 -5.75 6.52 -13.14
CA GLY A 15 -6.60 7.71 -13.04
C GLY A 15 -8.07 7.37 -12.95
N ASN A 16 -8.65 6.91 -14.06
CA ASN A 16 -10.06 6.55 -14.10
C ASN A 16 -10.42 5.58 -12.98
N SER A 17 -11.47 5.91 -12.24
CA SER A 17 -11.92 5.07 -11.13
C SER A 17 -12.71 3.86 -11.64
N LEU A 18 -13.73 4.13 -12.44
CA LEU A 18 -14.56 3.07 -13.00
C LEU A 18 -13.71 2.02 -13.71
N ASN A 19 -12.66 2.48 -14.37
CA ASN A 19 -11.76 1.59 -15.08
C ASN A 19 -10.35 1.69 -14.51
N LYS A 20 -10.17 1.13 -13.32
CA LYS A 20 -8.87 1.16 -12.65
C LYS A 20 -7.78 0.56 -13.53
N GLU A 21 -6.56 1.05 -13.35
CA GLU A 21 -5.40 0.58 -14.11
C GLU A 21 -4.13 0.90 -13.35
N TRP A 22 -3.65 -0.09 -12.62
CA TRP A 22 -2.45 0.06 -11.81
C TRP A 22 -1.19 -0.28 -12.60
N LYS A 23 -0.16 0.56 -12.44
CA LYS A 23 1.10 0.36 -13.13
C LYS A 23 2.19 -0.08 -12.15
N LYS A 24 3.25 -0.68 -12.68
CA LYS A 24 4.35 -1.14 -11.84
C LYS A 24 5.06 0.02 -11.16
N LYS A 25 5.02 0.03 -9.84
CA LYS A 25 5.67 1.09 -9.06
C LYS A 25 6.74 0.50 -8.14
N TYR A 26 7.45 1.36 -7.43
CA TYR A 26 8.51 0.93 -6.52
C TYR A 26 8.41 1.67 -5.19
N VAL A 27 8.13 0.95 -4.12
CA VAL A 27 8.00 1.57 -2.79
C VAL A 27 8.95 0.95 -1.79
N THR A 28 9.40 1.78 -0.84
CA THR A 28 10.29 1.30 0.21
C THR A 28 9.90 1.90 1.55
N LEU A 29 9.39 1.06 2.43
CA LEU A 29 9.02 1.47 3.77
C LEU A 29 10.21 1.31 4.67
N SER A 30 10.72 2.41 5.20
CA SER A 30 11.89 2.37 6.07
C SER A 30 11.52 2.55 7.53
N SER A 31 12.43 2.15 8.41
CA SER A 31 12.20 2.27 9.84
C SER A 31 12.40 3.71 10.31
N ASN A 32 12.73 4.61 9.37
CA ASN A 32 12.95 6.01 9.69
C ASN A 32 11.66 6.82 9.61
N GLY A 33 10.54 6.14 9.81
CA GLY A 33 9.26 6.80 9.73
C GLY A 33 9.08 7.54 8.43
N PHE A 34 9.52 6.92 7.34
CA PHE A 34 9.43 7.53 6.03
C PHE A 34 9.01 6.52 4.97
N LEU A 35 7.99 6.87 4.21
CA LEU A 35 7.49 6.00 3.15
C LEU A 35 7.87 6.59 1.79
N LEU A 36 8.67 5.85 1.04
CA LEU A 36 9.12 6.33 -0.28
C LEU A 36 8.54 5.49 -1.42
N TYR A 37 8.23 6.18 -2.52
CA TYR A 37 7.67 5.51 -3.70
C TYR A 37 8.11 6.24 -4.97
N HIS A 38 8.62 5.48 -5.93
CA HIS A 38 9.08 6.04 -7.19
C HIS A 38 8.31 5.45 -8.37
N PRO A 39 8.26 6.18 -9.50
CA PRO A 39 7.55 5.73 -10.70
C PRO A 39 7.96 4.32 -11.12
N SER A 40 9.19 3.94 -10.81
CA SER A 40 9.69 2.61 -11.16
C SER A 40 11.06 2.35 -10.54
N ILE A 41 11.66 1.21 -10.88
CA ILE A 41 12.97 0.85 -10.35
C ILE A 41 14.03 1.85 -10.81
N ASN A 42 14.01 2.21 -12.08
CA ASN A 42 14.97 3.17 -12.63
C ASN A 42 14.99 4.44 -11.76
N ASP A 43 13.86 4.74 -11.15
CA ASP A 43 13.76 5.92 -10.29
C ASP A 43 14.42 5.66 -8.94
N TYR A 44 14.25 4.44 -8.42
CA TYR A 44 14.85 4.07 -7.13
C TYR A 44 16.37 3.96 -7.27
N ILE A 45 16.79 3.18 -8.27
CA ILE A 45 18.20 2.96 -8.54
C ILE A 45 18.91 4.27 -8.84
N HIS A 46 18.48 4.91 -9.91
CA HIS A 46 19.06 6.16 -10.37
C HIS A 46 18.68 7.34 -9.48
N SER A 47 17.55 7.23 -8.79
CA SER A 47 17.07 8.29 -7.89
C SER A 47 16.45 9.43 -8.68
N THR A 48 15.26 9.20 -9.21
CA THR A 48 14.55 10.22 -9.99
C THR A 48 13.22 10.56 -9.33
N HIS A 49 13.08 11.82 -8.90
CA HIS A 49 11.87 12.29 -8.25
C HIS A 49 11.81 11.81 -6.81
N GLY A 50 11.82 10.49 -6.65
CA GLY A 50 11.77 9.89 -5.33
C GLY A 50 10.74 10.52 -4.42
N LYS A 51 9.52 9.99 -4.46
CA LYS A 51 8.44 10.50 -3.63
C LYS A 51 8.57 9.98 -2.21
N GLU A 52 8.26 10.85 -1.24
CA GLU A 52 8.35 10.47 0.17
C GLU A 52 7.20 11.08 0.97
N MET A 53 6.60 10.26 1.81
CA MET A 53 5.48 10.70 2.65
C MET A 53 5.80 10.50 4.12
N ASP A 54 5.74 11.57 4.89
CA ASP A 54 6.02 11.50 6.33
C ASP A 54 5.07 10.52 7.00
N LEU A 55 5.65 9.59 7.76
CA LEU A 55 4.85 8.58 8.45
C LEU A 55 4.48 9.03 9.86
N LEU A 56 4.54 10.33 10.12
CA LEU A 56 4.19 10.86 11.43
C LEU A 56 2.68 11.03 11.57
N ARG A 57 2.10 11.88 10.72
CA ARG A 57 0.67 12.13 10.76
C ARG A 57 0.00 11.54 9.53
N THR A 58 0.25 10.25 9.29
CA THR A 58 -0.34 9.56 8.14
C THR A 58 -1.44 8.61 8.58
N THR A 59 -2.28 8.21 7.62
CA THR A 59 -3.37 7.29 7.89
C THR A 59 -3.44 6.20 6.83
N VAL A 60 -4.30 5.22 7.05
CA VAL A 60 -4.46 4.12 6.11
C VAL A 60 -5.92 3.95 5.70
N LYS A 61 -6.15 3.81 4.40
CA LYS A 61 -7.51 3.66 3.89
C LYS A 61 -7.60 2.46 2.93
N VAL A 62 -8.82 1.95 2.75
CA VAL A 62 -9.05 0.82 1.87
C VAL A 62 -10.06 1.18 0.77
N PRO A 63 -9.80 0.78 -0.48
CA PRO A 63 -10.69 1.08 -1.61
C PRO A 63 -11.98 0.24 -1.57
N GLY A 64 -12.74 0.39 -0.49
CA GLY A 64 -13.99 -0.34 -0.36
C GLY A 64 -13.81 -1.70 0.27
N LYS A 65 -12.81 -2.45 -0.20
CA LYS A 65 -12.54 -3.79 0.33
C LYS A 65 -12.54 -3.80 1.85
N ARG A 66 -12.88 -4.95 2.42
CA ARG A 66 -12.92 -5.10 3.88
C ARG A 66 -11.51 -5.03 4.47
N PRO A 67 -11.41 -4.85 5.80
CA PRO A 67 -10.11 -4.76 6.49
C PRO A 67 -9.26 -6.00 6.26
N PRO A 68 -8.06 -5.85 5.67
CA PRO A 68 -7.15 -6.97 5.40
C PRO A 68 -6.80 -7.75 6.66
N ARG A 69 -6.45 -9.01 6.50
CA ARG A 69 -6.10 -9.87 7.63
C ARG A 69 -4.59 -9.85 7.86
N ALA A 70 -4.18 -9.34 9.03
CA ALA A 70 -2.77 -9.26 9.38
C ALA A 70 -2.31 -10.53 10.10
N ILE A 71 -3.14 -11.02 11.03
CA ILE A 71 -2.81 -12.21 11.78
C ILE A 71 -3.18 -13.48 11.02
N SER A 72 -4.28 -13.42 10.29
CA SER A 72 -4.74 -14.56 9.51
C SER A 72 -3.89 -14.75 8.25
N ALA A 73 -2.65 -15.17 8.46
CA ALA A 73 -1.72 -15.39 7.34
C ALA A 73 -1.76 -16.83 6.86
N PHE A 74 -2.81 -17.54 7.23
CA PHE A 74 -2.98 -18.94 6.84
C PHE A 74 -4.44 -19.35 6.90
N GLY A 75 -4.79 -20.41 6.19
CA GLY A 75 -6.16 -20.89 6.16
C GLY A 75 -6.26 -22.34 5.74
N PRO A 76 -7.22 -23.10 6.29
CA PRO A 76 -7.41 -24.51 5.95
C PRO A 76 -8.02 -24.70 4.57
N SER A 77 -8.01 -25.93 4.08
CA SER A 77 -8.56 -26.24 2.76
C SER A 77 -8.81 -27.75 2.62
N ALA A 78 -10.06 -28.15 2.75
CA ALA A 78 -10.42 -29.56 2.63
C ALA A 78 -10.47 -29.99 1.17
N SER A 79 -10.83 -29.05 0.29
CA SER A 79 -10.92 -29.34 -1.13
C SER A 79 -10.97 -28.04 -1.94
N GLY A 80 -9.89 -27.26 -1.87
CA GLY A 80 -9.83 -26.01 -2.60
C GLY A 80 -10.87 -25.03 -2.14
N SER A 81 -11.25 -24.11 -3.02
CA SER A 81 -12.25 -23.09 -2.69
C SER A 81 -13.42 -23.14 -3.67
N ALA A 82 -14.30 -24.12 -3.48
CA ALA A 82 -15.46 -24.27 -4.34
C ALA A 82 -16.73 -23.78 -3.66
N GLY A 83 -17.26 -22.66 -4.15
CA GLY A 83 -18.48 -22.11 -3.57
C GLY A 83 -18.21 -20.84 -2.77
N GLN A 84 -17.15 -20.12 -3.15
CA GLN A 84 -16.79 -18.89 -2.46
C GLN A 84 -15.59 -18.22 -3.14
N ALA A 85 -15.86 -17.55 -4.26
CA ALA A 85 -14.81 -16.88 -5.01
C ALA A 85 -14.27 -15.67 -4.23
N GLU A 86 -13.07 -15.81 -3.70
CA GLU A 86 -12.45 -14.74 -2.93
C GLU A 86 -11.26 -14.14 -3.68
N GLU A 87 -11.43 -12.93 -4.18
CA GLU A 87 -10.38 -12.25 -4.93
C GLU A 87 -9.13 -12.08 -4.06
N GLU A 88 -9.33 -11.81 -2.78
CA GLU A 88 -8.23 -11.64 -1.84
C GLU A 88 -7.26 -10.57 -2.33
N ASN A 89 -7.79 -9.54 -2.99
CA ASN A 89 -6.98 -8.45 -3.50
C ASN A 89 -6.68 -7.44 -2.40
N PHE A 90 -5.43 -7.41 -1.94
CA PHE A 90 -5.03 -6.49 -0.88
C PHE A 90 -4.56 -5.15 -1.44
N GLU A 91 -5.36 -4.11 -1.19
CA GLU A 91 -5.04 -2.76 -1.63
C GLU A 91 -5.13 -1.80 -0.46
N PHE A 92 -4.09 -0.99 -0.26
CA PHE A 92 -4.08 -0.04 0.86
C PHE A 92 -3.71 1.36 0.40
N LEU A 93 -4.20 2.36 1.14
CA LEU A 93 -3.93 3.76 0.81
C LEU A 93 -3.13 4.44 1.91
N ILE A 94 -2.26 5.36 1.53
CA ILE A 94 -1.42 6.09 2.47
C ILE A 94 -1.75 7.58 2.44
N VAL A 95 -2.41 8.06 3.49
CA VAL A 95 -2.78 9.48 3.55
C VAL A 95 -1.77 10.29 4.35
N SER A 96 -1.35 11.42 3.78
CA SER A 96 -0.40 12.30 4.44
C SER A 96 -1.13 13.39 5.19
N SER A 97 -0.37 14.34 5.74
CA SER A 97 -0.97 15.45 6.49
C SER A 97 -1.42 16.57 5.55
N THR A 98 -0.91 16.56 4.33
CA THR A 98 -1.29 17.58 3.35
C THR A 98 -2.30 17.05 2.35
N GLY A 99 -3.03 16.03 2.76
CA GLY A 99 -4.04 15.44 1.90
C GLY A 99 -3.48 14.41 0.93
N GLN A 100 -2.18 14.49 0.65
CA GLN A 100 -1.55 13.55 -0.26
C GLN A 100 -1.92 12.11 0.07
N THR A 101 -2.39 11.37 -0.92
CA THR A 101 -2.78 9.98 -0.70
C THR A 101 -2.12 9.03 -1.70
N TRP A 102 -1.27 8.16 -1.19
CA TRP A 102 -0.58 7.17 -2.01
C TRP A 102 -1.36 5.86 -2.01
N HIS A 103 -2.03 5.55 -3.11
CA HIS A 103 -2.78 4.31 -3.19
C HIS A 103 -1.96 3.25 -3.92
N PHE A 104 -1.61 2.18 -3.20
CA PHE A 104 -0.81 1.11 -3.79
C PHE A 104 -1.52 -0.24 -3.69
N GLU A 105 -1.16 -1.13 -4.60
CA GLU A 105 -1.70 -2.48 -4.62
C GLU A 105 -0.57 -3.49 -4.51
N ALA A 106 -0.28 -3.90 -3.28
CA ALA A 106 0.81 -4.84 -3.00
C ALA A 106 0.88 -5.97 -4.03
N ALA A 107 2.01 -6.65 -4.07
CA ALA A 107 2.23 -7.75 -5.01
C ALA A 107 2.04 -9.11 -4.35
N SER A 108 2.74 -9.32 -3.23
CA SER A 108 2.65 -10.57 -2.49
C SER A 108 1.68 -10.46 -1.33
N PHE A 109 0.80 -11.45 -1.19
CA PHE A 109 -0.20 -11.45 -0.11
C PHE A 109 0.46 -11.18 1.24
N GLU A 110 1.68 -11.68 1.41
CA GLU A 110 2.41 -11.48 2.65
C GLU A 110 2.92 -10.03 2.72
N GLU A 111 3.25 -9.48 1.56
CA GLU A 111 3.75 -8.12 1.46
C GLU A 111 2.65 -7.08 1.70
N ARG A 112 1.46 -7.34 1.17
CA ARG A 112 0.35 -6.40 1.33
C ARG A 112 0.09 -6.13 2.80
N ASP A 113 0.09 -7.19 3.61
CA ASP A 113 -0.13 -7.04 5.04
C ASP A 113 1.07 -6.39 5.70
N ALA A 114 2.27 -6.80 5.29
CA ALA A 114 3.49 -6.24 5.85
C ALA A 114 3.53 -4.74 5.65
N TRP A 115 3.25 -4.30 4.42
CA TRP A 115 3.24 -2.88 4.10
C TRP A 115 2.25 -2.13 4.97
N VAL A 116 1.00 -2.59 5.00
CA VAL A 116 -0.03 -1.94 5.81
C VAL A 116 0.42 -1.87 7.27
N GLN A 117 1.14 -2.91 7.71
CA GLN A 117 1.64 -2.95 9.08
C GLN A 117 2.90 -2.10 9.21
N ALA A 118 3.64 -1.98 8.11
CA ALA A 118 4.87 -1.19 8.10
C ALA A 118 4.54 0.29 8.24
N ILE A 119 3.56 0.75 7.46
CA ILE A 119 3.15 2.13 7.50
C ILE A 119 2.51 2.46 8.84
N GLU A 120 1.60 1.59 9.29
CA GLU A 120 0.95 1.79 10.58
C GLU A 120 1.96 1.67 11.71
N SER A 121 2.96 0.81 11.52
CA SER A 121 3.99 0.61 12.51
C SER A 121 4.87 1.86 12.64
N GLN A 122 5.26 2.42 11.51
CA GLN A 122 6.09 3.62 11.50
C GLN A 122 5.33 4.77 12.13
N ILE A 123 4.03 4.80 11.91
CA ILE A 123 3.18 5.85 12.46
C ILE A 123 2.98 5.67 13.96
N LEU A 124 2.88 4.41 14.38
CA LEU A 124 2.70 4.09 15.79
C LEU A 124 3.95 4.42 16.58
N ALA A 125 5.11 4.24 15.95
CA ALA A 125 6.39 4.51 16.59
C ALA A 125 6.65 6.03 16.64
N SER A 126 6.18 6.73 15.62
CA SER A 126 6.37 8.17 15.54
C SER A 126 5.39 8.90 16.46
N LEU A 127 4.21 8.32 16.63
CA LEU A 127 3.18 8.91 17.48
C LEU A 127 3.60 8.86 18.95
N GLN A 128 4.36 7.84 19.31
CA GLN A 128 4.83 7.67 20.68
C GLN A 128 6.28 7.19 20.71
N ARG A 1 22.39 2.99 10.79
CA ARG A 1 21.59 3.12 9.55
C ARG A 1 20.19 2.57 9.73
N ALA A 2 19.23 3.16 9.04
CA ALA A 2 17.83 2.74 9.12
C ALA A 2 17.67 1.33 8.56
N ILE A 3 16.55 0.69 8.92
CA ILE A 3 16.27 -0.66 8.46
C ILE A 3 14.98 -0.69 7.63
N PRO A 4 15.03 -1.30 6.42
CA PRO A 4 13.86 -1.38 5.54
C PRO A 4 12.74 -2.22 6.14
N ILE A 5 11.55 -1.64 6.19
CA ILE A 5 10.39 -2.33 6.73
C ILE A 5 9.62 -3.08 5.63
N LYS A 6 9.86 -2.67 4.38
CA LYS A 6 9.21 -3.31 3.23
C LYS A 6 9.61 -2.57 1.97
N GLN A 7 10.39 -3.21 1.13
CA GLN A 7 10.81 -2.58 -0.12
C GLN A 7 10.57 -3.51 -1.30
N SER A 8 9.64 -3.13 -2.16
CA SER A 8 9.32 -3.94 -3.33
C SER A 8 8.47 -3.16 -4.32
N PHE A 9 8.03 -3.83 -5.38
CA PHE A 9 7.21 -3.20 -6.41
C PHE A 9 5.75 -3.17 -6.00
N LEU A 10 5.08 -2.05 -6.30
CA LEU A 10 3.67 -1.90 -5.97
C LEU A 10 2.90 -1.35 -7.17
N LEU A 11 1.60 -1.58 -7.18
CA LEU A 11 0.76 -1.08 -8.27
C LEU A 11 0.17 0.28 -7.91
N LYS A 12 0.21 1.22 -8.86
CA LYS A 12 -0.32 2.56 -8.62
C LYS A 12 -1.36 2.94 -9.66
N ARG A 13 -2.57 3.23 -9.18
CA ARG A 13 -3.67 3.61 -10.06
C ARG A 13 -3.29 4.80 -10.94
N SER A 14 -3.84 4.84 -12.15
CA SER A 14 -3.57 5.92 -13.08
C SER A 14 -4.53 7.08 -12.88
N GLY A 15 -5.82 6.80 -12.99
CA GLY A 15 -6.83 7.84 -12.81
C GLY A 15 -8.10 7.54 -13.58
N ASN A 16 -8.98 6.75 -12.99
CA ASN A 16 -10.25 6.39 -13.62
C ASN A 16 -11.05 5.44 -12.73
N SER A 17 -12.06 5.97 -12.07
CA SER A 17 -12.90 5.17 -11.17
C SER A 17 -13.68 4.12 -11.97
N LEU A 18 -14.22 4.54 -13.12
CA LEU A 18 -15.00 3.64 -13.96
C LEU A 18 -14.16 2.43 -14.39
N ASN A 19 -12.87 2.68 -14.63
CA ASN A 19 -11.96 1.61 -15.04
C ASN A 19 -10.56 1.86 -14.50
N LYS A 20 -10.26 1.27 -13.34
CA LYS A 20 -8.96 1.44 -12.70
C LYS A 20 -7.84 1.01 -13.64
N GLU A 21 -6.63 1.42 -13.32
CA GLU A 21 -5.45 1.09 -14.11
C GLU A 21 -4.19 1.33 -13.30
N TRP A 22 -3.66 0.27 -12.73
CA TRP A 22 -2.47 0.34 -11.90
C TRP A 22 -1.21 0.03 -12.71
N LYS A 23 -0.14 0.74 -12.41
CA LYS A 23 1.13 0.53 -13.10
C LYS A 23 2.21 0.07 -12.11
N LYS A 24 3.22 -0.61 -12.63
CA LYS A 24 4.30 -1.10 -11.79
C LYS A 24 5.09 0.05 -11.17
N LYS A 25 5.17 0.04 -9.83
CA LYS A 25 5.89 1.08 -9.11
C LYS A 25 6.93 0.46 -8.19
N TYR A 26 7.61 1.31 -7.43
CA TYR A 26 8.64 0.85 -6.50
C TYR A 26 8.52 1.59 -5.17
N VAL A 27 8.20 0.86 -4.11
CA VAL A 27 8.05 1.48 -2.80
C VAL A 27 9.01 0.89 -1.78
N THR A 28 9.45 1.72 -0.85
CA THR A 28 10.34 1.27 0.20
C THR A 28 9.97 1.88 1.54
N LEU A 29 9.46 1.06 2.44
CA LEU A 29 9.09 1.49 3.77
C LEU A 29 10.30 1.33 4.66
N SER A 30 10.81 2.45 5.16
CA SER A 30 11.98 2.42 6.02
C SER A 30 11.63 2.64 7.47
N SER A 31 12.55 2.26 8.36
CA SER A 31 12.34 2.42 9.79
C SER A 31 12.54 3.87 10.21
N ASN A 32 12.83 4.74 9.26
CA ASN A 32 13.05 6.16 9.54
C ASN A 32 11.75 6.96 9.47
N GLY A 33 10.64 6.27 9.72
CA GLY A 33 9.35 6.93 9.66
C GLY A 33 9.14 7.66 8.37
N PHE A 34 9.58 7.05 7.27
CA PHE A 34 9.45 7.64 5.96
C PHE A 34 9.04 6.62 4.91
N LEU A 35 7.93 6.89 4.24
CA LEU A 35 7.44 6.01 3.19
C LEU A 35 7.84 6.57 1.82
N LEU A 36 8.66 5.82 1.09
CA LEU A 36 9.12 6.29 -0.22
C LEU A 36 8.58 5.42 -1.34
N TYR A 37 8.38 6.04 -2.50
CA TYR A 37 7.87 5.34 -3.68
C TYR A 37 8.24 6.10 -4.95
N HIS A 38 8.80 5.39 -5.92
CA HIS A 38 9.22 5.99 -7.18
C HIS A 38 8.46 5.37 -8.35
N PRO A 39 8.42 6.07 -9.49
CA PRO A 39 7.73 5.59 -10.69
C PRO A 39 8.13 4.17 -11.06
N SER A 40 9.39 3.83 -10.80
CA SER A 40 9.91 2.49 -11.11
C SER A 40 11.25 2.25 -10.44
N ILE A 41 11.87 1.10 -10.72
CA ILE A 41 13.15 0.76 -10.14
C ILE A 41 14.23 1.76 -10.59
N ASN A 42 14.24 2.08 -11.88
CA ASN A 42 15.21 3.03 -12.41
C ASN A 42 15.20 4.32 -11.58
N ASP A 43 14.05 4.63 -11.00
CA ASP A 43 13.92 5.82 -10.18
C ASP A 43 14.55 5.61 -8.80
N TYR A 44 14.38 4.40 -8.26
CA TYR A 44 14.95 4.07 -6.95
C TYR A 44 16.46 3.95 -7.04
N ILE A 45 16.92 3.16 -8.01
CA ILE A 45 18.34 2.95 -8.24
C ILE A 45 19.05 4.26 -8.56
N HIS A 46 18.64 4.87 -9.65
CA HIS A 46 19.21 6.11 -10.12
C HIS A 46 18.80 7.31 -9.28
N SER A 47 17.66 7.19 -8.59
CA SER A 47 17.15 8.27 -7.74
C SER A 47 16.53 9.39 -8.56
N THR A 48 15.33 9.12 -9.08
CA THR A 48 14.61 10.11 -9.88
C THR A 48 13.23 10.38 -9.28
N HIS A 49 12.99 11.65 -8.93
CA HIS A 49 11.71 12.07 -8.35
C HIS A 49 11.65 11.67 -6.88
N GLY A 50 11.74 10.37 -6.64
CA GLY A 50 11.69 9.85 -5.28
C GLY A 50 10.62 10.50 -4.42
N LYS A 51 9.43 9.94 -4.45
CA LYS A 51 8.31 10.45 -3.67
C LYS A 51 8.35 9.91 -2.24
N GLU A 52 8.27 10.80 -1.26
CA GLU A 52 8.30 10.40 0.14
C GLU A 52 7.16 11.04 0.92
N MET A 53 6.53 10.25 1.79
CA MET A 53 5.44 10.71 2.61
C MET A 53 5.75 10.52 4.09
N ASP A 54 5.72 11.62 4.84
CA ASP A 54 6.01 11.57 6.27
C ASP A 54 5.09 10.57 6.96
N LEU A 55 5.68 9.69 7.77
CA LEU A 55 4.91 8.68 8.48
C LEU A 55 4.57 9.13 9.90
N LEU A 56 4.51 10.44 10.11
CA LEU A 56 4.20 10.98 11.43
C LEU A 56 2.69 11.02 11.67
N ARG A 57 1.99 11.77 10.84
CA ARG A 57 0.53 11.89 10.95
C ARG A 57 -0.15 11.33 9.70
N THR A 58 0.21 10.10 9.35
CA THR A 58 -0.36 9.45 8.19
C THR A 58 -1.43 8.43 8.59
N THR A 59 -2.27 8.06 7.64
CA THR A 59 -3.33 7.08 7.89
C THR A 59 -3.31 5.99 6.82
N VAL A 60 -4.03 4.91 7.08
CA VAL A 60 -4.10 3.79 6.16
C VAL A 60 -5.55 3.42 5.84
N LYS A 61 -5.92 3.52 4.57
CA LYS A 61 -7.28 3.20 4.15
C LYS A 61 -7.30 1.96 3.27
N VAL A 62 -8.48 1.37 3.11
CA VAL A 62 -8.64 0.17 2.30
C VAL A 62 -9.97 0.18 1.56
N PRO A 63 -9.96 -0.12 0.24
CA PRO A 63 -11.19 -0.14 -0.57
C PRO A 63 -12.14 -1.26 -0.14
N GLY A 64 -12.68 -1.13 1.07
CA GLY A 64 -13.60 -2.13 1.59
C GLY A 64 -13.17 -2.68 2.93
N LYS A 65 -13.36 -1.87 3.98
CA LYS A 65 -12.98 -2.28 5.33
C LYS A 65 -13.56 -3.65 5.68
N ARG A 66 -12.72 -4.68 5.60
CA ARG A 66 -13.14 -6.04 5.90
C ARG A 66 -11.95 -6.99 5.87
N PRO A 67 -12.12 -8.24 6.33
CA PRO A 67 -11.05 -9.23 6.35
C PRO A 67 -10.74 -9.77 4.95
N PRO A 68 -9.49 -9.57 4.46
CA PRO A 68 -9.09 -10.03 3.14
C PRO A 68 -8.74 -11.53 3.13
N ARG A 69 -9.72 -12.35 3.49
CA ARG A 69 -9.52 -13.80 3.53
C ARG A 69 -10.80 -14.53 3.13
N ALA A 70 -10.77 -15.17 1.97
CA ALA A 70 -11.93 -15.91 1.48
C ALA A 70 -11.88 -17.37 1.93
N ILE A 71 -10.79 -18.05 1.59
CA ILE A 71 -10.63 -19.44 1.97
C ILE A 71 -9.18 -19.76 2.30
N SER A 72 -8.30 -19.50 1.33
CA SER A 72 -6.88 -19.76 1.51
C SER A 72 -6.04 -18.79 0.66
N ALA A 73 -4.78 -19.15 0.42
CA ALA A 73 -3.89 -18.32 -0.38
C ALA A 73 -3.92 -18.72 -1.86
N PHE A 74 -4.95 -19.46 -2.23
CA PHE A 74 -5.10 -19.91 -3.61
C PHE A 74 -6.52 -19.66 -4.11
N GLY A 75 -6.64 -19.21 -5.35
CA GLY A 75 -7.94 -18.94 -5.92
C GLY A 75 -8.45 -20.07 -6.80
N PRO A 76 -9.78 -20.29 -6.85
CA PRO A 76 -10.37 -21.35 -7.65
C PRO A 76 -10.32 -21.04 -9.15
N SER A 77 -9.16 -21.28 -9.76
CA SER A 77 -8.98 -21.02 -11.17
C SER A 77 -8.80 -22.33 -11.95
N ALA A 78 -9.45 -22.42 -13.11
CA ALA A 78 -9.37 -23.62 -13.94
C ALA A 78 -8.10 -23.61 -14.78
N SER A 79 -7.64 -22.42 -15.14
CA SER A 79 -6.43 -22.27 -15.95
C SER A 79 -5.75 -20.93 -15.68
N GLY A 80 -5.69 -20.56 -14.42
CA GLY A 80 -5.06 -19.30 -14.05
C GLY A 80 -5.88 -18.10 -14.49
N SER A 81 -7.13 -18.04 -14.06
CA SER A 81 -8.01 -16.94 -14.43
C SER A 81 -8.77 -16.43 -13.20
N ALA A 82 -9.41 -15.27 -13.36
CA ALA A 82 -10.17 -14.67 -12.27
C ALA A 82 -11.67 -14.69 -12.57
N GLY A 83 -12.48 -14.73 -11.52
CA GLY A 83 -13.92 -14.76 -11.70
C GLY A 83 -14.50 -13.38 -11.96
N GLN A 84 -15.23 -12.85 -10.99
CA GLN A 84 -15.84 -11.53 -11.13
C GLN A 84 -15.51 -10.67 -9.91
N ALA A 85 -16.23 -10.90 -8.81
CA ALA A 85 -16.03 -10.14 -7.60
C ALA A 85 -14.63 -10.38 -7.03
N GLU A 86 -13.69 -9.50 -7.38
CA GLU A 86 -12.32 -9.61 -6.91
C GLU A 86 -12.23 -9.33 -5.41
N GLU A 87 -12.74 -10.27 -4.61
CA GLU A 87 -12.72 -10.13 -3.16
C GLU A 87 -11.31 -10.29 -2.61
N GLU A 88 -10.46 -10.99 -3.36
CA GLU A 88 -9.07 -11.21 -2.95
C GLU A 88 -8.15 -10.13 -3.49
N ASN A 89 -8.66 -8.90 -3.59
CA ASN A 89 -7.87 -7.79 -4.09
C ASN A 89 -7.22 -7.03 -2.94
N PHE A 90 -5.93 -7.24 -2.76
CA PHE A 90 -5.19 -6.59 -1.67
C PHE A 90 -4.66 -5.23 -2.11
N GLU A 91 -5.33 -4.17 -1.65
CA GLU A 91 -4.92 -2.80 -1.98
C GLU A 91 -5.09 -1.90 -0.76
N PHE A 92 -4.04 -1.13 -0.44
CA PHE A 92 -4.09 -0.23 0.70
C PHE A 92 -3.77 1.20 0.28
N LEU A 93 -4.19 2.16 1.11
CA LEU A 93 -3.96 3.57 0.82
C LEU A 93 -3.13 4.24 1.93
N ILE A 94 -2.35 5.24 1.55
CA ILE A 94 -1.51 5.96 2.49
C ILE A 94 -1.85 7.45 2.47
N VAL A 95 -2.48 7.94 3.54
CA VAL A 95 -2.87 9.34 3.60
C VAL A 95 -1.90 10.15 4.46
N SER A 96 -1.47 11.30 3.92
CA SER A 96 -0.56 12.18 4.63
C SER A 96 -1.33 13.27 5.36
N SER A 97 -0.61 14.21 5.94
CA SER A 97 -1.25 15.30 6.67
C SER A 97 -1.57 16.48 5.75
N THR A 98 -1.24 16.35 4.48
CA THR A 98 -1.50 17.41 3.51
C THR A 98 -2.52 16.95 2.48
N GLY A 99 -3.32 15.95 2.83
CA GLY A 99 -4.33 15.44 1.94
C GLY A 99 -3.79 14.42 0.95
N GLN A 100 -2.48 14.43 0.71
CA GLN A 100 -1.85 13.50 -0.22
C GLN A 100 -2.21 12.06 0.14
N THR A 101 -2.59 11.28 -0.85
CA THR A 101 -2.96 9.89 -0.62
C THR A 101 -2.31 8.95 -1.64
N TRP A 102 -1.42 8.09 -1.15
CA TRP A 102 -0.73 7.12 -2.01
C TRP A 102 -1.49 5.80 -2.01
N HIS A 103 -2.19 5.50 -3.09
CA HIS A 103 -2.91 4.25 -3.17
C HIS A 103 -2.08 3.20 -3.90
N PHE A 104 -1.71 2.14 -3.21
CA PHE A 104 -0.90 1.08 -3.81
C PHE A 104 -1.61 -0.26 -3.74
N GLU A 105 -1.13 -1.20 -4.55
CA GLU A 105 -1.67 -2.55 -4.58
C GLU A 105 -0.52 -3.55 -4.48
N ALA A 106 -0.35 -4.12 -3.29
CA ALA A 106 0.71 -5.09 -3.05
C ALA A 106 0.68 -6.24 -4.06
N ALA A 107 1.84 -6.55 -4.63
CA ALA A 107 1.94 -7.64 -5.59
C ALA A 107 1.70 -8.98 -4.92
N SER A 108 2.09 -9.07 -3.65
CA SER A 108 1.92 -10.29 -2.88
C SER A 108 0.91 -10.07 -1.76
N PHE A 109 0.15 -11.12 -1.44
CA PHE A 109 -0.87 -11.03 -0.40
C PHE A 109 -0.23 -10.81 0.97
N GLU A 110 0.92 -11.43 1.20
CA GLU A 110 1.63 -11.28 2.47
C GLU A 110 2.26 -9.91 2.58
N GLU A 111 2.84 -9.44 1.48
CA GLU A 111 3.50 -8.14 1.44
C GLU A 111 2.52 -7.03 1.79
N ARG A 112 1.29 -7.15 1.32
CA ARG A 112 0.26 -6.15 1.59
C ARG A 112 0.09 -5.93 3.08
N ASP A 113 -0.03 -7.03 3.83
CA ASP A 113 -0.20 -6.94 5.28
C ASP A 113 1.05 -6.38 5.93
N ALA A 114 2.21 -6.69 5.36
CA ALA A 114 3.47 -6.19 5.90
C ALA A 114 3.55 -4.69 5.71
N TRP A 115 3.23 -4.23 4.51
CA TRP A 115 3.24 -2.81 4.18
C TRP A 115 2.27 -2.05 5.07
N VAL A 116 1.03 -2.52 5.17
CA VAL A 116 0.03 -1.87 5.99
C VAL A 116 0.51 -1.77 7.44
N GLN A 117 1.25 -2.79 7.87
CA GLN A 117 1.79 -2.82 9.23
C GLN A 117 3.05 -1.97 9.30
N ALA A 118 3.79 -1.92 8.20
CA ALA A 118 5.01 -1.12 8.14
C ALA A 118 4.70 0.35 8.26
N ILE A 119 3.72 0.81 7.48
CA ILE A 119 3.30 2.20 7.52
C ILE A 119 2.70 2.53 8.87
N GLU A 120 1.77 1.69 9.33
CA GLU A 120 1.14 1.90 10.63
C GLU A 120 2.16 1.78 11.75
N SER A 121 3.16 0.91 11.54
CA SER A 121 4.21 0.72 12.54
C SER A 121 5.05 1.98 12.67
N GLN A 122 5.41 2.56 11.53
CA GLN A 122 6.22 3.78 11.53
C GLN A 122 5.44 4.93 12.15
N ILE A 123 4.13 4.95 11.92
CA ILE A 123 3.27 5.99 12.45
C ILE A 123 3.08 5.81 13.95
N LEU A 124 3.02 4.57 14.40
CA LEU A 124 2.86 4.27 15.81
C LEU A 124 4.10 4.69 16.60
N ALA A 125 5.26 4.50 15.98
CA ALA A 125 6.52 4.85 16.62
C ALA A 125 6.75 6.36 16.59
N SER A 126 6.21 7.01 15.57
CA SER A 126 6.35 8.46 15.42
C SER A 126 5.34 9.20 16.29
N LEU A 127 4.15 8.60 16.44
CA LEU A 127 3.11 9.22 17.25
C LEU A 127 3.53 9.35 18.70
N GLN A 128 3.73 8.20 19.34
CA GLN A 128 4.15 8.17 20.74
C GLN A 128 5.67 8.10 20.86
N ARG A 1 22.12 4.34 10.51
CA ARG A 1 21.20 4.42 9.35
C ARG A 1 19.88 3.72 9.65
N ALA A 2 18.84 4.04 8.86
CA ALA A 2 17.54 3.44 9.05
C ALA A 2 17.46 2.08 8.37
N ILE A 3 16.50 1.27 8.80
CA ILE A 3 16.32 -0.07 8.24
C ILE A 3 15.01 -0.17 7.46
N PRO A 4 15.05 -0.75 6.25
CA PRO A 4 13.85 -0.90 5.40
C PRO A 4 12.86 -1.91 5.98
N ILE A 5 11.62 -1.48 6.13
CA ILE A 5 10.57 -2.36 6.66
C ILE A 5 9.86 -3.09 5.52
N LYS A 6 9.96 -2.55 4.30
CA LYS A 6 9.35 -3.15 3.13
C LYS A 6 9.72 -2.36 1.90
N GLN A 7 10.54 -2.93 1.06
CA GLN A 7 10.95 -2.25 -0.16
C GLN A 7 10.74 -3.15 -1.37
N SER A 8 9.76 -2.80 -2.19
CA SER A 8 9.44 -3.59 -3.38
C SER A 8 8.56 -2.80 -4.34
N PHE A 9 8.14 -3.46 -5.41
CA PHE A 9 7.28 -2.82 -6.41
C PHE A 9 5.82 -2.89 -6.00
N LEU A 10 5.09 -1.81 -6.27
CA LEU A 10 3.67 -1.75 -5.93
C LEU A 10 2.87 -1.23 -7.12
N LEU A 11 1.58 -1.52 -7.14
CA LEU A 11 0.73 -1.05 -8.23
C LEU A 11 0.11 0.29 -7.87
N LYS A 12 0.12 1.22 -8.81
CA LYS A 12 -0.43 2.56 -8.58
C LYS A 12 -1.51 2.90 -9.61
N ARG A 13 -2.76 2.95 -9.15
CA ARG A 13 -3.88 3.27 -10.01
C ARG A 13 -3.75 4.68 -10.59
N SER A 14 -4.02 4.81 -11.88
CA SER A 14 -3.94 6.11 -12.54
C SER A 14 -5.16 6.36 -13.42
N GLY A 15 -6.24 6.82 -12.80
CA GLY A 15 -7.46 7.08 -13.54
C GLY A 15 -8.67 7.27 -12.63
N ASN A 16 -9.85 7.27 -13.22
CA ASN A 16 -11.08 7.44 -12.46
C ASN A 16 -11.30 6.27 -11.49
N SER A 17 -12.37 6.35 -10.72
CA SER A 17 -12.70 5.29 -9.76
C SER A 17 -13.32 4.09 -10.45
N LEU A 18 -14.22 4.35 -11.39
CA LEU A 18 -14.89 3.29 -12.12
C LEU A 18 -13.91 2.52 -12.99
N ASN A 19 -13.03 3.26 -13.67
CA ASN A 19 -12.03 2.65 -14.54
C ASN A 19 -10.64 2.78 -13.93
N LYS A 20 -10.25 1.78 -13.15
CA LYS A 20 -8.94 1.79 -12.51
C LYS A 20 -7.86 1.27 -13.44
N GLU A 21 -6.62 1.65 -13.14
CA GLU A 21 -5.47 1.24 -13.95
C GLU A 21 -4.19 1.42 -13.14
N TRP A 22 -3.73 0.33 -12.55
CA TRP A 22 -2.52 0.36 -11.72
C TRP A 22 -1.28 0.00 -12.54
N LYS A 23 -0.25 0.82 -12.39
CA LYS A 23 1.01 0.60 -13.10
C LYS A 23 2.10 0.17 -12.14
N LYS A 24 3.11 -0.51 -12.65
CA LYS A 24 4.21 -1.00 -11.82
C LYS A 24 4.97 0.18 -11.21
N LYS A 25 5.02 0.23 -9.88
CA LYS A 25 5.71 1.30 -9.18
C LYS A 25 6.73 0.72 -8.20
N TYR A 26 7.39 1.59 -7.45
CA TYR A 26 8.40 1.18 -6.48
C TYR A 26 8.18 1.91 -5.17
N VAL A 27 8.19 1.16 -4.06
CA VAL A 27 7.99 1.75 -2.74
C VAL A 27 8.95 1.18 -1.72
N THR A 28 9.35 2.01 -0.77
CA THR A 28 10.25 1.58 0.29
C THR A 28 9.84 2.15 1.64
N LEU A 29 9.36 1.26 2.51
CA LEU A 29 8.97 1.65 3.85
C LEU A 29 10.20 1.52 4.73
N SER A 30 10.67 2.64 5.25
CA SER A 30 11.87 2.64 6.09
C SER A 30 11.53 2.80 7.56
N SER A 31 12.50 2.50 8.41
CA SER A 31 12.32 2.61 9.85
C SER A 31 12.46 4.06 10.32
N ASN A 32 12.69 4.97 9.35
CA ASN A 32 12.85 6.39 9.68
C ASN A 32 11.52 7.11 9.63
N GLY A 33 10.44 6.38 9.87
CA GLY A 33 9.12 6.97 9.85
C GLY A 33 8.87 7.71 8.55
N PHE A 34 9.34 7.13 7.45
CA PHE A 34 9.19 7.74 6.14
C PHE A 34 8.84 6.69 5.09
N LEU A 35 7.89 7.05 4.23
CA LEU A 35 7.47 6.16 3.15
C LEU A 35 7.78 6.80 1.80
N LEU A 36 8.64 6.14 1.03
CA LEU A 36 9.02 6.67 -0.28
C LEU A 36 8.54 5.75 -1.40
N TYR A 37 8.30 6.33 -2.57
CA TYR A 37 7.85 5.54 -3.71
C TYR A 37 8.20 6.24 -5.02
N HIS A 38 8.79 5.47 -5.94
CA HIS A 38 9.19 5.99 -7.24
C HIS A 38 8.40 5.32 -8.35
N PRO A 39 8.37 5.94 -9.55
CA PRO A 39 7.64 5.42 -10.71
C PRO A 39 8.08 3.99 -11.06
N SER A 40 9.37 3.71 -10.94
CA SER A 40 9.89 2.38 -11.26
C SER A 40 11.20 2.12 -10.50
N ILE A 41 11.81 0.97 -10.78
CA ILE A 41 13.07 0.59 -10.14
C ILE A 41 14.19 1.51 -10.57
N ASN A 42 14.27 1.81 -11.87
CA ASN A 42 15.30 2.69 -12.40
C ASN A 42 15.33 4.00 -11.61
N ASP A 43 14.19 4.35 -11.03
CA ASP A 43 14.08 5.57 -10.25
C ASP A 43 14.72 5.38 -8.87
N TYR A 44 14.49 4.21 -8.27
CA TYR A 44 15.05 3.90 -6.95
C TYR A 44 16.56 3.70 -7.06
N ILE A 45 16.95 2.85 -8.00
CA ILE A 45 18.37 2.56 -8.23
C ILE A 45 19.15 3.82 -8.57
N HIS A 46 18.76 4.43 -9.66
CA HIS A 46 19.40 5.65 -10.15
C HIS A 46 19.05 6.87 -9.32
N SER A 47 17.91 6.82 -8.63
CA SER A 47 17.46 7.92 -7.78
C SER A 47 16.89 9.06 -8.62
N THR A 48 15.69 8.84 -9.17
CA THR A 48 15.02 9.83 -9.98
C THR A 48 13.51 9.72 -9.81
N HIS A 49 12.90 10.77 -9.28
CA HIS A 49 11.46 10.76 -9.05
C HIS A 49 11.11 9.76 -7.95
N GLY A 50 11.16 10.22 -6.71
CA GLY A 50 10.86 9.37 -5.58
C GLY A 50 10.15 10.13 -4.48
N LYS A 51 8.83 10.13 -4.54
CA LYS A 51 8.02 10.83 -3.55
C LYS A 51 8.12 10.18 -2.18
N GLU A 52 8.13 11.01 -1.14
CA GLU A 52 8.21 10.55 0.24
C GLU A 52 7.15 11.21 1.10
N MET A 53 6.88 10.64 2.26
CA MET A 53 5.86 11.18 3.15
C MET A 53 6.23 10.95 4.61
N ASP A 54 5.74 11.82 5.48
CA ASP A 54 5.99 11.69 6.91
C ASP A 54 5.01 10.69 7.51
N LEU A 55 5.55 9.70 8.22
CA LEU A 55 4.71 8.67 8.82
C LEU A 55 4.27 9.05 10.23
N LEU A 56 4.27 10.34 10.54
CA LEU A 56 3.87 10.80 11.86
C LEU A 56 2.34 10.92 11.95
N ARG A 57 1.78 11.79 11.11
CA ARG A 57 0.35 12.01 11.09
C ARG A 57 -0.26 11.41 9.81
N THR A 58 0.05 10.15 9.54
CA THR A 58 -0.45 9.47 8.35
C THR A 58 -1.59 8.53 8.71
N THR A 59 -2.36 8.15 7.70
CA THR A 59 -3.48 7.24 7.88
C THR A 59 -3.52 6.19 6.78
N VAL A 60 -4.31 5.15 6.98
CA VAL A 60 -4.43 4.09 5.99
C VAL A 60 -5.89 3.85 5.63
N LYS A 61 -6.17 3.77 4.34
CA LYS A 61 -7.54 3.55 3.86
C LYS A 61 -7.64 2.28 3.02
N VAL A 62 -8.87 1.81 2.84
CA VAL A 62 -9.13 0.60 2.06
C VAL A 62 -10.47 0.69 1.32
N PRO A 63 -10.44 0.97 0.01
CA PRO A 63 -11.65 1.09 -0.80
C PRO A 63 -12.14 -0.25 -1.34
N GLY A 64 -13.41 -0.55 -1.10
CA GLY A 64 -13.99 -1.79 -1.59
C GLY A 64 -13.95 -2.90 -0.55
N LYS A 65 -12.99 -2.82 0.38
CA LYS A 65 -12.86 -3.84 1.41
C LYS A 65 -12.57 -3.21 2.77
N ARG A 66 -12.64 -4.02 3.81
CA ARG A 66 -12.40 -3.56 5.18
C ARG A 66 -10.90 -3.54 5.47
N PRO A 67 -10.49 -2.93 6.61
CA PRO A 67 -9.09 -2.84 6.99
C PRO A 67 -8.40 -4.21 6.98
N PRO A 68 -7.23 -4.32 6.32
CA PRO A 68 -6.49 -5.59 6.24
C PRO A 68 -6.06 -6.09 7.60
N ARG A 69 -6.96 -6.79 8.27
CA ARG A 69 -6.68 -7.34 9.60
C ARG A 69 -7.35 -8.70 9.78
N ALA A 70 -6.83 -9.49 10.72
CA ALA A 70 -7.37 -10.82 10.98
C ALA A 70 -8.72 -10.73 11.68
N ILE A 71 -8.91 -9.66 12.45
CA ILE A 71 -10.16 -9.47 13.18
C ILE A 71 -11.24 -8.90 12.27
N SER A 72 -10.83 -8.13 11.26
CA SER A 72 -11.76 -7.52 10.32
C SER A 72 -12.70 -6.56 11.03
N ALA A 73 -13.09 -5.49 10.33
CA ALA A 73 -13.99 -4.49 10.89
C ALA A 73 -15.44 -4.79 10.59
N PHE A 74 -15.71 -6.03 10.20
CA PHE A 74 -17.07 -6.46 9.87
C PHE A 74 -17.20 -7.98 9.97
N GLY A 75 -18.33 -8.43 10.49
CA GLY A 75 -18.57 -9.86 10.63
C GLY A 75 -19.86 -10.16 11.35
N PRO A 76 -21.01 -9.70 10.82
CA PRO A 76 -22.32 -9.94 11.44
C PRO A 76 -22.81 -11.36 11.21
N SER A 77 -22.43 -11.95 10.09
CA SER A 77 -22.83 -13.31 9.75
C SER A 77 -21.61 -14.21 9.57
N ALA A 78 -21.82 -15.51 9.72
CA ALA A 78 -20.74 -16.48 9.57
C ALA A 78 -20.58 -16.90 8.11
N SER A 79 -21.69 -16.91 7.38
CA SER A 79 -21.67 -17.29 5.97
C SER A 79 -22.59 -16.39 5.15
N GLY A 80 -22.13 -15.18 4.87
CA GLY A 80 -22.92 -14.24 4.09
C GLY A 80 -22.86 -14.52 2.61
N SER A 81 -23.91 -15.13 2.07
CA SER A 81 -23.98 -15.46 0.66
C SER A 81 -24.00 -14.19 -0.20
N ALA A 82 -23.98 -14.37 -1.51
CA ALA A 82 -24.00 -13.24 -2.43
C ALA A 82 -22.77 -12.34 -2.23
N GLY A 83 -22.43 -11.59 -3.26
CA GLY A 83 -21.28 -10.70 -3.17
C GLY A 83 -20.48 -10.67 -4.47
N GLN A 84 -19.90 -11.81 -4.83
CA GLN A 84 -19.09 -11.92 -6.03
C GLN A 84 -17.91 -10.96 -5.99
N ALA A 85 -16.81 -11.42 -5.40
CA ALA A 85 -15.61 -10.60 -5.28
C ALA A 85 -14.36 -11.42 -5.57
N GLU A 86 -13.22 -10.75 -5.67
CA GLU A 86 -11.96 -11.42 -5.93
C GLU A 86 -11.27 -11.83 -4.63
N GLU A 87 -11.13 -13.13 -4.44
CA GLU A 87 -10.50 -13.67 -3.23
C GLU A 87 -9.06 -13.16 -3.11
N GLU A 88 -8.45 -12.81 -4.24
CA GLU A 88 -7.08 -12.32 -4.25
C GLU A 88 -7.04 -10.83 -4.58
N ASN A 89 -7.56 -10.01 -3.68
CA ASN A 89 -7.58 -8.57 -3.88
C ASN A 89 -7.06 -7.85 -2.64
N PHE A 90 -5.82 -7.36 -2.73
CA PHE A 90 -5.19 -6.65 -1.62
C PHE A 90 -4.76 -5.24 -2.05
N GLU A 91 -5.34 -4.24 -1.41
CA GLU A 91 -5.03 -2.84 -1.73
C GLU A 91 -5.11 -1.97 -0.47
N PHE A 92 -4.09 -1.16 -0.24
CA PHE A 92 -4.06 -0.28 0.92
C PHE A 92 -3.72 1.15 0.52
N LEU A 93 -4.34 2.11 1.18
CA LEU A 93 -4.12 3.53 0.88
C LEU A 93 -3.25 4.18 1.95
N ILE A 94 -2.49 5.20 1.55
CA ILE A 94 -1.61 5.92 2.47
C ILE A 94 -1.90 7.40 2.45
N VAL A 95 -2.42 7.94 3.55
CA VAL A 95 -2.73 9.37 3.62
C VAL A 95 -1.70 10.12 4.45
N SER A 96 -1.18 11.20 3.88
CA SER A 96 -0.20 12.03 4.57
C SER A 96 -0.87 13.18 5.30
N SER A 97 -0.07 14.07 5.86
CA SER A 97 -0.59 15.22 6.59
C SER A 97 -1.02 16.33 5.63
N THR A 98 -0.47 16.31 4.42
CA THR A 98 -0.81 17.32 3.42
C THR A 98 -1.86 16.81 2.45
N GLY A 99 -2.65 15.84 2.90
CA GLY A 99 -3.70 15.28 2.07
C GLY A 99 -3.19 14.33 1.01
N GLN A 100 -1.87 14.23 0.84
CA GLN A 100 -1.29 13.34 -0.15
C GLN A 100 -1.72 11.90 0.11
N THR A 101 -2.42 11.31 -0.85
CA THR A 101 -2.90 9.94 -0.72
C THR A 101 -2.25 9.01 -1.74
N TRP A 102 -1.47 8.06 -1.24
CA TRP A 102 -0.80 7.09 -2.09
C TRP A 102 -1.54 5.76 -2.08
N HIS A 103 -2.24 5.45 -3.15
CA HIS A 103 -2.96 4.19 -3.22
C HIS A 103 -2.11 3.15 -3.91
N PHE A 104 -1.75 2.09 -3.18
CA PHE A 104 -0.92 1.03 -3.74
C PHE A 104 -1.60 -0.32 -3.64
N GLU A 105 -1.14 -1.24 -4.49
CA GLU A 105 -1.67 -2.60 -4.52
C GLU A 105 -0.51 -3.59 -4.41
N ALA A 106 -0.35 -4.19 -3.24
CA ALA A 106 0.72 -5.14 -2.99
C ALA A 106 0.75 -6.24 -4.06
N ALA A 107 1.93 -6.47 -4.61
CA ALA A 107 2.12 -7.50 -5.63
C ALA A 107 1.95 -8.89 -5.01
N SER A 108 2.41 -9.03 -3.77
CA SER A 108 2.33 -10.29 -3.06
C SER A 108 1.31 -10.17 -1.93
N PHE A 109 0.63 -11.29 -1.63
CA PHE A 109 -0.37 -11.30 -0.57
C PHE A 109 0.26 -11.06 0.80
N GLU A 110 1.48 -11.55 0.98
CA GLU A 110 2.19 -11.39 2.24
C GLU A 110 2.70 -9.95 2.39
N GLU A 111 3.05 -9.34 1.26
CA GLU A 111 3.56 -7.98 1.25
C GLU A 111 2.47 -6.97 1.59
N ARG A 112 1.25 -7.22 1.15
CA ARG A 112 0.14 -6.31 1.41
C ARG A 112 -0.04 -6.07 2.91
N ASP A 113 0.13 -7.14 3.69
CA ASP A 113 -0.01 -7.03 5.14
C ASP A 113 1.23 -6.37 5.74
N ALA A 114 2.41 -6.84 5.34
CA ALA A 114 3.66 -6.27 5.82
C ALA A 114 3.67 -4.76 5.63
N TRP A 115 3.40 -4.33 4.40
CA TRP A 115 3.36 -2.91 4.09
C TRP A 115 2.36 -2.18 4.97
N VAL A 116 1.12 -2.67 5.00
CA VAL A 116 0.08 -2.05 5.82
C VAL A 116 0.55 -1.98 7.27
N GLN A 117 1.32 -2.98 7.69
CA GLN A 117 1.84 -3.00 9.05
C GLN A 117 3.07 -2.10 9.16
N ALA A 118 3.78 -1.96 8.05
CA ALA A 118 4.97 -1.12 8.02
C ALA A 118 4.59 0.34 8.18
N ILE A 119 3.60 0.77 7.43
CA ILE A 119 3.11 2.13 7.50
C ILE A 119 2.49 2.41 8.87
N GLU A 120 1.62 1.51 9.30
CA GLU A 120 0.97 1.66 10.60
C GLU A 120 2.00 1.55 11.73
N SER A 121 3.03 0.73 11.51
CA SER A 121 4.08 0.55 12.52
C SER A 121 4.90 1.83 12.65
N GLN A 122 5.21 2.43 11.51
CA GLN A 122 5.98 3.67 11.52
C GLN A 122 5.20 4.80 12.17
N ILE A 123 3.87 4.74 12.03
CA ILE A 123 3.00 5.75 12.62
C ILE A 123 2.92 5.59 14.13
N LEU A 124 2.90 4.34 14.59
CA LEU A 124 2.83 4.06 16.02
C LEU A 124 4.12 4.46 16.71
N ALA A 125 5.24 4.29 16.02
CA ALA A 125 6.55 4.64 16.57
C ALA A 125 6.76 6.15 16.54
N SER A 126 6.18 6.80 15.55
CA SER A 126 6.31 8.24 15.40
C SER A 126 5.39 8.98 16.37
N LEU A 127 4.26 8.37 16.69
CA LEU A 127 3.30 8.96 17.62
C LEU A 127 3.88 9.05 19.02
N GLN A 128 4.75 8.10 19.36
CA GLN A 128 5.38 8.07 20.67
C GLN A 128 6.40 9.20 20.82
N ARG A 1 21.54 4.50 11.67
CA ARG A 1 20.70 4.36 10.45
C ARG A 1 19.48 3.50 10.72
N ALA A 2 18.52 3.55 9.78
CA ALA A 2 17.30 2.77 9.93
C ALA A 2 17.36 1.49 9.10
N ILE A 3 16.32 0.67 9.20
CA ILE A 3 16.26 -0.58 8.46
C ILE A 3 14.97 -0.67 7.64
N PRO A 4 15.06 -1.16 6.39
CA PRO A 4 13.89 -1.28 5.52
C PRO A 4 12.81 -2.19 6.10
N ILE A 5 11.60 -1.68 6.18
CA ILE A 5 10.47 -2.43 6.72
C ILE A 5 9.73 -3.17 5.61
N LYS A 6 9.91 -2.71 4.36
CA LYS A 6 9.28 -3.34 3.20
C LYS A 6 9.69 -2.59 1.95
N GLN A 7 10.49 -3.22 1.13
CA GLN A 7 10.92 -2.58 -0.10
C GLN A 7 10.68 -3.50 -1.30
N SER A 8 9.73 -3.13 -2.14
CA SER A 8 9.40 -3.93 -3.31
C SER A 8 8.55 -3.14 -4.30
N PHE A 9 8.11 -3.81 -5.36
CA PHE A 9 7.29 -3.18 -6.38
C PHE A 9 5.82 -3.16 -5.98
N LEU A 10 5.15 -2.06 -6.28
CA LEU A 10 3.73 -1.92 -5.94
C LEU A 10 2.96 -1.42 -7.15
N LEU A 11 1.66 -1.70 -7.18
CA LEU A 11 0.81 -1.25 -8.27
C LEU A 11 0.16 0.08 -7.92
N LYS A 12 0.04 0.96 -8.90
CA LYS A 12 -0.56 2.28 -8.67
C LYS A 12 -1.56 2.63 -9.77
N ARG A 13 -2.84 2.67 -9.41
CA ARG A 13 -3.90 3.00 -10.36
C ARG A 13 -3.64 4.35 -11.02
N SER A 14 -4.07 4.47 -12.28
CA SER A 14 -3.89 5.70 -13.02
C SER A 14 -4.92 5.83 -14.14
N GLY A 15 -6.10 5.25 -13.91
CA GLY A 15 -7.16 5.31 -14.91
C GLY A 15 -8.47 5.81 -14.34
N ASN A 16 -9.58 5.34 -14.91
CA ASN A 16 -10.90 5.74 -14.46
C ASN A 16 -11.33 4.94 -13.24
N SER A 17 -12.46 5.31 -12.66
CA SER A 17 -12.99 4.63 -11.49
C SER A 17 -13.58 3.27 -11.86
N LEU A 18 -14.30 3.23 -12.99
CA LEU A 18 -14.92 2.01 -13.46
C LEU A 18 -13.88 1.08 -14.09
N ASN A 19 -12.89 1.67 -14.75
CA ASN A 19 -11.83 0.90 -15.39
C ASN A 19 -10.47 1.28 -14.84
N LYS A 20 -10.14 0.76 -13.67
CA LYS A 20 -8.86 1.04 -13.03
C LYS A 20 -7.70 0.62 -13.92
N GLU A 21 -6.50 1.06 -13.55
CA GLU A 21 -5.30 0.73 -14.30
C GLU A 21 -4.07 1.04 -13.46
N TRP A 22 -3.53 0.00 -12.83
CA TRP A 22 -2.37 0.15 -11.97
C TRP A 22 -1.08 -0.14 -12.74
N LYS A 23 -0.06 0.67 -12.48
CA LYS A 23 1.23 0.51 -13.14
C LYS A 23 2.29 0.07 -12.14
N LYS A 24 3.31 -0.65 -12.62
CA LYS A 24 4.37 -1.14 -11.75
C LYS A 24 5.14 0.02 -11.13
N LYS A 25 5.22 0.02 -9.81
CA LYS A 25 5.92 1.07 -9.07
C LYS A 25 6.98 0.47 -8.16
N TYR A 26 7.64 1.32 -7.39
CA TYR A 26 8.69 0.88 -6.47
C TYR A 26 8.58 1.62 -5.15
N VAL A 27 8.28 0.89 -4.07
CA VAL A 27 8.13 1.50 -2.76
C VAL A 27 9.09 0.89 -1.74
N THR A 28 9.54 1.71 -0.81
CA THR A 28 10.42 1.25 0.24
C THR A 28 10.04 1.88 1.58
N LEU A 29 9.53 1.04 2.47
CA LEU A 29 9.15 1.46 3.79
C LEU A 29 10.37 1.30 4.70
N SER A 30 10.84 2.40 5.25
CA SER A 30 12.01 2.37 6.11
C SER A 30 11.63 2.56 7.57
N SER A 31 12.54 2.18 8.46
CA SER A 31 12.31 2.31 9.89
C SER A 31 12.48 3.76 10.35
N ASN A 32 12.75 4.67 9.40
CA ASN A 32 12.93 6.08 9.71
C ASN A 32 11.62 6.84 9.62
N GLY A 33 10.52 6.12 9.81
CA GLY A 33 9.22 6.75 9.73
C GLY A 33 9.04 7.50 8.44
N PHE A 34 9.49 6.90 7.35
CA PHE A 34 9.40 7.54 6.05
C PHE A 34 9.02 6.53 4.96
N LEU A 35 7.92 6.82 4.27
CA LEU A 35 7.45 5.96 3.19
C LEU A 35 7.87 6.54 1.85
N LEU A 36 8.70 5.80 1.11
CA LEU A 36 9.17 6.27 -0.19
C LEU A 36 8.63 5.42 -1.32
N TYR A 37 8.39 6.05 -2.47
CA TYR A 37 7.89 5.35 -3.64
C TYR A 37 8.23 6.14 -4.91
N HIS A 38 8.75 5.42 -5.90
CA HIS A 38 9.13 6.04 -7.16
C HIS A 38 8.37 5.41 -8.33
N PRO A 39 8.30 6.11 -9.48
CA PRO A 39 7.60 5.60 -10.67
C PRO A 39 8.05 4.19 -11.05
N SER A 40 9.32 3.91 -10.85
CA SER A 40 9.87 2.58 -11.17
C SER A 40 11.22 2.39 -10.49
N ILE A 41 11.86 1.25 -10.78
CA ILE A 41 13.16 0.94 -10.19
C ILE A 41 14.21 1.95 -10.65
N ASN A 42 14.20 2.28 -11.93
CA ASN A 42 15.16 3.25 -12.47
C ASN A 42 15.13 4.54 -11.64
N ASP A 43 13.97 4.81 -11.05
CA ASP A 43 13.81 6.00 -10.22
C ASP A 43 14.47 5.79 -8.85
N TYR A 44 14.34 4.58 -8.32
CA TYR A 44 14.92 4.25 -7.02
C TYR A 44 16.44 4.17 -7.12
N ILE A 45 16.90 3.39 -8.10
CA ILE A 45 18.32 3.21 -8.34
C ILE A 45 19.00 4.54 -8.66
N HIS A 46 18.57 5.14 -9.73
CA HIS A 46 19.11 6.40 -10.22
C HIS A 46 18.68 7.59 -9.36
N SER A 47 17.55 7.44 -8.67
CA SER A 47 17.04 8.50 -7.81
C SER A 47 16.36 9.60 -8.61
N THR A 48 15.17 9.31 -9.12
CA THR A 48 14.41 10.26 -9.91
C THR A 48 13.05 10.55 -9.26
N HIS A 49 12.79 11.83 -8.99
CA HIS A 49 11.55 12.25 -8.36
C HIS A 49 11.52 11.83 -6.90
N GLY A 50 11.60 10.53 -6.68
CA GLY A 50 11.60 9.99 -5.34
C GLY A 50 10.55 10.61 -4.44
N LYS A 51 9.35 10.02 -4.44
CA LYS A 51 8.26 10.51 -3.62
C LYS A 51 8.37 9.96 -2.20
N GLU A 52 8.25 10.85 -1.21
CA GLU A 52 8.34 10.46 0.19
C GLU A 52 7.19 11.06 1.00
N MET A 53 6.55 10.22 1.81
CA MET A 53 5.44 10.66 2.63
C MET A 53 5.77 10.46 4.11
N ASP A 54 5.74 11.56 4.86
CA ASP A 54 6.03 11.51 6.29
C ASP A 54 5.11 10.53 7.01
N LEU A 55 5.68 9.64 7.81
CA LEU A 55 4.89 8.66 8.54
C LEU A 55 4.56 9.13 9.95
N LEU A 56 4.56 10.45 10.14
CA LEU A 56 4.26 11.02 11.45
C LEU A 56 2.74 11.12 11.66
N ARG A 57 2.08 11.83 10.76
CA ARG A 57 0.63 12.01 10.84
C ARG A 57 -0.04 11.43 9.60
N THR A 58 0.23 10.16 9.32
CA THR A 58 -0.35 9.49 8.17
C THR A 58 -1.44 8.51 8.58
N THR A 59 -2.28 8.12 7.62
CA THR A 59 -3.36 7.20 7.88
C THR A 59 -3.39 6.09 6.83
N VAL A 60 -4.19 5.06 7.10
CA VAL A 60 -4.31 3.93 6.18
C VAL A 60 -5.77 3.67 5.83
N LYS A 61 -6.09 3.66 4.54
CA LYS A 61 -7.45 3.43 4.09
C LYS A 61 -7.50 2.41 2.97
N VAL A 62 -8.69 1.87 2.72
CA VAL A 62 -8.89 0.88 1.67
C VAL A 62 -9.82 1.42 0.57
N PRO A 63 -9.50 1.16 -0.71
CA PRO A 63 -10.31 1.64 -1.83
C PRO A 63 -11.78 1.24 -1.72
N GLY A 64 -12.56 2.04 -1.00
CA GLY A 64 -13.98 1.76 -0.83
C GLY A 64 -14.24 0.72 0.24
N LYS A 65 -13.62 -0.45 0.09
CA LYS A 65 -13.80 -1.53 1.05
C LYS A 65 -13.30 -1.13 2.43
N ARG A 66 -13.56 -1.98 3.42
CA ARG A 66 -13.13 -1.73 4.78
C ARG A 66 -11.80 -2.41 5.07
N PRO A 67 -11.16 -2.09 6.21
CA PRO A 67 -9.87 -2.68 6.58
C PRO A 67 -9.89 -4.20 6.52
N PRO A 68 -8.86 -4.81 5.91
CA PRO A 68 -8.77 -6.27 5.79
C PRO A 68 -8.51 -6.96 7.13
N ARG A 69 -8.67 -8.28 7.16
CA ARG A 69 -8.46 -9.05 8.36
C ARG A 69 -7.88 -10.42 8.03
N ALA A 70 -6.60 -10.61 8.35
CA ALA A 70 -5.92 -11.88 8.09
C ALA A 70 -6.61 -13.03 8.80
N ILE A 71 -6.81 -12.87 10.10
CA ILE A 71 -7.46 -13.91 10.89
C ILE A 71 -8.79 -14.32 10.28
N SER A 72 -9.11 -15.59 10.43
CA SER A 72 -10.34 -16.15 9.90
C SER A 72 -11.05 -17.01 10.94
N ALA A 73 -11.19 -16.47 12.15
CA ALA A 73 -11.84 -17.20 13.23
C ALA A 73 -13.34 -16.88 13.31
N PHE A 74 -13.86 -16.33 12.22
CA PHE A 74 -15.28 -15.98 12.15
C PHE A 74 -16.15 -17.22 12.27
N GLY A 75 -17.46 -17.01 12.31
CA GLY A 75 -18.39 -18.12 12.43
C GLY A 75 -18.63 -18.81 11.10
N PRO A 76 -19.70 -19.63 11.01
CA PRO A 76 -20.02 -20.35 9.77
C PRO A 76 -20.10 -19.42 8.56
N SER A 77 -19.20 -19.63 7.61
CA SER A 77 -19.17 -18.81 6.40
C SER A 77 -19.00 -19.68 5.16
N ALA A 78 -20.10 -20.26 4.69
CA ALA A 78 -20.08 -21.11 3.51
C ALA A 78 -20.01 -20.28 2.23
N SER A 79 -20.56 -19.07 2.29
CA SER A 79 -20.55 -18.18 1.13
C SER A 79 -21.31 -18.80 -0.04
N GLY A 80 -22.64 -18.71 0.03
CA GLY A 80 -23.48 -19.26 -1.03
C GLY A 80 -23.56 -18.35 -2.24
N SER A 81 -22.74 -18.62 -3.25
CA SER A 81 -22.71 -17.82 -4.46
C SER A 81 -22.35 -16.37 -4.16
N ALA A 82 -21.09 -16.02 -4.40
CA ALA A 82 -20.62 -14.67 -4.16
C ALA A 82 -21.06 -13.72 -5.26
N GLY A 83 -20.64 -12.46 -5.17
CA GLY A 83 -21.00 -11.47 -6.16
C GLY A 83 -19.83 -11.02 -7.00
N GLN A 84 -19.06 -10.07 -6.48
CA GLN A 84 -17.89 -9.55 -7.19
C GLN A 84 -16.81 -10.62 -7.30
N ALA A 85 -16.75 -11.51 -6.32
CA ALA A 85 -15.76 -12.58 -6.30
C ALA A 85 -14.35 -12.02 -6.23
N GLU A 86 -14.21 -10.87 -5.56
CA GLU A 86 -12.90 -10.22 -5.42
C GLU A 86 -12.64 -9.86 -3.96
N GLU A 87 -13.18 -10.66 -3.04
CA GLU A 87 -13.00 -10.43 -1.62
C GLU A 87 -11.52 -10.44 -1.24
N GLU A 88 -10.71 -11.11 -2.05
CA GLU A 88 -9.27 -11.20 -1.80
C GLU A 88 -8.53 -9.98 -2.34
N ASN A 89 -9.27 -8.94 -2.74
CA ASN A 89 -8.66 -7.73 -3.27
C ASN A 89 -7.75 -7.09 -2.23
N PHE A 90 -6.44 -7.15 -2.47
CA PHE A 90 -5.47 -6.58 -1.54
C PHE A 90 -4.95 -5.23 -2.05
N GLU A 91 -5.43 -4.16 -1.43
CA GLU A 91 -5.03 -2.81 -1.81
C GLU A 91 -5.13 -1.87 -0.60
N PHE A 92 -4.06 -1.12 -0.34
CA PHE A 92 -4.04 -0.20 0.79
C PHE A 92 -3.70 1.22 0.35
N LEU A 93 -4.16 2.20 1.11
CA LEU A 93 -3.91 3.61 0.79
C LEU A 93 -3.11 4.29 1.90
N ILE A 94 -2.21 5.20 1.50
CA ILE A 94 -1.39 5.94 2.45
C ILE A 94 -1.73 7.42 2.42
N VAL A 95 -2.38 7.91 3.48
CA VAL A 95 -2.76 9.31 3.54
C VAL A 95 -1.81 10.12 4.42
N SER A 96 -1.39 11.27 3.91
CA SER A 96 -0.50 12.15 4.65
C SER A 96 -1.28 13.29 5.29
N SER A 97 -0.57 14.23 5.90
CA SER A 97 -1.21 15.36 6.55
C SER A 97 -1.51 16.49 5.57
N THR A 98 -1.07 16.33 4.32
CA THR A 98 -1.31 17.36 3.30
C THR A 98 -2.33 16.87 2.28
N GLY A 99 -3.15 15.91 2.67
CA GLY A 99 -4.17 15.38 1.78
C GLY A 99 -3.63 14.37 0.79
N GLN A 100 -2.31 14.35 0.58
CA GLN A 100 -1.70 13.41 -0.35
C GLN A 100 -2.05 11.97 0.02
N THR A 101 -2.48 11.19 -0.96
CA THR A 101 -2.85 9.81 -0.72
C THR A 101 -2.18 8.87 -1.73
N TRP A 102 -1.30 8.00 -1.22
CA TRP A 102 -0.60 7.04 -2.06
C TRP A 102 -1.35 5.72 -2.07
N HIS A 103 -2.02 5.43 -3.17
CA HIS A 103 -2.75 4.18 -3.28
C HIS A 103 -1.91 3.10 -3.96
N PHE A 104 -1.61 2.04 -3.23
CA PHE A 104 -0.80 0.96 -3.78
C PHE A 104 -1.49 -0.39 -3.67
N GLU A 105 -1.03 -1.33 -4.48
CA GLU A 105 -1.55 -2.69 -4.48
C GLU A 105 -0.42 -3.69 -4.33
N ALA A 106 -0.33 -4.29 -3.15
CA ALA A 106 0.72 -5.26 -2.86
C ALA A 106 0.75 -6.39 -3.89
N ALA A 107 1.93 -6.64 -4.45
CA ALA A 107 2.09 -7.71 -5.43
C ALA A 107 1.77 -9.07 -4.82
N SER A 108 2.05 -9.21 -3.53
CA SER A 108 1.79 -10.44 -2.81
C SER A 108 0.78 -10.22 -1.69
N PHE A 109 0.09 -11.28 -1.31
CA PHE A 109 -0.91 -11.18 -0.25
C PHE A 109 -0.26 -10.86 1.09
N GLU A 110 0.82 -11.55 1.41
CA GLU A 110 1.53 -11.33 2.66
C GLU A 110 2.16 -9.95 2.69
N GLU A 111 2.58 -9.47 1.52
CA GLU A 111 3.22 -8.16 1.41
C GLU A 111 2.23 -7.04 1.73
N ARG A 112 0.97 -7.24 1.37
CA ARG A 112 -0.06 -6.24 1.61
C ARG A 112 -0.15 -5.90 3.09
N ASP A 113 -0.22 -6.93 3.93
CA ASP A 113 -0.32 -6.73 5.37
C ASP A 113 0.99 -6.15 5.91
N ALA A 114 2.11 -6.67 5.44
CA ALA A 114 3.42 -6.19 5.88
C ALA A 114 3.52 -4.68 5.68
N TRP A 115 3.26 -4.24 4.46
CA TRP A 115 3.30 -2.82 4.12
C TRP A 115 2.34 -2.03 5.01
N VAL A 116 1.08 -2.45 5.04
CA VAL A 116 0.09 -1.77 5.85
C VAL A 116 0.54 -1.72 7.31
N GLN A 117 1.26 -2.77 7.72
CA GLN A 117 1.78 -2.85 9.08
C GLN A 117 3.04 -2.01 9.21
N ALA A 118 3.78 -1.89 8.12
CA ALA A 118 5.01 -1.11 8.10
C ALA A 118 4.71 0.37 8.24
N ILE A 119 3.74 0.84 7.46
CA ILE A 119 3.33 2.23 7.51
C ILE A 119 2.71 2.55 8.86
N GLU A 120 1.80 1.68 9.31
CA GLU A 120 1.15 1.87 10.60
C GLU A 120 2.16 1.75 11.73
N SER A 121 3.15 0.89 11.53
CA SER A 121 4.20 0.67 12.52
C SER A 121 5.07 1.91 12.65
N GLN A 122 5.48 2.45 11.52
CA GLN A 122 6.31 3.65 11.49
C GLN A 122 5.57 4.82 12.13
N ILE A 123 4.26 4.85 11.94
CA ILE A 123 3.43 5.91 12.49
C ILE A 123 3.25 5.72 13.99
N LEU A 124 3.17 4.47 14.42
CA LEU A 124 3.01 4.15 15.84
C LEU A 124 4.28 4.50 16.62
N ALA A 125 5.43 4.28 15.98
CA ALA A 125 6.71 4.58 16.62
C ALA A 125 7.00 6.08 16.61
N SER A 126 6.50 6.76 15.59
CA SER A 126 6.70 8.20 15.46
C SER A 126 5.70 8.96 16.32
N LEU A 127 4.52 8.37 16.52
CA LEU A 127 3.48 9.00 17.33
C LEU A 127 3.97 9.24 18.75
N GLN A 128 4.86 8.38 19.22
CA GLN A 128 5.41 8.49 20.57
C GLN A 128 6.92 8.25 20.56
N ARG A 1 21.04 3.52 12.85
CA ARG A 1 20.49 4.07 11.59
C ARG A 1 19.12 3.48 11.27
N ALA A 2 18.57 3.84 10.12
CA ALA A 2 17.27 3.34 9.69
C ALA A 2 17.42 2.06 8.87
N ILE A 3 16.51 1.12 9.09
CA ILE A 3 16.54 -0.15 8.37
C ILE A 3 15.26 -0.35 7.57
N PRO A 4 15.38 -0.72 6.27
CA PRO A 4 14.22 -0.95 5.40
C PRO A 4 13.25 -1.96 5.98
N ILE A 5 12.01 -1.54 6.12
CA ILE A 5 10.96 -2.40 6.64
C ILE A 5 10.40 -3.27 5.52
N LYS A 6 10.33 -2.69 4.33
CA LYS A 6 9.87 -3.40 3.14
C LYS A 6 10.04 -2.53 1.93
N GLN A 7 10.95 -2.92 1.08
CA GLN A 7 11.22 -2.21 -0.16
C GLN A 7 10.99 -3.13 -1.34
N SER A 8 9.91 -2.89 -2.08
CA SER A 8 9.59 -3.71 -3.24
C SER A 8 8.71 -2.95 -4.23
N PHE A 9 8.28 -3.64 -5.28
CA PHE A 9 7.43 -3.02 -6.29
C PHE A 9 5.95 -3.05 -5.88
N LEU A 10 5.23 -2.01 -6.25
CA LEU A 10 3.81 -1.89 -5.94
C LEU A 10 3.03 -1.42 -7.15
N LEU A 11 1.73 -1.64 -7.16
CA LEU A 11 0.88 -1.21 -8.27
C LEU A 11 0.22 0.12 -7.93
N LYS A 12 0.11 1.00 -8.92
CA LYS A 12 -0.51 2.32 -8.71
C LYS A 12 -1.59 2.59 -9.75
N ARG A 13 -2.84 2.58 -9.31
CA ARG A 13 -3.97 2.84 -10.21
C ARG A 13 -3.87 4.23 -10.81
N SER A 14 -4.36 4.37 -12.04
CA SER A 14 -4.33 5.66 -12.74
C SER A 14 -5.60 5.88 -13.53
N GLY A 15 -6.51 6.67 -12.97
CA GLY A 15 -7.77 6.95 -13.64
C GLY A 15 -8.94 7.05 -12.67
N ASN A 16 -10.08 6.50 -13.06
CA ASN A 16 -11.27 6.54 -12.23
C ASN A 16 -11.41 5.24 -11.42
N SER A 17 -12.51 5.12 -10.70
CA SER A 17 -12.76 3.94 -9.89
C SER A 17 -13.35 2.81 -10.73
N LEU A 18 -14.28 3.16 -11.61
CA LEU A 18 -14.92 2.18 -12.48
C LEU A 18 -13.90 1.53 -13.41
N ASN A 19 -13.00 2.36 -13.95
CA ASN A 19 -11.97 1.87 -14.86
C ASN A 19 -10.59 1.98 -14.21
N LYS A 20 -10.24 1.00 -13.39
CA LYS A 20 -8.96 1.00 -12.70
C LYS A 20 -7.84 0.56 -13.63
N GLU A 21 -6.62 0.93 -13.29
CA GLU A 21 -5.44 0.58 -14.07
C GLU A 21 -4.18 0.90 -13.28
N TRP A 22 -3.62 -0.14 -12.68
CA TRP A 22 -2.42 0.02 -11.86
C TRP A 22 -1.15 -0.27 -12.67
N LYS A 23 -0.10 0.50 -12.38
CA LYS A 23 1.18 0.33 -13.06
C LYS A 23 2.27 -0.06 -12.07
N LYS A 24 3.32 -0.68 -12.58
CA LYS A 24 4.44 -1.11 -11.74
C LYS A 24 5.12 0.08 -11.09
N LYS A 25 5.27 0.02 -9.77
CA LYS A 25 5.91 1.10 -9.01
C LYS A 25 7.00 0.53 -8.10
N TYR A 26 7.60 1.41 -7.30
CA TYR A 26 8.66 1.01 -6.38
C TYR A 26 8.52 1.73 -5.05
N VAL A 27 8.25 0.98 -3.99
CA VAL A 27 8.08 1.56 -2.66
C VAL A 27 9.10 1.01 -1.68
N THR A 28 9.48 1.85 -0.71
CA THR A 28 10.41 1.45 0.32
C THR A 28 9.99 1.97 1.68
N LEU A 29 9.56 1.07 2.54
CA LEU A 29 9.17 1.43 3.88
C LEU A 29 10.39 1.40 4.77
N SER A 30 10.79 2.55 5.27
CA SER A 30 11.97 2.66 6.12
C SER A 30 11.60 2.76 7.58
N SER A 31 12.53 2.35 8.44
CA SER A 31 12.31 2.41 9.88
C SER A 31 12.44 3.85 10.39
N ASN A 32 12.74 4.78 9.49
CA ASN A 32 12.89 6.19 9.85
C ASN A 32 11.56 6.93 9.71
N GLY A 33 10.47 6.19 9.84
CA GLY A 33 9.15 6.79 9.71
C GLY A 33 9.00 7.53 8.40
N PHE A 34 9.47 6.90 7.33
CA PHE A 34 9.39 7.50 6.01
C PHE A 34 9.02 6.48 4.95
N LEU A 35 7.95 6.77 4.22
CA LEU A 35 7.48 5.90 3.15
C LEU A 35 7.80 6.54 1.81
N LEU A 36 8.63 5.90 1.01
CA LEU A 36 9.01 6.43 -0.28
C LEU A 36 8.53 5.55 -1.43
N TYR A 37 8.10 6.18 -2.51
CA TYR A 37 7.64 5.45 -3.68
C TYR A 37 8.02 6.20 -4.96
N HIS A 38 8.69 5.50 -5.86
CA HIS A 38 9.12 6.08 -7.13
C HIS A 38 8.39 5.42 -8.30
N PRO A 39 8.36 6.09 -9.46
CA PRO A 39 7.69 5.57 -10.66
C PRO A 39 8.06 4.12 -10.94
N SER A 40 9.36 3.82 -10.95
CA SER A 40 9.83 2.47 -11.22
C SER A 40 11.21 2.24 -10.61
N ILE A 41 11.81 1.09 -10.91
CA ILE A 41 13.14 0.77 -10.39
C ILE A 41 14.17 1.78 -10.87
N ASN A 42 14.12 2.14 -12.14
CA ASN A 42 15.04 3.12 -12.71
C ASN A 42 15.07 4.37 -11.85
N ASP A 43 13.97 4.64 -11.16
CA ASP A 43 13.87 5.80 -10.30
C ASP A 43 14.62 5.57 -8.98
N TYR A 44 14.49 4.36 -8.44
CA TYR A 44 15.17 4.01 -7.19
C TYR A 44 16.67 3.88 -7.44
N ILE A 45 17.02 3.10 -8.44
CA ILE A 45 18.41 2.86 -8.82
C ILE A 45 19.12 4.18 -9.12
N HIS A 46 18.62 4.86 -10.12
CA HIS A 46 19.18 6.14 -10.57
C HIS A 46 18.85 7.27 -9.59
N SER A 47 17.77 7.11 -8.84
CA SER A 47 17.37 8.12 -7.85
C SER A 47 16.74 9.34 -8.50
N THR A 48 15.51 9.18 -8.98
CA THR A 48 14.78 10.29 -9.60
C THR A 48 13.99 11.06 -8.55
N HIS A 49 12.91 11.71 -8.96
CA HIS A 49 12.07 12.48 -8.03
C HIS A 49 11.91 11.76 -6.70
N GLY A 50 11.42 10.53 -6.75
CA GLY A 50 11.23 9.76 -5.53
C GLY A 50 10.33 10.45 -4.54
N LYS A 51 9.07 10.05 -4.50
CA LYS A 51 8.10 10.65 -3.59
C LYS A 51 8.25 10.05 -2.18
N GLU A 52 8.17 10.92 -1.18
CA GLU A 52 8.29 10.49 0.22
C GLU A 52 7.15 11.08 1.05
N MET A 53 6.54 10.23 1.85
CA MET A 53 5.43 10.63 2.69
C MET A 53 5.77 10.44 4.17
N ASP A 54 5.71 11.52 4.94
CA ASP A 54 6.00 11.46 6.36
C ASP A 54 5.06 10.49 7.07
N LEU A 55 5.63 9.60 7.88
CA LEU A 55 4.83 8.62 8.60
C LEU A 55 4.49 9.09 10.00
N LEU A 56 4.48 10.41 10.20
CA LEU A 56 4.16 10.98 11.50
C LEU A 56 2.65 11.09 11.69
N ARG A 57 1.99 11.78 10.76
CA ARG A 57 0.54 11.97 10.82
C ARG A 57 -0.12 11.40 9.57
N THR A 58 0.15 10.14 9.27
CA THR A 58 -0.43 9.49 8.10
C THR A 58 -1.49 8.47 8.52
N THR A 59 -2.34 8.09 7.57
CA THR A 59 -3.39 7.13 7.84
C THR A 59 -3.41 6.02 6.79
N VAL A 60 -4.11 4.94 7.08
CA VAL A 60 -4.21 3.82 6.16
C VAL A 60 -5.67 3.42 5.96
N LYS A 61 -6.07 3.27 4.71
CA LYS A 61 -7.46 2.90 4.40
C LYS A 61 -7.57 2.18 3.05
N VAL A 62 -8.71 1.54 2.84
CA VAL A 62 -8.96 0.81 1.61
C VAL A 62 -10.21 1.36 0.91
N PRO A 63 -10.17 1.50 -0.43
CA PRO A 63 -11.30 2.02 -1.19
C PRO A 63 -12.30 0.93 -1.57
N GLY A 64 -13.59 1.28 -1.53
CA GLY A 64 -14.62 0.33 -1.87
C GLY A 64 -15.04 -0.53 -0.70
N LYS A 65 -14.06 -1.17 -0.05
CA LYS A 65 -14.33 -2.02 1.09
C LYS A 65 -13.32 -1.77 2.21
N ARG A 66 -13.61 -2.27 3.40
CA ARG A 66 -12.73 -2.10 4.54
C ARG A 66 -11.46 -2.93 4.39
N PRO A 67 -10.41 -2.61 5.17
CA PRO A 67 -9.14 -3.34 5.12
C PRO A 67 -9.32 -4.84 5.36
N PRO A 68 -8.95 -5.69 4.39
CA PRO A 68 -9.08 -7.14 4.52
C PRO A 68 -8.45 -7.67 5.80
N ARG A 69 -9.13 -8.63 6.43
CA ARG A 69 -8.64 -9.21 7.67
C ARG A 69 -7.33 -9.98 7.43
N ALA A 70 -6.49 -10.05 8.46
CA ALA A 70 -5.22 -10.74 8.36
C ALA A 70 -5.42 -12.26 8.37
N ILE A 71 -6.16 -12.74 9.36
CA ILE A 71 -6.43 -14.17 9.49
C ILE A 71 -7.69 -14.57 8.71
N SER A 72 -8.76 -13.83 8.92
CA SER A 72 -10.02 -14.09 8.24
C SER A 72 -10.51 -15.50 8.54
N ALA A 73 -11.21 -15.66 9.67
CA ALA A 73 -11.73 -16.96 10.07
C ALA A 73 -13.15 -17.18 9.57
N PHE A 74 -13.55 -16.38 8.59
CA PHE A 74 -14.89 -16.47 8.03
C PHE A 74 -15.96 -16.23 9.09
N GLY A 75 -16.19 -14.96 9.41
CA GLY A 75 -17.19 -14.62 10.41
C GLY A 75 -18.55 -14.34 9.81
N PRO A 76 -19.54 -13.97 10.63
CA PRO A 76 -20.90 -13.69 10.16
C PRO A 76 -20.91 -12.67 9.02
N SER A 77 -22.08 -12.46 8.43
CA SER A 77 -22.23 -11.51 7.33
C SER A 77 -23.63 -10.95 7.27
N ALA A 78 -23.75 -9.67 6.92
CA ALA A 78 -25.05 -9.01 6.83
C ALA A 78 -25.79 -9.43 5.57
N SER A 79 -25.03 -9.73 4.51
CA SER A 79 -25.61 -10.14 3.24
C SER A 79 -25.20 -11.57 2.89
N GLY A 80 -25.98 -12.53 3.37
CA GLY A 80 -25.68 -13.94 3.09
C GLY A 80 -26.38 -14.45 1.85
N SER A 81 -26.18 -13.77 0.74
CA SER A 81 -26.80 -14.17 -0.52
C SER A 81 -25.98 -13.67 -1.72
N ALA A 82 -25.06 -14.50 -2.18
CA ALA A 82 -24.21 -14.14 -3.32
C ALA A 82 -23.41 -12.88 -3.02
N GLY A 83 -22.66 -12.42 -4.03
CA GLY A 83 -21.85 -11.24 -3.86
C GLY A 83 -20.45 -11.56 -3.38
N GLN A 84 -19.61 -12.03 -4.28
CA GLN A 84 -18.23 -12.38 -3.95
C GLN A 84 -17.38 -12.53 -5.21
N ALA A 85 -17.04 -11.40 -5.82
CA ALA A 85 -16.23 -11.41 -7.04
C ALA A 85 -14.94 -10.62 -6.84
N GLU A 86 -13.81 -11.30 -6.95
CA GLU A 86 -12.51 -10.66 -6.78
C GLU A 86 -12.38 -10.05 -5.39
N GLU A 87 -13.05 -10.66 -4.42
CA GLU A 87 -13.01 -10.18 -3.05
C GLU A 87 -11.59 -10.19 -2.49
N GLU A 88 -10.75 -11.05 -3.06
CA GLU A 88 -9.36 -11.15 -2.62
C GLU A 88 -8.48 -10.09 -3.28
N ASN A 89 -8.87 -8.83 -3.10
CA ASN A 89 -8.12 -7.72 -3.68
C ASN A 89 -7.33 -6.99 -2.59
N PHE A 90 -6.02 -7.22 -2.55
CA PHE A 90 -5.16 -6.61 -1.56
C PHE A 90 -4.66 -5.24 -2.03
N GLU A 91 -5.25 -4.18 -1.48
CA GLU A 91 -4.88 -2.82 -1.83
C GLU A 91 -5.03 -1.90 -0.62
N PHE A 92 -4.01 -1.07 -0.37
CA PHE A 92 -4.04 -0.16 0.77
C PHE A 92 -3.72 1.28 0.36
N LEU A 93 -4.31 2.24 1.06
CA LEU A 93 -4.10 3.66 0.77
C LEU A 93 -3.29 4.33 1.88
N ILE A 94 -2.41 5.24 1.50
CA ILE A 94 -1.58 5.97 2.44
C ILE A 94 -1.93 7.45 2.42
N VAL A 95 -2.58 7.94 3.48
CA VAL A 95 -2.98 9.34 3.54
C VAL A 95 -1.98 10.17 4.36
N SER A 96 -1.52 11.26 3.77
CA SER A 96 -0.59 12.15 4.44
C SER A 96 -1.33 13.25 5.19
N SER A 97 -0.60 14.20 5.75
CA SER A 97 -1.21 15.29 6.49
C SER A 97 -1.67 16.41 5.56
N THR A 98 -1.11 16.44 4.35
CA THR A 98 -1.47 17.46 3.38
C THR A 98 -2.46 16.90 2.36
N GLY A 99 -3.19 15.86 2.75
CA GLY A 99 -4.17 15.27 1.86
C GLY A 99 -3.56 14.26 0.89
N GLN A 100 -2.25 14.34 0.67
CA GLN A 100 -1.58 13.42 -0.24
C GLN A 100 -1.96 11.98 0.07
N THR A 101 -2.45 11.27 -0.95
CA THR A 101 -2.87 9.89 -0.78
C THR A 101 -2.17 8.96 -1.76
N TRP A 102 -1.35 8.06 -1.22
CA TRP A 102 -0.63 7.08 -2.03
C TRP A 102 -1.39 5.76 -2.06
N HIS A 103 -1.98 5.42 -3.19
CA HIS A 103 -2.70 4.17 -3.31
C HIS A 103 -1.84 3.11 -3.99
N PHE A 104 -1.53 2.05 -3.25
CA PHE A 104 -0.71 0.98 -3.81
C PHE A 104 -1.39 -0.39 -3.68
N GLU A 105 -0.91 -1.32 -4.51
CA GLU A 105 -1.43 -2.68 -4.50
C GLU A 105 -0.27 -3.66 -4.35
N ALA A 106 -0.14 -4.25 -3.17
CA ALA A 106 0.93 -5.19 -2.88
C ALA A 106 0.98 -6.31 -3.92
N ALA A 107 2.16 -6.53 -4.50
CA ALA A 107 2.34 -7.58 -5.49
C ALA A 107 1.95 -8.94 -4.93
N SER A 108 2.08 -9.07 -3.61
CA SER A 108 1.74 -10.32 -2.94
C SER A 108 0.61 -10.09 -1.93
N PHE A 109 -0.07 -11.16 -1.57
CA PHE A 109 -1.18 -11.07 -0.61
C PHE A 109 -0.68 -10.67 0.77
N GLU A 110 0.28 -11.43 1.30
CA GLU A 110 0.84 -11.15 2.61
C GLU A 110 1.58 -9.82 2.61
N GLU A 111 2.18 -9.48 1.49
CA GLU A 111 2.93 -8.24 1.35
C GLU A 111 2.07 -7.02 1.69
N ARG A 112 0.83 -7.03 1.22
CA ARG A 112 -0.08 -5.92 1.49
C ARG A 112 -0.24 -5.68 2.99
N ASP A 113 -0.53 -6.75 3.72
CA ASP A 113 -0.71 -6.65 5.16
C ASP A 113 0.58 -6.18 5.82
N ALA A 114 1.71 -6.70 5.35
CA ALA A 114 3.00 -6.31 5.89
C ALA A 114 3.21 -4.81 5.73
N TRP A 115 3.06 -4.33 4.50
CA TRP A 115 3.19 -2.91 4.20
C TRP A 115 2.24 -2.08 5.06
N VAL A 116 0.97 -2.48 5.06
CA VAL A 116 -0.04 -1.78 5.85
C VAL A 116 0.35 -1.74 7.32
N GLN A 117 0.98 -2.81 7.79
CA GLN A 117 1.41 -2.90 9.18
C GLN A 117 2.68 -2.10 9.39
N ALA A 118 3.54 -2.07 8.38
CA ALA A 118 4.80 -1.32 8.45
C ALA A 118 4.51 0.17 8.52
N ILE A 119 3.61 0.62 7.66
CA ILE A 119 3.23 2.03 7.63
C ILE A 119 2.60 2.42 8.96
N GLU A 120 1.61 1.64 9.40
CA GLU A 120 0.95 1.90 10.67
C GLU A 120 1.93 1.72 11.82
N SER A 121 2.87 0.80 11.65
CA SER A 121 3.88 0.53 12.68
C SER A 121 4.82 1.71 12.80
N GLN A 122 5.24 2.25 11.67
CA GLN A 122 6.14 3.40 11.66
C GLN A 122 5.47 4.62 12.29
N ILE A 123 4.15 4.70 12.12
CA ILE A 123 3.37 5.80 12.66
C ILE A 123 3.31 5.74 14.18
N LEU A 124 3.07 4.54 14.70
CA LEU A 124 2.99 4.34 16.14
C LEU A 124 4.34 4.62 16.80
N ALA A 125 5.42 4.26 16.11
CA ALA A 125 6.76 4.46 16.62
C ALA A 125 7.17 5.93 16.48
N SER A 126 6.65 6.59 15.45
CA SER A 126 6.96 7.99 15.20
C SER A 126 6.16 8.90 16.14
N LEU A 127 4.97 8.44 16.53
CA LEU A 127 4.12 9.21 17.42
C LEU A 127 4.63 9.15 18.86
N GLN A 128 4.44 7.99 19.49
CA GLN A 128 4.88 7.79 20.85
C GLN A 128 6.24 7.11 20.90
N ARG A 1 21.15 4.98 12.05
CA ARG A 1 20.91 3.97 11.00
C ARG A 1 19.49 3.42 11.07
N ALA A 2 18.91 3.14 9.91
CA ALA A 2 17.55 2.60 9.86
C ALA A 2 17.52 1.24 9.18
N ILE A 3 16.37 0.59 9.20
CA ILE A 3 16.20 -0.71 8.59
C ILE A 3 14.94 -0.76 7.73
N PRO A 4 15.04 -1.29 6.50
CA PRO A 4 13.89 -1.39 5.59
C PRO A 4 12.75 -2.20 6.18
N ILE A 5 11.56 -1.61 6.18
CA ILE A 5 10.38 -2.29 6.72
C ILE A 5 9.62 -3.01 5.62
N LYS A 6 9.86 -2.63 4.37
CA LYS A 6 9.22 -3.25 3.21
C LYS A 6 9.63 -2.52 1.95
N GLN A 7 10.42 -3.16 1.12
CA GLN A 7 10.85 -2.52 -0.12
C GLN A 7 10.65 -3.47 -1.29
N SER A 8 9.76 -3.08 -2.20
CA SER A 8 9.47 -3.90 -3.37
C SER A 8 8.60 -3.16 -4.38
N PHE A 9 8.20 -3.86 -5.43
CA PHE A 9 7.37 -3.25 -6.47
C PHE A 9 5.90 -3.25 -6.06
N LEU A 10 5.26 -2.10 -6.22
CA LEU A 10 3.84 -1.95 -5.88
C LEU A 10 3.07 -1.43 -7.08
N LEU A 11 1.78 -1.74 -7.14
CA LEU A 11 0.94 -1.27 -8.23
C LEU A 11 0.32 0.08 -7.87
N LYS A 12 0.40 1.03 -8.80
CA LYS A 12 -0.14 2.37 -8.58
C LYS A 12 -1.24 2.68 -9.59
N ARG A 13 -2.48 2.75 -9.11
CA ARG A 13 -3.63 3.05 -9.97
C ARG A 13 -3.44 4.40 -10.66
N SER A 14 -3.98 4.52 -11.87
CA SER A 14 -3.87 5.75 -12.65
C SER A 14 -5.07 5.90 -13.59
N GLY A 15 -5.84 6.96 -13.38
CA GLY A 15 -7.00 7.21 -14.22
C GLY A 15 -8.24 7.53 -13.42
N ASN A 16 -9.41 7.22 -13.98
CA ASN A 16 -10.67 7.48 -13.30
C ASN A 16 -10.97 6.39 -12.28
N SER A 17 -11.97 6.63 -11.44
CA SER A 17 -12.37 5.67 -10.42
C SER A 17 -13.09 4.47 -11.03
N LEU A 18 -13.89 4.73 -12.06
CA LEU A 18 -14.63 3.67 -12.72
C LEU A 18 -13.69 2.75 -13.49
N ASN A 19 -12.69 3.34 -14.13
CA ASN A 19 -11.71 2.59 -14.90
C ASN A 19 -10.33 2.70 -14.27
N LYS A 20 -9.98 1.72 -13.43
CA LYS A 20 -8.68 1.71 -12.77
C LYS A 20 -7.59 1.18 -13.67
N GLU A 21 -6.35 1.51 -13.33
CA GLU A 21 -5.19 1.07 -14.10
C GLU A 21 -3.93 1.25 -13.27
N TRP A 22 -3.49 0.16 -12.67
CA TRP A 22 -2.31 0.18 -11.82
C TRP A 22 -1.06 -0.22 -12.61
N LYS A 23 -0.03 0.62 -12.52
CA LYS A 23 1.22 0.37 -13.21
C LYS A 23 2.29 -0.08 -12.22
N LYS A 24 3.33 -0.72 -12.73
CA LYS A 24 4.42 -1.20 -11.87
C LYS A 24 5.12 -0.03 -11.20
N LYS A 25 5.14 -0.06 -9.86
CA LYS A 25 5.78 0.99 -9.08
C LYS A 25 6.87 0.41 -8.18
N TYR A 26 7.52 1.29 -7.43
CA TYR A 26 8.59 0.87 -6.52
C TYR A 26 8.48 1.63 -5.20
N VAL A 27 8.21 0.90 -4.12
CA VAL A 27 8.06 1.53 -2.81
C VAL A 27 9.03 0.94 -1.80
N THR A 28 9.47 1.78 -0.86
CA THR A 28 10.36 1.33 0.19
C THR A 28 9.98 1.94 1.53
N LEU A 29 9.48 1.11 2.41
CA LEU A 29 9.11 1.52 3.75
C LEU A 29 10.31 1.37 4.65
N SER A 30 10.82 2.48 5.16
CA SER A 30 12.00 2.44 6.01
C SER A 30 11.64 2.66 7.48
N SER A 31 12.54 2.26 8.36
CA SER A 31 12.33 2.42 9.78
C SER A 31 12.53 3.87 10.23
N ASN A 32 12.82 4.76 9.27
CA ASN A 32 13.04 6.16 9.56
C ASN A 32 11.73 6.95 9.48
N GLY A 33 10.62 6.27 9.70
CA GLY A 33 9.32 6.92 9.65
C GLY A 33 9.12 7.66 8.34
N PHE A 34 9.57 7.03 7.25
CA PHE A 34 9.45 7.64 5.94
C PHE A 34 9.04 6.61 4.89
N LEU A 35 7.98 6.92 4.15
CA LEU A 35 7.50 6.04 3.10
C LEU A 35 7.88 6.61 1.74
N LEU A 36 8.70 5.88 0.99
CA LEU A 36 9.15 6.34 -0.31
C LEU A 36 8.58 5.48 -1.44
N TYR A 37 8.35 6.10 -2.58
CA TYR A 37 7.82 5.40 -3.74
C TYR A 37 8.17 6.14 -5.03
N HIS A 38 8.73 5.41 -5.99
CA HIS A 38 9.12 6.00 -7.26
C HIS A 38 8.39 5.34 -8.42
N PRO A 39 8.29 6.01 -9.57
CA PRO A 39 7.61 5.49 -10.75
C PRO A 39 8.04 4.07 -11.09
N SER A 40 9.35 3.80 -10.99
CA SER A 40 9.88 2.49 -11.28
C SER A 40 11.20 2.26 -10.56
N ILE A 41 11.88 1.16 -10.86
CA ILE A 41 13.16 0.84 -10.24
C ILE A 41 14.23 1.85 -10.65
N ASN A 42 14.26 2.19 -11.94
CA ASN A 42 15.22 3.15 -12.46
C ASN A 42 15.18 4.44 -11.62
N ASP A 43 14.02 4.72 -11.05
CA ASP A 43 13.84 5.91 -10.23
C ASP A 43 14.46 5.70 -8.85
N TYR A 44 14.31 4.50 -8.30
CA TYR A 44 14.86 4.17 -6.99
C TYR A 44 16.38 4.08 -7.07
N ILE A 45 16.86 3.31 -8.03
CA ILE A 45 18.29 3.11 -8.25
C ILE A 45 18.98 4.43 -8.55
N HIS A 46 18.57 5.03 -9.65
CA HIS A 46 19.14 6.30 -10.12
C HIS A 46 18.69 7.48 -9.27
N SER A 47 17.54 7.35 -8.60
CA SER A 47 17.02 8.41 -7.74
C SER A 47 16.37 9.52 -8.57
N THR A 48 15.18 9.24 -9.10
CA THR A 48 14.46 10.21 -9.91
C THR A 48 13.11 10.56 -9.27
N HIS A 49 12.92 11.83 -8.95
CA HIS A 49 11.69 12.30 -8.31
C HIS A 49 11.61 11.82 -6.87
N GLY A 50 11.62 10.51 -6.71
CA GLY A 50 11.54 9.91 -5.38
C GLY A 50 10.50 10.55 -4.49
N LYS A 51 9.29 10.00 -4.54
CA LYS A 51 8.20 10.52 -3.72
C LYS A 51 8.28 9.98 -2.30
N GLU A 52 8.21 10.88 -1.32
CA GLU A 52 8.28 10.49 0.08
C GLU A 52 7.07 11.00 0.85
N MET A 53 6.67 10.23 1.85
CA MET A 53 5.51 10.59 2.68
C MET A 53 5.87 10.48 4.16
N ASP A 54 5.83 11.61 4.87
CA ASP A 54 6.13 11.62 6.29
C ASP A 54 5.21 10.67 7.04
N LEU A 55 5.81 9.75 7.80
CA LEU A 55 5.03 8.77 8.56
C LEU A 55 4.77 9.25 9.98
N LEU A 56 4.61 10.56 10.16
CA LEU A 56 4.35 11.12 11.48
C LEU A 56 2.86 11.03 11.81
N ARG A 57 2.03 11.56 10.92
CA ARG A 57 0.59 11.55 11.12
C ARG A 57 -0.13 11.05 9.87
N THR A 58 0.27 9.88 9.40
CA THR A 58 -0.33 9.29 8.20
C THR A 58 -1.36 8.23 8.58
N THR A 59 -2.23 7.90 7.64
CA THR A 59 -3.26 6.91 7.87
C THR A 59 -3.23 5.81 6.81
N VAL A 60 -4.06 4.79 7.00
CA VAL A 60 -4.13 3.68 6.06
C VAL A 60 -5.57 3.21 5.90
N LYS A 61 -6.04 3.14 4.66
CA LYS A 61 -7.41 2.72 4.40
C LYS A 61 -7.54 2.04 3.03
N VAL A 62 -8.66 1.35 2.84
CA VAL A 62 -8.94 0.64 1.60
C VAL A 62 -10.22 1.18 0.96
N PRO A 63 -10.26 1.30 -0.38
CA PRO A 63 -11.44 1.81 -1.09
C PRO A 63 -12.72 1.09 -0.69
N GLY A 64 -13.39 1.61 0.33
CA GLY A 64 -14.63 0.99 0.80
C GLY A 64 -14.46 -0.48 1.10
N LYS A 65 -13.38 -0.83 1.78
CA LYS A 65 -13.10 -2.22 2.13
C LYS A 65 -12.66 -2.33 3.59
N ARG A 66 -13.42 -3.10 4.37
CA ARG A 66 -13.10 -3.30 5.78
C ARG A 66 -11.70 -3.88 5.94
N PRO A 67 -11.15 -3.84 7.17
CA PRO A 67 -9.80 -4.37 7.45
C PRO A 67 -9.65 -5.82 6.96
N PRO A 68 -8.71 -6.06 6.02
CA PRO A 68 -8.47 -7.40 5.46
C PRO A 68 -7.90 -8.38 6.49
N ARG A 69 -8.64 -8.61 7.57
CA ARG A 69 -8.21 -9.52 8.62
C ARG A 69 -8.61 -10.96 8.28
N ALA A 70 -7.89 -11.55 7.34
CA ALA A 70 -8.18 -12.93 6.92
C ALA A 70 -8.15 -13.89 8.10
N ILE A 71 -7.31 -13.58 9.08
CA ILE A 71 -7.19 -14.42 10.27
C ILE A 71 -8.29 -14.10 11.28
N SER A 72 -8.22 -12.90 11.84
CA SER A 72 -9.20 -12.47 12.83
C SER A 72 -9.21 -13.38 14.04
N ALA A 73 -8.58 -12.93 15.13
CA ALA A 73 -8.51 -13.71 16.36
C ALA A 73 -9.64 -13.36 17.32
N PHE A 74 -10.68 -12.72 16.78
CA PHE A 74 -11.83 -12.33 17.59
C PHE A 74 -12.66 -13.55 17.98
N GLY A 75 -12.22 -14.24 19.01
CA GLY A 75 -12.93 -15.42 19.47
C GLY A 75 -12.86 -16.57 18.49
N PRO A 76 -13.63 -17.64 18.70
CA PRO A 76 -13.64 -18.80 17.81
C PRO A 76 -14.29 -18.50 16.46
N SER A 77 -14.50 -19.54 15.66
CA SER A 77 -15.12 -19.38 14.35
C SER A 77 -16.56 -19.87 14.36
N ALA A 78 -17.42 -19.19 13.62
CA ALA A 78 -18.83 -19.55 13.55
C ALA A 78 -19.03 -20.79 12.69
N SER A 79 -18.36 -20.82 11.55
CA SER A 79 -18.46 -21.94 10.63
C SER A 79 -19.91 -22.20 10.23
N GLY A 80 -20.38 -21.46 9.23
CA GLY A 80 -21.75 -21.62 8.77
C GLY A 80 -22.15 -20.57 7.75
N SER A 81 -23.25 -19.86 8.03
CA SER A 81 -23.73 -18.82 7.13
C SER A 81 -23.09 -17.47 7.48
N ALA A 82 -22.61 -16.78 6.45
CA ALA A 82 -21.98 -15.48 6.63
C ALA A 82 -21.61 -14.84 5.30
N GLY A 83 -20.95 -13.70 5.35
CA GLY A 83 -20.55 -13.01 4.14
C GLY A 83 -19.65 -13.86 3.27
N GLN A 84 -19.96 -13.93 1.98
CA GLN A 84 -19.17 -14.72 1.03
C GLN A 84 -18.62 -13.84 -0.08
N ALA A 85 -17.62 -13.03 0.26
CA ALA A 85 -16.99 -12.13 -0.70
C ALA A 85 -15.71 -12.74 -1.27
N GLU A 86 -15.72 -13.01 -2.57
CA GLU A 86 -14.56 -13.60 -3.23
C GLU A 86 -13.74 -12.52 -3.93
N GLU A 87 -13.74 -11.32 -3.37
CA GLU A 87 -13.00 -10.20 -3.93
C GLU A 87 -11.50 -10.45 -3.87
N GLU A 88 -11.01 -10.73 -2.66
CA GLU A 88 -9.59 -10.99 -2.45
C GLU A 88 -8.73 -9.85 -3.02
N ASN A 89 -9.32 -8.66 -3.08
CA ASN A 89 -8.62 -7.49 -3.60
C ASN A 89 -7.72 -6.88 -2.53
N PHE A 90 -6.42 -7.09 -2.68
CA PHE A 90 -5.44 -6.56 -1.72
C PHE A 90 -4.89 -5.22 -2.17
N GLU A 91 -5.38 -4.14 -1.54
CA GLU A 91 -4.94 -2.78 -1.86
C GLU A 91 -5.04 -1.89 -0.63
N PHE A 92 -4.06 -1.03 -0.43
CA PHE A 92 -4.06 -0.13 0.72
C PHE A 92 -3.70 1.30 0.31
N LEU A 93 -4.31 2.27 0.98
CA LEU A 93 -4.07 3.68 0.69
C LEU A 93 -3.28 4.34 1.81
N ILE A 94 -2.33 5.20 1.43
CA ILE A 94 -1.49 5.92 2.40
C ILE A 94 -1.85 7.39 2.40
N VAL A 95 -2.50 7.85 3.47
CA VAL A 95 -2.90 9.26 3.55
C VAL A 95 -1.99 10.06 4.48
N SER A 96 -1.60 11.24 4.01
CA SER A 96 -0.75 12.13 4.78
C SER A 96 -1.59 13.26 5.38
N SER A 97 -0.95 14.15 6.14
CA SER A 97 -1.66 15.26 6.76
C SER A 97 -1.90 16.40 5.78
N THR A 98 -1.33 16.29 4.58
CA THR A 98 -1.50 17.32 3.57
C THR A 98 -2.42 16.84 2.44
N GLY A 99 -3.24 15.85 2.74
CA GLY A 99 -4.16 15.32 1.75
C GLY A 99 -3.52 14.30 0.82
N GLN A 100 -2.19 14.34 0.71
CA GLN A 100 -1.48 13.41 -0.15
C GLN A 100 -1.88 11.97 0.14
N THR A 101 -2.36 11.27 -0.88
CA THR A 101 -2.79 9.88 -0.71
C THR A 101 -2.13 8.96 -1.73
N TRP A 102 -1.29 8.04 -1.23
CA TRP A 102 -0.61 7.08 -2.09
C TRP A 102 -1.36 5.75 -2.09
N HIS A 103 -2.02 5.43 -3.20
CA HIS A 103 -2.75 4.18 -3.29
C HIS A 103 -1.91 3.13 -4.00
N PHE A 104 -1.56 2.07 -3.29
CA PHE A 104 -0.76 0.99 -3.87
C PHE A 104 -1.47 -0.36 -3.77
N GLU A 105 -0.94 -1.33 -4.50
CA GLU A 105 -1.49 -2.67 -4.50
C GLU A 105 -0.35 -3.68 -4.34
N ALA A 106 -0.26 -4.27 -3.14
CA ALA A 106 0.78 -5.24 -2.85
C ALA A 106 0.83 -6.36 -3.89
N ALA A 107 2.02 -6.60 -4.43
CA ALA A 107 2.20 -7.64 -5.43
C ALA A 107 1.82 -9.02 -4.86
N SER A 108 1.96 -9.15 -3.55
CA SER A 108 1.64 -10.40 -2.88
C SER A 108 0.58 -10.17 -1.80
N PHE A 109 -0.12 -11.24 -1.42
CA PHE A 109 -1.16 -11.14 -0.40
C PHE A 109 -0.56 -10.80 0.97
N GLU A 110 0.55 -11.44 1.30
CA GLU A 110 1.21 -11.19 2.57
C GLU A 110 1.92 -9.85 2.57
N GLU A 111 2.42 -9.44 1.41
CA GLU A 111 3.13 -8.17 1.27
C GLU A 111 2.22 -7.00 1.62
N ARG A 112 0.96 -7.09 1.22
CA ARG A 112 0.00 -6.02 1.49
C ARG A 112 -0.11 -5.74 2.98
N ASP A 113 -0.28 -6.79 3.78
CA ASP A 113 -0.39 -6.65 5.22
C ASP A 113 0.88 -6.06 5.81
N ALA A 114 2.03 -6.61 5.40
CA ALA A 114 3.32 -6.13 5.91
C ALA A 114 3.44 -4.62 5.69
N TRP A 115 3.20 -4.17 4.47
CA TRP A 115 3.27 -2.77 4.13
C TRP A 115 2.32 -1.96 5.01
N VAL A 116 1.05 -2.37 5.06
CA VAL A 116 0.07 -1.68 5.88
C VAL A 116 0.54 -1.59 7.33
N GLN A 117 1.21 -2.65 7.79
CA GLN A 117 1.73 -2.69 9.14
C GLN A 117 3.02 -1.88 9.24
N ALA A 118 3.76 -1.82 8.14
CA ALA A 118 5.01 -1.07 8.10
C ALA A 118 4.73 0.41 8.25
N ILE A 119 3.79 0.90 7.45
CA ILE A 119 3.42 2.30 7.50
C ILE A 119 2.83 2.66 8.87
N GLU A 120 1.87 1.85 9.32
CA GLU A 120 1.26 2.08 10.62
C GLU A 120 2.29 1.92 11.73
N SER A 121 3.25 1.02 11.51
CA SER A 121 4.30 0.77 12.48
C SER A 121 5.18 2.01 12.66
N GLN A 122 5.55 2.62 11.55
CA GLN A 122 6.38 3.82 11.58
C GLN A 122 5.62 4.99 12.19
N ILE A 123 4.31 5.02 11.96
CA ILE A 123 3.47 6.10 12.49
C ILE A 123 3.25 5.91 13.98
N LEU A 124 3.12 4.66 14.40
CA LEU A 124 2.91 4.34 15.81
C LEU A 124 4.15 4.66 16.63
N ALA A 125 5.33 4.44 16.02
CA ALA A 125 6.59 4.71 16.70
C ALA A 125 6.88 6.21 16.73
N SER A 126 6.46 6.91 15.70
CA SER A 126 6.68 8.35 15.61
C SER A 126 5.68 9.10 16.48
N LEU A 127 4.49 8.53 16.65
CA LEU A 127 3.45 9.15 17.46
C LEU A 127 3.83 9.12 18.94
N GLN A 128 4.34 7.97 19.39
CA GLN A 128 4.75 7.81 20.78
C GLN A 128 5.83 8.81 21.15
N ARG A 1 20.53 4.90 12.91
CA ARG A 1 20.43 4.08 11.66
C ARG A 1 18.99 3.71 11.36
N ALA A 2 18.69 3.50 10.08
CA ALA A 2 17.34 3.14 9.66
C ALA A 2 17.33 1.79 8.93
N ILE A 3 16.25 1.05 9.10
CA ILE A 3 16.11 -0.25 8.47
C ILE A 3 14.84 -0.33 7.64
N PRO A 4 14.91 -0.88 6.43
CA PRO A 4 13.74 -1.00 5.55
C PRO A 4 12.68 -1.94 6.11
N ILE A 5 11.45 -1.44 6.19
CA ILE A 5 10.33 -2.22 6.70
C ILE A 5 9.63 -2.98 5.58
N LYS A 6 9.82 -2.52 4.35
CA LYS A 6 9.23 -3.16 3.18
C LYS A 6 9.62 -2.39 1.93
N GLN A 7 10.45 -2.97 1.11
CA GLN A 7 10.87 -2.30 -0.12
C GLN A 7 10.73 -3.24 -1.31
N SER A 8 9.79 -2.91 -2.20
CA SER A 8 9.56 -3.73 -3.38
C SER A 8 8.64 -3.02 -4.36
N PHE A 9 8.28 -3.72 -5.44
CA PHE A 9 7.41 -3.15 -6.46
C PHE A 9 5.96 -3.19 -6.02
N LEU A 10 5.27 -2.06 -6.18
CA LEU A 10 3.86 -1.95 -5.81
C LEU A 10 3.04 -1.43 -6.98
N LEU A 11 1.80 -1.90 -7.06
CA LEU A 11 0.92 -1.47 -8.14
C LEU A 11 0.29 -0.12 -7.79
N LYS A 12 0.24 0.80 -8.76
CA LYS A 12 -0.34 2.11 -8.53
C LYS A 12 -1.35 2.47 -9.61
N ARG A 13 -2.61 2.59 -9.21
CA ARG A 13 -3.69 2.92 -10.13
C ARG A 13 -3.37 4.18 -10.94
N SER A 14 -3.85 4.23 -12.17
CA SER A 14 -3.62 5.38 -13.04
C SER A 14 -4.91 6.13 -13.31
N GLY A 15 -5.94 5.40 -13.76
CA GLY A 15 -7.21 6.02 -14.05
C GLY A 15 -8.33 5.01 -14.21
N ASN A 16 -9.50 5.49 -14.63
CA ASN A 16 -10.66 4.61 -14.82
C ASN A 16 -11.10 4.00 -13.50
N SER A 17 -12.38 4.13 -13.19
CA SER A 17 -12.94 3.58 -11.95
C SER A 17 -13.34 2.12 -12.13
N LEU A 18 -14.22 1.87 -13.09
CA LEU A 18 -14.69 0.52 -13.37
C LEU A 18 -13.52 -0.41 -13.72
N ASN A 19 -12.78 -0.02 -14.75
CA ASN A 19 -11.64 -0.79 -15.20
C ASN A 19 -10.34 -0.08 -14.84
N LYS A 20 -9.96 -0.16 -13.57
CA LYS A 20 -8.74 0.49 -13.08
C LYS A 20 -7.53 0.12 -13.94
N GLU A 21 -6.36 0.62 -13.54
CA GLU A 21 -5.13 0.35 -14.25
C GLU A 21 -3.94 0.71 -13.38
N TRP A 22 -3.37 -0.30 -12.74
CA TRP A 22 -2.23 -0.11 -11.86
C TRP A 22 -0.92 -0.44 -12.57
N LYS A 23 0.02 0.49 -12.54
CA LYS A 23 1.31 0.30 -13.18
C LYS A 23 2.35 -0.15 -12.15
N LYS A 24 3.36 -0.89 -12.62
CA LYS A 24 4.42 -1.38 -11.74
C LYS A 24 5.19 -0.21 -11.13
N LYS A 25 5.04 -0.04 -9.81
CA LYS A 25 5.73 1.05 -9.11
C LYS A 25 6.80 0.49 -8.18
N TYR A 26 7.41 1.36 -7.40
CA TYR A 26 8.47 0.97 -6.47
C TYR A 26 8.34 1.73 -5.16
N VAL A 27 8.10 1.01 -4.07
CA VAL A 27 7.95 1.64 -2.75
C VAL A 27 8.90 1.05 -1.74
N THR A 28 9.34 1.89 -0.80
CA THR A 28 10.22 1.45 0.25
C THR A 28 9.82 2.06 1.59
N LEU A 29 9.32 1.23 2.48
CA LEU A 29 8.92 1.64 3.80
C LEU A 29 10.14 1.52 4.72
N SER A 30 10.60 2.64 5.23
CA SER A 30 11.78 2.64 6.09
C SER A 30 11.39 2.81 7.56
N SER A 31 12.32 2.48 8.44
CA SER A 31 12.09 2.60 9.88
C SER A 31 12.29 4.04 10.35
N ASN A 32 12.54 4.95 9.41
CA ASN A 32 12.75 6.35 9.72
C ASN A 32 11.45 7.14 9.66
N GLY A 33 10.34 6.45 9.88
CA GLY A 33 9.04 7.09 9.83
C GLY A 33 8.84 7.82 8.52
N PHE A 34 9.32 7.22 7.44
CA PHE A 34 9.21 7.81 6.12
C PHE A 34 8.88 6.77 5.08
N LEU A 35 7.91 7.07 4.22
CA LEU A 35 7.52 6.17 3.16
C LEU A 35 7.86 6.78 1.80
N LEU A 36 8.75 6.13 1.06
CA LEU A 36 9.14 6.62 -0.25
C LEU A 36 8.68 5.69 -1.36
N TYR A 37 8.44 6.25 -2.53
CA TYR A 37 7.99 5.47 -3.68
C TYR A 37 8.29 6.21 -4.99
N HIS A 38 8.80 5.47 -5.96
CA HIS A 38 9.14 6.04 -7.26
C HIS A 38 8.31 5.39 -8.37
N PRO A 39 8.21 6.07 -9.52
CA PRO A 39 7.45 5.56 -10.67
C PRO A 39 7.87 4.15 -11.07
N SER A 40 9.16 3.87 -10.92
CA SER A 40 9.70 2.55 -11.26
C SER A 40 11.04 2.33 -10.59
N ILE A 41 11.63 1.16 -10.82
CA ILE A 41 12.93 0.83 -10.24
C ILE A 41 14.01 1.80 -10.72
N ASN A 42 14.01 2.09 -12.02
CA ASN A 42 14.98 3.02 -12.58
C ASN A 42 14.98 4.32 -11.79
N ASP A 43 13.84 4.65 -11.21
CA ASP A 43 13.72 5.87 -10.41
C ASP A 43 14.37 5.68 -9.04
N TYR A 44 14.19 4.51 -8.45
CA TYR A 44 14.77 4.20 -7.14
C TYR A 44 16.28 4.08 -7.25
N ILE A 45 16.71 3.24 -8.20
CA ILE A 45 18.13 3.00 -8.45
C ILE A 45 18.85 4.29 -8.78
N HIS A 46 18.43 4.89 -9.88
CA HIS A 46 19.02 6.13 -10.38
C HIS A 46 18.64 7.34 -9.54
N SER A 47 17.50 7.24 -8.84
CA SER A 47 17.03 8.32 -7.98
C SER A 47 16.37 9.44 -8.79
N THR A 48 15.16 9.18 -9.27
CA THR A 48 14.42 10.17 -10.04
C THR A 48 13.09 10.51 -9.38
N HIS A 49 12.96 11.76 -8.95
CA HIS A 49 11.75 12.24 -8.30
C HIS A 49 11.71 11.74 -6.85
N GLY A 50 11.68 10.44 -6.70
CA GLY A 50 11.65 9.82 -5.38
C GLY A 50 10.69 10.50 -4.43
N LYS A 51 9.44 10.06 -4.44
CA LYS A 51 8.42 10.63 -3.56
C LYS A 51 8.63 10.14 -2.13
N GLU A 52 8.08 10.89 -1.17
CA GLU A 52 8.21 10.52 0.24
C GLU A 52 7.16 11.24 1.08
N MET A 53 6.81 10.64 2.22
CA MET A 53 5.81 11.21 3.10
C MET A 53 6.18 10.98 4.56
N ASP A 54 5.70 11.88 5.42
CA ASP A 54 5.96 11.76 6.85
C ASP A 54 5.00 10.77 7.48
N LEU A 55 5.53 9.76 8.15
CA LEU A 55 4.71 8.74 8.77
C LEU A 55 4.36 9.11 10.21
N LEU A 56 4.41 10.40 10.53
CA LEU A 56 4.09 10.87 11.88
C LEU A 56 2.57 11.03 12.05
N ARG A 57 1.92 11.56 11.02
CA ARG A 57 0.47 11.77 11.06
C ARG A 57 -0.20 11.22 9.80
N THR A 58 0.23 10.02 9.40
CA THR A 58 -0.32 9.37 8.21
C THR A 58 -1.49 8.47 8.58
N THR A 59 -2.31 8.13 7.58
CA THR A 59 -3.46 7.27 7.79
C THR A 59 -3.50 6.18 6.74
N VAL A 60 -4.31 5.16 6.99
CA VAL A 60 -4.44 4.04 6.05
C VAL A 60 -5.91 3.74 5.77
N LYS A 61 -6.26 3.63 4.50
CA LYS A 61 -7.65 3.36 4.12
C LYS A 61 -7.72 2.34 2.98
N VAL A 62 -8.92 1.80 2.78
CA VAL A 62 -9.14 0.81 1.72
C VAL A 62 -10.40 1.16 0.93
N PRO A 63 -10.27 1.35 -0.40
CA PRO A 63 -11.40 1.69 -1.26
C PRO A 63 -12.14 0.47 -1.79
N GLY A 64 -13.45 0.40 -1.51
CA GLY A 64 -14.27 -0.70 -1.97
C GLY A 64 -14.18 -1.91 -1.07
N LYS A 65 -12.97 -2.40 -0.83
CA LYS A 65 -12.76 -3.56 0.01
C LYS A 65 -12.88 -3.21 1.49
N ARG A 66 -13.32 -4.18 2.29
CA ARG A 66 -13.49 -3.99 3.73
C ARG A 66 -12.14 -4.05 4.44
N PRO A 67 -12.08 -3.61 5.71
CA PRO A 67 -10.85 -3.62 6.50
C PRO A 67 -10.19 -5.00 6.51
N PRO A 68 -8.96 -5.11 5.99
CA PRO A 68 -8.23 -6.38 5.95
C PRO A 68 -7.79 -6.84 7.33
N ARG A 69 -7.89 -8.15 7.58
CA ARG A 69 -7.50 -8.71 8.87
C ARG A 69 -6.00 -8.53 9.10
N ALA A 70 -5.62 -8.37 10.37
CA ALA A 70 -4.22 -8.19 10.73
C ALA A 70 -3.45 -9.50 10.61
N ILE A 71 -3.97 -10.55 11.24
CA ILE A 71 -3.33 -11.86 11.20
C ILE A 71 -4.36 -12.97 11.01
N SER A 72 -5.21 -13.15 12.02
CA SER A 72 -6.24 -14.17 11.97
C SER A 72 -7.31 -13.92 13.02
N ALA A 73 -8.51 -13.54 12.59
CA ALA A 73 -9.62 -13.27 13.49
C ALA A 73 -10.48 -14.51 13.71
N PHE A 74 -9.93 -15.66 13.38
CA PHE A 74 -10.65 -16.93 13.53
C PHE A 74 -11.89 -16.95 12.65
N GLY A 75 -11.75 -17.51 11.45
CA GLY A 75 -12.87 -17.60 10.54
C GLY A 75 -12.96 -18.95 9.86
N PRO A 76 -13.94 -19.14 8.95
CA PRO A 76 -14.13 -20.40 8.23
C PRO A 76 -12.85 -20.87 7.55
N SER A 77 -11.99 -19.92 7.21
CA SER A 77 -10.72 -20.24 6.55
C SER A 77 -9.79 -20.99 7.49
N ALA A 78 -9.96 -22.31 7.55
CA ALA A 78 -9.13 -23.14 8.42
C ALA A 78 -7.90 -23.63 7.69
N SER A 79 -8.12 -24.43 6.65
CA SER A 79 -7.03 -24.98 5.85
C SER A 79 -7.58 -25.85 4.74
N GLY A 80 -6.77 -26.78 4.26
CA GLY A 80 -7.19 -27.68 3.19
C GLY A 80 -7.32 -26.96 1.86
N SER A 81 -8.55 -26.77 1.40
CA SER A 81 -8.80 -26.09 0.14
C SER A 81 -9.85 -24.99 0.30
N ALA A 82 -10.25 -24.38 -0.80
CA ALA A 82 -11.24 -23.31 -0.78
C ALA A 82 -11.70 -22.96 -2.19
N GLY A 83 -12.72 -23.68 -2.66
CA GLY A 83 -13.24 -23.44 -3.99
C GLY A 83 -14.45 -22.51 -3.97
N GLN A 84 -14.56 -21.71 -2.92
CA GLN A 84 -15.67 -20.77 -2.79
C GLN A 84 -15.16 -19.35 -2.55
N ALA A 85 -14.17 -19.23 -1.69
CA ALA A 85 -13.58 -17.94 -1.37
C ALA A 85 -12.26 -17.73 -2.12
N GLU A 86 -12.23 -16.73 -2.99
CA GLU A 86 -11.04 -16.42 -3.76
C GLU A 86 -11.07 -14.99 -4.28
N GLU A 87 -11.38 -14.05 -3.39
CA GLU A 87 -11.45 -12.64 -3.75
C GLU A 87 -10.10 -12.15 -4.28
N GLU A 88 -9.02 -12.55 -3.61
CA GLU A 88 -7.66 -12.16 -4.00
C GLU A 88 -7.59 -10.69 -4.37
N ASN A 89 -7.89 -9.82 -3.41
CA ASN A 89 -7.86 -8.38 -3.63
C ASN A 89 -7.26 -7.67 -2.42
N PHE A 90 -6.01 -7.25 -2.55
CA PHE A 90 -5.33 -6.55 -1.47
C PHE A 90 -4.81 -5.19 -1.94
N GLU A 91 -5.44 -4.14 -1.44
CA GLU A 91 -5.04 -2.77 -1.79
C GLU A 91 -5.19 -1.84 -0.59
N PHE A 92 -4.13 -1.08 -0.30
CA PHE A 92 -4.14 -0.16 0.83
C PHE A 92 -3.81 1.27 0.39
N LEU A 93 -4.41 2.24 1.08
CA LEU A 93 -4.18 3.65 0.77
C LEU A 93 -3.32 4.31 1.85
N ILE A 94 -2.40 5.17 1.43
CA ILE A 94 -1.51 5.86 2.36
C ILE A 94 -1.74 7.37 2.32
N VAL A 95 -2.27 7.93 3.41
CA VAL A 95 -2.54 9.35 3.47
C VAL A 95 -1.48 10.08 4.30
N SER A 96 -0.90 11.13 3.71
CA SER A 96 0.12 11.91 4.39
C SER A 96 -0.52 13.05 5.17
N SER A 97 0.32 13.91 5.76
CA SER A 97 -0.18 15.03 6.53
C SER A 97 -0.56 16.21 5.63
N THR A 98 -0.14 16.15 4.36
CA THR A 98 -0.45 17.21 3.42
C THR A 98 -1.59 16.82 2.49
N GLY A 99 -2.41 15.89 2.95
CA GLY A 99 -3.54 15.43 2.14
C GLY A 99 -3.14 14.46 1.04
N GLN A 100 -1.84 14.27 0.82
CA GLN A 100 -1.36 13.36 -0.20
C GLN A 100 -1.86 11.94 0.06
N THR A 101 -2.23 11.23 -1.00
CA THR A 101 -2.72 9.87 -0.85
C THR A 101 -2.09 8.93 -1.88
N TRP A 102 -1.32 7.97 -1.38
CA TRP A 102 -0.66 6.99 -2.24
C TRP A 102 -1.42 5.67 -2.23
N HIS A 103 -2.13 5.38 -3.30
CA HIS A 103 -2.88 4.13 -3.37
C HIS A 103 -2.01 3.04 -4.01
N PHE A 104 -1.71 2.00 -3.24
CA PHE A 104 -0.89 0.91 -3.74
C PHE A 104 -1.60 -0.44 -3.64
N GLU A 105 -1.09 -1.40 -4.41
CA GLU A 105 -1.64 -2.75 -4.41
C GLU A 105 -0.50 -3.75 -4.29
N ALA A 106 -0.36 -4.33 -3.10
CA ALA A 106 0.70 -5.30 -2.83
C ALA A 106 0.76 -6.39 -3.89
N ALA A 107 1.94 -6.57 -4.48
CA ALA A 107 2.13 -7.59 -5.50
C ALA A 107 1.90 -8.97 -4.92
N SER A 108 2.20 -9.13 -3.64
CA SER A 108 2.01 -10.39 -2.95
C SER A 108 1.03 -10.22 -1.79
N PHE A 109 0.25 -11.26 -1.52
CA PHE A 109 -0.73 -11.22 -0.44
C PHE A 109 -0.05 -10.98 0.91
N GLU A 110 1.14 -11.53 1.08
CA GLU A 110 1.88 -11.37 2.33
C GLU A 110 2.44 -9.96 2.46
N GLU A 111 2.79 -9.37 1.32
CA GLU A 111 3.35 -8.02 1.29
C GLU A 111 2.28 -6.98 1.61
N ARG A 112 1.04 -7.22 1.19
CA ARG A 112 -0.04 -6.29 1.44
C ARG A 112 -0.20 -6.01 2.93
N ASP A 113 -0.10 -7.06 3.74
CA ASP A 113 -0.22 -6.93 5.18
C ASP A 113 1.05 -6.30 5.76
N ALA A 114 2.20 -6.81 5.34
CA ALA A 114 3.47 -6.29 5.83
C ALA A 114 3.53 -4.78 5.63
N TRP A 115 3.26 -4.34 4.41
CA TRP A 115 3.27 -2.91 4.10
C TRP A 115 2.29 -2.16 4.99
N VAL A 116 1.04 -2.60 5.00
CA VAL A 116 0.02 -1.95 5.83
C VAL A 116 0.48 -1.92 7.28
N GLN A 117 1.20 -2.97 7.69
CA GLN A 117 1.72 -3.04 9.05
C GLN A 117 2.98 -2.18 9.17
N ALA A 118 3.69 -2.02 8.06
CA ALA A 118 4.91 -1.21 8.05
C ALA A 118 4.57 0.26 8.18
N ILE A 119 3.54 0.68 7.46
CA ILE A 119 3.10 2.07 7.50
C ILE A 119 2.53 2.40 8.88
N GLU A 120 1.63 1.56 9.38
CA GLU A 120 1.05 1.78 10.71
C GLU A 120 2.12 1.64 11.78
N SER A 121 3.08 0.76 11.53
CA SER A 121 4.18 0.54 12.48
C SER A 121 5.01 1.80 12.62
N GLN A 122 5.27 2.46 11.50
CA GLN A 122 6.05 3.68 11.50
C GLN A 122 5.28 4.80 12.19
N ILE A 123 3.96 4.79 12.05
CA ILE A 123 3.12 5.80 12.66
C ILE A 123 3.06 5.61 14.17
N LEU A 124 3.04 4.36 14.61
CA LEU A 124 3.01 4.06 16.04
C LEU A 124 4.31 4.44 16.72
N ALA A 125 5.42 4.21 16.03
CA ALA A 125 6.74 4.53 16.56
C ALA A 125 7.01 6.02 16.47
N SER A 126 6.41 6.68 15.48
CA SER A 126 6.59 8.10 15.29
C SER A 126 5.63 8.90 16.16
N LEU A 127 4.47 8.32 16.46
CA LEU A 127 3.47 8.98 17.29
C LEU A 127 4.04 9.31 18.66
N GLN A 128 4.79 8.37 19.23
CA GLN A 128 5.39 8.55 20.54
C GLN A 128 6.91 8.69 20.43
N ARG A 1 21.20 4.74 12.31
CA ARG A 1 20.84 4.14 11.00
C ARG A 1 19.44 3.54 11.04
N ALA A 2 18.84 3.36 9.86
CA ALA A 2 17.51 2.79 9.75
C ALA A 2 17.52 1.52 8.92
N ILE A 3 16.43 0.76 9.00
CA ILE A 3 16.31 -0.49 8.25
C ILE A 3 15.00 -0.52 7.46
N PRO A 4 15.02 -1.11 6.25
CA PRO A 4 13.83 -1.20 5.41
C PRO A 4 12.79 -2.16 5.97
N ILE A 5 11.55 -1.68 6.09
CA ILE A 5 10.46 -2.50 6.60
C ILE A 5 9.71 -3.19 5.46
N LYS A 6 9.86 -2.68 4.25
CA LYS A 6 9.23 -3.26 3.07
C LYS A 6 9.60 -2.48 1.83
N GLN A 7 10.40 -3.09 0.98
CA GLN A 7 10.80 -2.43 -0.25
C GLN A 7 10.61 -3.37 -1.44
N SER A 8 9.73 -2.99 -2.34
CA SER A 8 9.45 -3.81 -3.52
C SER A 8 8.58 -3.08 -4.53
N PHE A 9 8.20 -3.77 -5.60
CA PHE A 9 7.36 -3.18 -6.63
C PHE A 9 5.89 -3.19 -6.22
N LEU A 10 5.28 -2.01 -6.20
CA LEU A 10 3.87 -1.88 -5.84
C LEU A 10 3.06 -1.36 -7.01
N LEU A 11 1.77 -1.64 -7.01
CA LEU A 11 0.89 -1.19 -8.08
C LEU A 11 0.23 0.13 -7.70
N LYS A 12 0.29 1.11 -8.59
CA LYS A 12 -0.30 2.41 -8.34
C LYS A 12 -1.48 2.67 -9.28
N ARG A 13 -2.68 2.73 -8.72
CA ARG A 13 -3.88 2.97 -9.49
C ARG A 13 -3.80 4.30 -10.23
N SER A 14 -4.43 4.37 -11.40
CA SER A 14 -4.42 5.59 -12.19
C SER A 14 -5.64 5.65 -13.11
N GLY A 15 -6.76 6.12 -12.57
CA GLY A 15 -7.98 6.21 -13.35
C GLY A 15 -9.21 6.40 -12.49
N ASN A 16 -9.99 5.34 -12.33
CA ASN A 16 -11.20 5.40 -11.51
C ASN A 16 -11.59 4.01 -11.01
N SER A 17 -12.73 3.93 -10.32
CA SER A 17 -13.21 2.67 -9.79
C SER A 17 -13.87 1.84 -10.89
N LEU A 18 -14.68 2.49 -11.72
CA LEU A 18 -15.37 1.81 -12.81
C LEU A 18 -14.37 1.17 -13.77
N ASN A 19 -13.25 1.85 -13.98
CA ASN A 19 -12.21 1.36 -14.88
C ASN A 19 -10.83 1.56 -14.27
N LYS A 20 -10.49 0.71 -13.29
CA LYS A 20 -9.19 0.80 -12.63
C LYS A 20 -8.06 0.61 -13.61
N GLU A 21 -6.84 0.91 -13.15
CA GLU A 21 -5.64 0.79 -13.98
C GLU A 21 -4.41 1.13 -13.17
N TRP A 22 -3.68 0.11 -12.75
CA TRP A 22 -2.48 0.29 -11.95
C TRP A 22 -1.22 0.08 -12.78
N LYS A 23 -0.15 0.77 -12.40
CA LYS A 23 1.13 0.64 -13.08
C LYS A 23 2.22 0.19 -12.11
N LYS A 24 3.24 -0.47 -12.63
CA LYS A 24 4.34 -0.96 -11.81
C LYS A 24 5.08 0.20 -11.15
N LYS A 25 5.11 0.20 -9.82
CA LYS A 25 5.79 1.24 -9.07
C LYS A 25 6.78 0.62 -8.08
N TYR A 26 7.66 1.46 -7.53
CA TYR A 26 8.66 0.99 -6.58
C TYR A 26 8.54 1.75 -5.25
N VAL A 27 8.19 1.02 -4.19
CA VAL A 27 8.05 1.64 -2.87
C VAL A 27 8.99 1.03 -1.86
N THR A 28 9.41 1.84 -0.91
CA THR A 28 10.28 1.37 0.16
C THR A 28 9.84 1.95 1.48
N LEU A 29 9.52 1.08 2.42
CA LEU A 29 9.13 1.48 3.74
C LEU A 29 10.33 1.34 4.65
N SER A 30 10.83 2.46 5.15
CA SER A 30 12.00 2.44 6.01
C SER A 30 11.63 2.64 7.46
N SER A 31 12.56 2.32 8.34
CA SER A 31 12.34 2.47 9.77
C SER A 31 12.53 3.92 10.22
N ASN A 32 12.78 4.81 9.26
CA ASN A 32 12.98 6.22 9.55
C ASN A 32 11.67 7.00 9.46
N GLY A 33 10.57 6.31 9.68
CA GLY A 33 9.27 6.95 9.60
C GLY A 33 9.08 7.70 8.31
N PHE A 34 9.51 7.08 7.21
CA PHE A 34 9.40 7.70 5.90
C PHE A 34 8.98 6.68 4.84
N LEU A 35 7.93 7.00 4.11
CA LEU A 35 7.43 6.13 3.05
C LEU A 35 7.78 6.74 1.69
N LEU A 36 8.59 6.03 0.91
CA LEU A 36 9.00 6.52 -0.39
C LEU A 36 8.48 5.62 -1.52
N TYR A 37 8.14 6.25 -2.64
CA TYR A 37 7.64 5.52 -3.80
C TYR A 37 8.01 6.27 -5.08
N HIS A 38 8.67 5.55 -5.99
CA HIS A 38 9.10 6.13 -7.25
C HIS A 38 8.39 5.46 -8.42
N PRO A 39 8.38 6.11 -9.60
CA PRO A 39 7.74 5.57 -10.80
C PRO A 39 8.10 4.11 -11.06
N SER A 40 9.40 3.81 -11.07
CA SER A 40 9.87 2.45 -11.31
C SER A 40 11.19 2.20 -10.60
N ILE A 41 11.81 1.05 -10.88
CA ILE A 41 13.08 0.69 -10.27
C ILE A 41 14.19 1.65 -10.68
N ASN A 42 14.20 2.03 -11.96
CA ASN A 42 15.20 2.98 -12.46
C ASN A 42 15.23 4.22 -11.58
N ASP A 43 14.10 4.52 -10.95
CA ASP A 43 14.00 5.68 -10.08
C ASP A 43 14.68 5.41 -8.73
N TYR A 44 14.47 4.20 -8.20
CA TYR A 44 15.06 3.81 -6.93
C TYR A 44 16.57 3.64 -7.08
N ILE A 45 16.94 2.85 -8.08
CA ILE A 45 18.34 2.57 -8.38
C ILE A 45 19.11 3.87 -8.63
N HIS A 46 18.69 4.57 -9.66
CA HIS A 46 19.32 5.82 -10.07
C HIS A 46 18.99 6.97 -9.11
N SER A 47 17.85 6.85 -8.42
CA SER A 47 17.42 7.87 -7.46
C SER A 47 16.89 9.12 -8.15
N THR A 48 15.70 9.00 -8.72
CA THR A 48 15.05 10.12 -9.39
C THR A 48 14.20 10.90 -8.39
N HIS A 49 13.16 11.58 -8.88
CA HIS A 49 12.28 12.37 -8.01
C HIS A 49 12.03 11.67 -6.68
N GLY A 50 11.53 10.44 -6.76
CA GLY A 50 11.26 9.67 -5.56
C GLY A 50 10.37 10.39 -4.58
N LYS A 51 9.08 10.06 -4.62
CA LYS A 51 8.11 10.68 -3.72
C LYS A 51 8.32 10.19 -2.28
N GLU A 52 8.00 11.05 -1.32
CA GLU A 52 8.15 10.70 0.09
C GLU A 52 6.99 11.24 0.91
N MET A 53 6.44 10.38 1.76
CA MET A 53 5.31 10.75 2.61
C MET A 53 5.68 10.57 4.08
N ASP A 54 5.63 11.67 4.83
CA ASP A 54 5.96 11.63 6.25
C ASP A 54 5.04 10.64 6.98
N LEU A 55 5.64 9.75 7.74
CA LEU A 55 4.88 8.74 8.47
C LEU A 55 4.57 9.20 9.90
N LEU A 56 4.43 10.51 10.09
CA LEU A 56 4.13 11.06 11.41
C LEU A 56 2.63 11.01 11.68
N ARG A 57 1.86 11.71 10.86
CA ARG A 57 0.40 11.74 11.03
C ARG A 57 -0.29 11.17 9.80
N THR A 58 0.18 10.01 9.34
CA THR A 58 -0.39 9.36 8.16
C THR A 58 -1.45 8.34 8.57
N THR A 59 -2.29 7.96 7.61
CA THR A 59 -3.33 6.98 7.86
C THR A 59 -3.28 5.87 6.81
N VAL A 60 -4.06 4.81 7.04
CA VAL A 60 -4.11 3.68 6.12
C VAL A 60 -5.54 3.20 5.95
N LYS A 61 -6.02 3.18 4.71
CA LYS A 61 -7.38 2.74 4.44
C LYS A 61 -7.47 1.97 3.13
N VAL A 62 -8.49 1.10 3.04
CA VAL A 62 -8.70 0.29 1.85
C VAL A 62 -9.61 1.03 0.85
N PRO A 63 -9.30 0.94 -0.45
CA PRO A 63 -10.09 1.61 -1.50
C PRO A 63 -11.55 1.16 -1.50
N GLY A 64 -12.35 1.75 -0.61
CA GLY A 64 -13.76 1.40 -0.52
C GLY A 64 -14.01 -0.09 -0.56
N LYS A 65 -13.09 -0.86 0.01
CA LYS A 65 -13.24 -2.32 0.05
C LYS A 65 -13.30 -2.83 1.48
N ARG A 66 -14.28 -3.68 1.75
CA ARG A 66 -14.45 -4.25 3.09
C ARG A 66 -13.18 -4.97 3.53
N PRO A 67 -13.06 -5.28 4.84
CA PRO A 67 -11.88 -5.96 5.38
C PRO A 67 -11.57 -7.25 4.62
N PRO A 68 -10.38 -7.32 4.00
CA PRO A 68 -9.95 -8.50 3.22
C PRO A 68 -10.01 -9.78 4.05
N ARG A 69 -10.89 -10.69 3.65
CA ARG A 69 -11.05 -11.96 4.35
C ARG A 69 -10.22 -13.05 3.68
N ALA A 70 -10.32 -14.27 4.21
CA ALA A 70 -9.58 -15.40 3.67
C ALA A 70 -10.25 -15.93 2.40
N ILE A 71 -11.53 -16.28 2.51
CA ILE A 71 -12.28 -16.79 1.38
C ILE A 71 -13.16 -15.71 0.77
N SER A 72 -13.59 -14.76 1.60
CA SER A 72 -14.44 -13.66 1.15
C SER A 72 -15.77 -14.19 0.62
N ALA A 73 -16.60 -13.29 0.11
CA ALA A 73 -17.91 -13.66 -0.41
C ALA A 73 -17.86 -13.92 -1.92
N PHE A 74 -16.66 -14.14 -2.42
CA PHE A 74 -16.45 -14.41 -3.83
C PHE A 74 -16.45 -15.91 -4.11
N GLY A 75 -16.98 -16.29 -5.27
CA GLY A 75 -17.03 -17.69 -5.63
C GLY A 75 -16.19 -18.01 -6.86
N PRO A 76 -15.75 -19.27 -7.00
CA PRO A 76 -14.94 -19.69 -8.15
C PRO A 76 -15.73 -19.71 -9.45
N SER A 77 -15.57 -18.66 -10.24
CA SER A 77 -16.26 -18.55 -11.52
C SER A 77 -15.87 -19.69 -12.45
N ALA A 78 -16.81 -20.59 -12.70
CA ALA A 78 -16.56 -21.74 -13.58
C ALA A 78 -16.37 -21.28 -15.03
N SER A 79 -17.04 -20.20 -15.39
CA SER A 79 -16.96 -19.65 -16.75
C SER A 79 -15.79 -18.69 -16.87
N GLY A 80 -14.75 -19.10 -17.58
CA GLY A 80 -13.59 -18.26 -17.77
C GLY A 80 -12.29 -18.94 -17.36
N SER A 81 -12.16 -20.21 -17.75
CA SER A 81 -10.96 -20.98 -17.42
C SER A 81 -10.77 -21.07 -15.91
N ALA A 82 -9.79 -21.87 -15.49
CA ALA A 82 -9.51 -22.04 -14.07
C ALA A 82 -8.37 -21.12 -13.63
N GLY A 83 -8.00 -21.23 -12.36
CA GLY A 83 -6.92 -20.40 -11.83
C GLY A 83 -7.43 -19.27 -10.96
N GLN A 84 -7.36 -18.05 -11.48
CA GLN A 84 -7.81 -16.88 -10.74
C GLN A 84 -7.02 -16.71 -9.44
N ALA A 85 -5.92 -15.99 -9.52
CA ALA A 85 -5.08 -15.76 -8.34
C ALA A 85 -5.34 -14.38 -7.75
N GLU A 86 -6.57 -13.91 -7.86
CA GLU A 86 -6.95 -12.61 -7.34
C GLU A 86 -8.18 -12.72 -6.44
N GLU A 87 -8.31 -13.86 -5.77
CA GLU A 87 -9.45 -14.09 -4.88
C GLU A 87 -9.43 -13.12 -3.70
N GLU A 88 -8.23 -12.67 -3.34
CA GLU A 88 -8.08 -11.74 -2.22
C GLU A 88 -7.25 -10.53 -2.63
N ASN A 89 -7.72 -9.81 -3.65
CA ASN A 89 -7.02 -8.62 -4.13
C ASN A 89 -6.88 -7.58 -3.01
N PHE A 90 -5.68 -7.48 -2.46
CA PHE A 90 -5.42 -6.53 -1.37
C PHE A 90 -4.96 -5.18 -1.89
N GLU A 91 -5.51 -4.13 -1.32
CA GLU A 91 -5.17 -2.75 -1.70
C GLU A 91 -5.17 -1.85 -0.47
N PHE A 92 -4.11 -1.08 -0.28
CA PHE A 92 -4.01 -0.18 0.86
C PHE A 92 -3.62 1.24 0.44
N LEU A 93 -4.28 2.22 1.05
CA LEU A 93 -4.03 3.63 0.73
C LEU A 93 -3.24 4.30 1.85
N ILE A 94 -2.34 5.22 1.46
CA ILE A 94 -1.52 5.94 2.42
C ILE A 94 -1.89 7.43 2.43
N VAL A 95 -2.54 7.88 3.50
CA VAL A 95 -2.94 9.27 3.59
C VAL A 95 -2.00 10.08 4.46
N SER A 96 -1.56 11.22 3.94
CA SER A 96 -0.65 12.10 4.67
C SER A 96 -1.44 13.17 5.41
N SER A 97 -0.73 14.12 6.01
CA SER A 97 -1.39 15.21 6.75
C SER A 97 -1.80 16.33 5.81
N THR A 98 -1.20 16.37 4.63
CA THR A 98 -1.53 17.40 3.65
C THR A 98 -2.49 16.88 2.59
N GLY A 99 -3.24 15.84 2.94
CA GLY A 99 -4.19 15.26 2.00
C GLY A 99 -3.57 14.27 1.04
N GLN A 100 -2.25 14.34 0.86
CA GLN A 100 -1.54 13.43 -0.04
C GLN A 100 -1.95 11.99 0.22
N THR A 101 -2.43 11.31 -0.82
CA THR A 101 -2.86 9.93 -0.68
C THR A 101 -2.18 9.02 -1.69
N TRP A 102 -1.36 8.10 -1.20
CA TRP A 102 -0.66 7.15 -2.06
C TRP A 102 -1.41 5.81 -2.08
N HIS A 103 -2.09 5.54 -3.18
CA HIS A 103 -2.82 4.29 -3.30
C HIS A 103 -1.96 3.21 -3.95
N PHE A 104 -1.67 2.15 -3.20
CA PHE A 104 -0.84 1.07 -3.73
C PHE A 104 -1.54 -0.29 -3.64
N GLU A 105 -1.05 -1.22 -4.45
CA GLU A 105 -1.59 -2.57 -4.50
C GLU A 105 -0.46 -3.57 -4.25
N ALA A 106 -0.48 -4.19 -3.08
CA ALA A 106 0.55 -5.17 -2.70
C ALA A 106 0.68 -6.26 -3.75
N ALA A 107 1.87 -6.36 -4.34
CA ALA A 107 2.15 -7.37 -5.36
C ALA A 107 1.90 -8.77 -4.80
N SER A 108 2.27 -8.95 -3.54
CA SER A 108 2.09 -10.23 -2.86
C SER A 108 1.03 -10.10 -1.77
N PHE A 109 0.18 -11.12 -1.65
CA PHE A 109 -0.89 -11.12 -0.65
C PHE A 109 -0.33 -10.90 0.74
N GLU A 110 0.85 -11.46 1.02
CA GLU A 110 1.49 -11.31 2.32
C GLU A 110 2.08 -9.91 2.47
N GLU A 111 2.62 -9.39 1.38
CA GLU A 111 3.22 -8.06 1.38
C GLU A 111 2.20 -6.98 1.73
N ARG A 112 0.95 -7.19 1.34
CA ARG A 112 -0.11 -6.23 1.61
C ARG A 112 -0.21 -5.94 3.11
N ASP A 113 -0.08 -6.99 3.91
CA ASP A 113 -0.15 -6.84 5.36
C ASP A 113 1.13 -6.21 5.90
N ALA A 114 2.27 -6.71 5.43
CA ALA A 114 3.55 -6.18 5.87
C ALA A 114 3.61 -4.67 5.66
N TRP A 115 3.31 -4.25 4.44
CA TRP A 115 3.29 -2.83 4.11
C TRP A 115 2.32 -2.08 5.01
N VAL A 116 1.06 -2.53 5.03
CA VAL A 116 0.06 -1.89 5.86
C VAL A 116 0.54 -1.82 7.31
N GLN A 117 1.26 -2.85 7.73
CA GLN A 117 1.81 -2.87 9.08
C GLN A 117 3.03 -1.97 9.17
N ALA A 118 3.73 -1.85 8.05
CA ALA A 118 4.92 -1.01 7.98
C ALA A 118 4.54 0.47 8.12
N ILE A 119 3.45 0.84 7.46
CA ILE A 119 2.99 2.22 7.52
C ILE A 119 2.50 2.54 8.93
N GLU A 120 1.62 1.70 9.45
CA GLU A 120 1.10 1.90 10.80
C GLU A 120 2.22 1.76 11.84
N SER A 121 3.19 0.90 11.54
CA SER A 121 4.31 0.69 12.44
C SER A 121 5.17 1.95 12.53
N GLN A 122 5.39 2.58 11.38
CA GLN A 122 6.19 3.79 11.32
C GLN A 122 5.45 4.94 11.99
N ILE A 123 4.14 4.96 11.83
CA ILE A 123 3.31 6.00 12.43
C ILE A 123 3.18 5.79 13.93
N LEU A 124 3.19 4.53 14.35
CA LEU A 124 3.08 4.20 15.77
C LEU A 124 4.35 4.62 16.50
N ALA A 125 5.50 4.46 15.85
CA ALA A 125 6.78 4.83 16.44
C ALA A 125 6.98 6.34 16.40
N SER A 126 6.40 6.98 15.40
CA SER A 126 6.52 8.43 15.25
C SER A 126 5.51 9.16 16.14
N LEU A 127 4.37 8.51 16.39
CA LEU A 127 3.33 9.11 17.21
C LEU A 127 3.86 9.44 18.61
N GLN A 128 4.82 8.64 19.07
CA GLN A 128 5.41 8.85 20.38
C GLN A 128 6.39 10.02 20.36
N ARG A 1 21.24 4.09 12.96
CA ARG A 1 20.77 3.99 11.55
C ARG A 1 19.35 3.43 11.49
N ALA A 2 18.81 3.35 10.28
CA ALA A 2 17.46 2.83 10.07
C ALA A 2 17.48 1.54 9.26
N ILE A 3 16.35 0.85 9.23
CA ILE A 3 16.24 -0.40 8.50
C ILE A 3 14.94 -0.44 7.70
N PRO A 4 14.99 -0.91 6.44
CA PRO A 4 13.79 -1.00 5.59
C PRO A 4 12.74 -1.92 6.17
N ILE A 5 11.51 -1.42 6.22
CA ILE A 5 10.39 -2.18 6.76
C ILE A 5 9.69 -2.95 5.65
N LYS A 6 9.88 -2.49 4.41
CA LYS A 6 9.28 -3.14 3.24
C LYS A 6 9.67 -2.38 1.99
N GLN A 7 10.50 -2.97 1.17
CA GLN A 7 10.93 -2.33 -0.06
C GLN A 7 10.71 -3.23 -1.26
N SER A 8 9.75 -2.87 -2.11
CA SER A 8 9.45 -3.66 -3.29
C SER A 8 8.58 -2.87 -4.26
N PHE A 9 8.15 -3.52 -5.34
CA PHE A 9 7.31 -2.88 -6.34
C PHE A 9 5.85 -2.92 -5.93
N LEU A 10 5.11 -1.87 -6.28
CA LEU A 10 3.69 -1.79 -5.96
C LEU A 10 2.90 -1.25 -7.13
N LEU A 11 1.63 -1.61 -7.20
CA LEU A 11 0.76 -1.16 -8.29
C LEU A 11 0.13 0.19 -7.93
N LYS A 12 0.09 1.11 -8.89
CA LYS A 12 -0.49 2.44 -8.64
C LYS A 12 -1.51 2.80 -9.72
N ARG A 13 -2.72 3.12 -9.28
CA ARG A 13 -3.80 3.51 -10.20
C ARG A 13 -3.37 4.66 -11.09
N SER A 14 -3.90 4.68 -12.32
CA SER A 14 -3.56 5.73 -13.27
C SER A 14 -4.81 6.51 -13.67
N GLY A 15 -5.93 5.81 -13.82
CA GLY A 15 -7.17 6.45 -14.20
C GLY A 15 -8.02 6.82 -13.01
N ASN A 16 -9.34 6.72 -13.17
CA ASN A 16 -10.27 7.05 -12.09
C ASN A 16 -10.90 5.79 -11.51
N SER A 17 -11.80 5.98 -10.55
CA SER A 17 -12.48 4.86 -9.91
C SER A 17 -13.28 4.06 -10.93
N LEU A 18 -14.01 4.77 -11.79
CA LEU A 18 -14.83 4.12 -12.81
C LEU A 18 -13.97 3.25 -13.72
N ASN A 19 -12.73 3.67 -13.94
CA ASN A 19 -11.82 2.92 -14.79
C ASN A 19 -10.46 2.76 -14.11
N LYS A 20 -10.31 1.71 -13.31
CA LYS A 20 -9.06 1.45 -12.61
C LYS A 20 -7.97 1.00 -13.57
N GLU A 21 -6.73 1.24 -13.18
CA GLU A 21 -5.57 0.87 -13.99
C GLU A 21 -4.30 1.10 -13.20
N TRP A 22 -3.74 0.02 -12.66
CA TRP A 22 -2.53 0.10 -11.86
C TRP A 22 -1.30 -0.26 -12.69
N LYS A 23 -0.19 0.43 -12.41
CA LYS A 23 1.05 0.20 -13.12
C LYS A 23 2.16 -0.19 -12.13
N LYS A 24 3.20 -0.83 -12.65
CA LYS A 24 4.31 -1.25 -11.81
C LYS A 24 5.01 -0.04 -11.19
N LYS A 25 5.10 -0.03 -9.86
CA LYS A 25 5.75 1.07 -9.15
C LYS A 25 6.83 0.55 -8.20
N TYR A 26 7.39 1.46 -7.42
CA TYR A 26 8.44 1.11 -6.47
C TYR A 26 8.20 1.83 -5.14
N VAL A 27 8.23 1.07 -4.04
CA VAL A 27 8.02 1.64 -2.72
C VAL A 27 8.98 1.09 -1.70
N THR A 28 9.38 1.93 -0.75
CA THR A 28 10.27 1.51 0.32
C THR A 28 9.83 2.10 1.65
N LEU A 29 9.35 1.24 2.53
CA LEU A 29 8.93 1.65 3.85
C LEU A 29 10.12 1.57 4.78
N SER A 30 10.54 2.71 5.29
CA SER A 30 11.70 2.78 6.18
C SER A 30 11.29 2.87 7.63
N SER A 31 12.20 2.47 8.52
CA SER A 31 11.95 2.52 9.95
C SER A 31 12.10 3.95 10.48
N ASN A 32 12.44 4.88 9.60
CA ASN A 32 12.61 6.28 9.96
C ASN A 32 11.29 7.04 9.86
N GLY A 33 10.19 6.32 10.00
CA GLY A 33 8.89 6.95 9.90
C GLY A 33 8.72 7.65 8.56
N PHE A 34 9.21 7.01 7.51
CA PHE A 34 9.13 7.59 6.18
C PHE A 34 8.77 6.54 5.14
N LEU A 35 7.99 6.97 4.15
CA LEU A 35 7.57 6.09 3.07
C LEU A 35 7.87 6.74 1.73
N LEU A 36 8.75 6.13 0.95
CA LEU A 36 9.12 6.67 -0.35
C LEU A 36 8.78 5.70 -1.48
N TYR A 37 8.23 6.23 -2.56
CA TYR A 37 7.87 5.42 -3.71
C TYR A 37 8.21 6.14 -5.01
N HIS A 38 8.80 5.41 -5.95
CA HIS A 38 9.19 5.97 -7.23
C HIS A 38 8.42 5.32 -8.37
N PRO A 39 8.34 5.99 -9.54
CA PRO A 39 7.63 5.47 -10.71
C PRO A 39 7.99 4.02 -11.02
N SER A 40 9.28 3.71 -10.99
CA SER A 40 9.76 2.35 -11.27
C SER A 40 11.13 2.12 -10.65
N ILE A 41 11.74 0.99 -10.99
CA ILE A 41 13.06 0.66 -10.46
C ILE A 41 14.12 1.65 -10.95
N ASN A 42 14.06 2.00 -12.23
CA ASN A 42 15.00 2.96 -12.79
C ASN A 42 15.03 4.23 -11.94
N ASP A 43 13.92 4.50 -11.27
CA ASP A 43 13.83 5.67 -10.41
C ASP A 43 14.57 5.45 -9.10
N TYR A 44 14.45 4.24 -8.55
CA TYR A 44 15.12 3.90 -7.30
C TYR A 44 16.62 3.76 -7.54
N ILE A 45 16.98 2.96 -8.54
CA ILE A 45 18.37 2.72 -8.90
C ILE A 45 19.08 4.03 -9.20
N HIS A 46 18.58 4.72 -10.21
CA HIS A 46 19.15 5.98 -10.67
C HIS A 46 18.83 7.12 -9.69
N SER A 47 17.74 6.96 -8.93
CA SER A 47 17.34 7.98 -7.95
C SER A 47 16.75 9.21 -8.60
N THR A 48 15.56 9.07 -9.15
CA THR A 48 14.86 10.19 -9.78
C THR A 48 14.11 10.99 -8.72
N HIS A 49 13.03 11.65 -9.12
CA HIS A 49 12.22 12.46 -8.19
C HIS A 49 12.10 11.75 -6.83
N GLY A 50 11.60 10.53 -6.86
CA GLY A 50 11.44 9.77 -5.63
C GLY A 50 10.54 10.44 -4.63
N LYS A 51 9.28 10.02 -4.58
CA LYS A 51 8.32 10.60 -3.64
C LYS A 51 8.57 10.09 -2.23
N GLU A 52 8.12 10.86 -1.24
CA GLU A 52 8.29 10.49 0.17
C GLU A 52 7.27 11.21 1.04
N MET A 53 6.96 10.61 2.18
CA MET A 53 6.00 11.18 3.10
C MET A 53 6.39 10.92 4.54
N ASP A 54 5.98 11.83 5.43
CA ASP A 54 6.26 11.69 6.86
C ASP A 54 5.22 10.80 7.49
N LEU A 55 5.65 9.69 8.09
CA LEU A 55 4.74 8.75 8.72
C LEU A 55 4.41 9.17 10.16
N LEU A 56 4.22 10.46 10.38
CA LEU A 56 3.89 10.95 11.72
C LEU A 56 2.39 10.84 11.99
N ARG A 57 1.60 11.54 11.18
CA ARG A 57 0.15 11.52 11.34
C ARG A 57 -0.52 10.94 10.08
N THR A 58 0.09 9.92 9.51
CA THR A 58 -0.44 9.28 8.31
C THR A 58 -1.57 8.31 8.66
N THR A 59 -2.37 7.97 7.65
CA THR A 59 -3.47 7.05 7.85
C THR A 59 -3.49 5.99 6.75
N VAL A 60 -4.14 4.87 7.01
CA VAL A 60 -4.24 3.79 6.04
C VAL A 60 -5.69 3.49 5.70
N LYS A 61 -6.02 3.55 4.42
CA LYS A 61 -7.38 3.29 3.97
C LYS A 61 -7.49 1.92 3.31
N VAL A 62 -8.57 1.20 3.61
CA VAL A 62 -8.79 -0.12 3.04
C VAL A 62 -10.04 -0.14 2.16
N PRO A 63 -9.85 -0.21 0.82
CA PRO A 63 -10.97 -0.23 -0.12
C PRO A 63 -11.88 -1.44 0.08
N GLY A 64 -12.74 -1.36 1.09
CA GLY A 64 -13.64 -2.45 1.39
C GLY A 64 -13.21 -3.25 2.61
N LYS A 65 -13.76 -2.91 3.77
CA LYS A 65 -13.42 -3.60 5.01
C LYS A 65 -13.53 -5.11 4.84
N ARG A 66 -13.12 -5.85 5.86
CA ARG A 66 -13.16 -7.32 5.82
C ARG A 66 -12.30 -7.85 4.68
N PRO A 67 -12.01 -9.16 4.68
CA PRO A 67 -11.20 -9.78 3.64
C PRO A 67 -11.80 -9.59 2.24
N PRO A 68 -10.94 -9.50 1.20
CA PRO A 68 -11.40 -9.31 -0.18
C PRO A 68 -12.18 -10.51 -0.70
N ARG A 69 -13.50 -10.45 -0.59
CA ARG A 69 -14.37 -11.53 -1.05
C ARG A 69 -15.43 -11.00 -2.00
N ALA A 70 -16.34 -11.89 -2.42
CA ALA A 70 -17.42 -11.50 -3.32
C ALA A 70 -18.22 -10.34 -2.76
N ILE A 71 -18.75 -10.51 -1.56
CA ILE A 71 -19.55 -9.48 -0.91
C ILE A 71 -19.40 -9.54 0.61
N SER A 72 -20.13 -10.44 1.23
CA SER A 72 -20.08 -10.61 2.68
C SER A 72 -21.08 -11.66 3.15
N ALA A 73 -20.65 -12.92 3.15
CA ALA A 73 -21.52 -14.01 3.58
C ALA A 73 -21.35 -14.32 5.06
N PHE A 74 -20.78 -13.38 5.79
CA PHE A 74 -20.55 -13.54 7.22
C PHE A 74 -19.72 -14.79 7.51
N GLY A 75 -18.41 -14.66 7.43
CA GLY A 75 -17.53 -15.78 7.67
C GLY A 75 -17.77 -16.94 6.71
N PRO A 76 -17.01 -18.04 6.84
CA PRO A 76 -17.15 -19.21 5.98
C PRO A 76 -18.53 -19.85 6.10
N SER A 77 -19.54 -19.23 5.49
CA SER A 77 -20.89 -19.74 5.54
C SER A 77 -21.67 -19.33 4.29
N ALA A 78 -21.53 -20.12 3.23
CA ALA A 78 -22.22 -19.85 1.98
C ALA A 78 -23.73 -19.99 2.13
N SER A 79 -24.14 -21.14 2.65
CA SER A 79 -25.56 -21.41 2.86
C SER A 79 -26.33 -21.33 1.55
N GLY A 80 -26.28 -22.40 0.76
CA GLY A 80 -26.98 -22.41 -0.50
C GLY A 80 -26.05 -22.70 -1.67
N SER A 81 -25.37 -21.67 -2.16
CA SER A 81 -24.45 -21.81 -3.28
C SER A 81 -23.02 -21.47 -2.86
N ALA A 82 -22.12 -21.43 -3.83
CA ALA A 82 -20.71 -21.11 -3.56
C ALA A 82 -20.39 -19.69 -3.99
N GLY A 83 -19.15 -19.28 -3.78
CA GLY A 83 -18.72 -17.94 -4.14
C GLY A 83 -18.23 -17.87 -5.58
N GLN A 84 -18.86 -17.00 -6.37
CA GLN A 84 -18.48 -16.84 -7.77
C GLN A 84 -17.30 -15.87 -7.91
N ALA A 85 -17.22 -14.91 -6.98
CA ALA A 85 -16.14 -13.93 -7.00
C ALA A 85 -14.95 -14.40 -6.17
N GLU A 86 -13.76 -14.08 -6.63
CA GLU A 86 -12.53 -14.48 -5.93
C GLU A 86 -11.32 -13.73 -6.50
N GLU A 87 -11.52 -12.44 -6.81
CA GLU A 87 -10.46 -11.62 -7.37
C GLU A 87 -9.31 -11.48 -6.37
N GLU A 88 -9.64 -11.37 -5.08
CA GLU A 88 -8.64 -11.23 -4.04
C GLU A 88 -7.69 -10.07 -4.34
N ASN A 89 -8.28 -8.89 -4.52
CA ASN A 89 -7.49 -7.69 -4.81
C ASN A 89 -7.04 -7.00 -3.52
N PHE A 90 -5.77 -7.17 -3.18
CA PHE A 90 -5.21 -6.58 -1.98
C PHE A 90 -4.61 -5.20 -2.28
N GLU A 91 -5.27 -4.15 -1.80
CA GLU A 91 -4.82 -2.79 -2.04
C GLU A 91 -4.98 -1.93 -0.77
N PHE A 92 -3.96 -1.12 -0.47
CA PHE A 92 -4.00 -0.26 0.71
C PHE A 92 -3.64 1.19 0.34
N LEU A 93 -4.28 2.14 1.01
CA LEU A 93 -4.03 3.56 0.75
C LEU A 93 -3.18 4.19 1.85
N ILE A 94 -2.41 5.20 1.49
CA ILE A 94 -1.55 5.90 2.44
C ILE A 94 -1.84 7.40 2.45
N VAL A 95 -2.46 7.88 3.52
CA VAL A 95 -2.81 9.30 3.62
C VAL A 95 -1.78 10.06 4.45
N SER A 96 -1.19 11.08 3.84
CA SER A 96 -0.21 11.91 4.53
C SER A 96 -0.88 13.06 5.27
N SER A 97 -0.08 13.93 5.87
CA SER A 97 -0.63 15.06 6.59
C SER A 97 -0.91 16.25 5.67
N THR A 98 -0.59 16.09 4.39
CA THR A 98 -0.83 17.14 3.41
C THR A 98 -1.90 16.74 2.42
N GLY A 99 -2.73 15.78 2.81
CA GLY A 99 -3.81 15.32 1.95
C GLY A 99 -3.36 14.34 0.88
N GLN A 100 -2.05 14.30 0.61
CA GLN A 100 -1.53 13.40 -0.41
C GLN A 100 -1.81 11.95 -0.03
N THR A 101 -2.55 11.25 -0.89
CA THR A 101 -2.90 9.86 -0.62
C THR A 101 -2.28 8.92 -1.65
N TRP A 102 -1.37 8.06 -1.18
CA TRP A 102 -0.71 7.09 -2.03
C TRP A 102 -1.46 5.77 -2.02
N HIS A 103 -2.17 5.47 -3.10
CA HIS A 103 -2.90 4.21 -3.17
C HIS A 103 -2.07 3.17 -3.91
N PHE A 104 -1.69 2.11 -3.20
CA PHE A 104 -0.90 1.05 -3.82
C PHE A 104 -1.59 -0.30 -3.73
N GLU A 105 -1.08 -1.25 -4.51
CA GLU A 105 -1.61 -2.60 -4.53
C GLU A 105 -0.47 -3.59 -4.38
N ALA A 106 -0.33 -4.15 -3.19
CA ALA A 106 0.73 -5.10 -2.89
C ALA A 106 0.81 -6.21 -3.94
N ALA A 107 2.00 -6.40 -4.51
CA ALA A 107 2.21 -7.43 -5.51
C ALA A 107 1.91 -8.81 -4.94
N SER A 108 2.10 -8.94 -3.62
CA SER A 108 1.85 -10.20 -2.93
C SER A 108 0.93 -9.98 -1.73
N PHE A 109 0.05 -10.94 -1.48
CA PHE A 109 -0.88 -10.83 -0.37
C PHE A 109 -0.15 -10.66 0.95
N GLU A 110 0.89 -11.47 1.17
CA GLU A 110 1.66 -11.40 2.40
C GLU A 110 2.33 -10.03 2.53
N GLU A 111 2.82 -9.51 1.41
CA GLU A 111 3.48 -8.22 1.39
C GLU A 111 2.49 -7.10 1.72
N ARG A 112 1.24 -7.27 1.28
CA ARG A 112 0.21 -6.27 1.52
C ARG A 112 0.06 -5.99 3.01
N ASP A 113 -0.06 -7.06 3.80
CA ASP A 113 -0.20 -6.92 5.24
C ASP A 113 1.06 -6.34 5.85
N ALA A 114 2.21 -6.81 5.39
CA ALA A 114 3.49 -6.30 5.89
C ALA A 114 3.56 -4.80 5.68
N TRP A 115 3.31 -4.36 4.46
CA TRP A 115 3.31 -2.95 4.13
C TRP A 115 2.33 -2.19 5.01
N VAL A 116 1.07 -2.62 4.98
CA VAL A 116 0.05 -1.97 5.80
C VAL A 116 0.49 -1.91 7.25
N GLN A 117 1.18 -2.95 7.69
CA GLN A 117 1.69 -3.00 9.06
C GLN A 117 2.91 -2.10 9.19
N ALA A 118 3.65 -1.95 8.09
CA ALA A 118 4.83 -1.12 8.06
C ALA A 118 4.44 0.35 8.16
N ILE A 119 3.32 0.70 7.51
CA ILE A 119 2.83 2.07 7.54
C ILE A 119 2.36 2.43 8.93
N GLU A 120 1.48 1.60 9.50
CA GLU A 120 0.96 1.84 10.83
C GLU A 120 2.08 1.73 11.85
N SER A 121 3.03 0.85 11.58
CA SER A 121 4.17 0.65 12.47
C SER A 121 5.02 1.91 12.54
N GLN A 122 5.20 2.55 11.38
CA GLN A 122 5.99 3.77 11.31
C GLN A 122 5.26 4.91 12.01
N ILE A 123 3.93 4.88 11.95
CA ILE A 123 3.11 5.91 12.58
C ILE A 123 3.12 5.75 14.09
N LEU A 124 3.15 4.51 14.56
CA LEU A 124 3.17 4.23 15.98
C LEU A 124 4.50 4.67 16.60
N ALA A 125 5.58 4.45 15.86
CA ALA A 125 6.91 4.82 16.34
C ALA A 125 7.12 6.33 16.21
N SER A 126 6.43 6.96 15.27
CA SER A 126 6.54 8.39 15.05
C SER A 126 5.63 9.17 15.99
N LEU A 127 4.47 8.58 16.31
CA LEU A 127 3.52 9.22 17.21
C LEU A 127 4.14 9.50 18.57
N GLN A 128 4.99 8.59 19.02
CA GLN A 128 5.66 8.73 20.30
C GLN A 128 7.12 9.14 20.11
N ARG A 1 20.33 4.86 12.73
CA ARG A 1 20.37 3.67 11.83
C ARG A 1 18.97 3.28 11.36
N ALA A 2 18.66 3.61 10.12
CA ALA A 2 17.35 3.29 9.56
C ALA A 2 17.39 1.97 8.78
N ILE A 3 16.37 1.16 8.98
CA ILE A 3 16.26 -0.13 8.31
C ILE A 3 14.97 -0.23 7.51
N PRO A 4 15.03 -0.73 6.28
CA PRO A 4 13.85 -0.87 5.42
C PRO A 4 12.81 -1.81 6.01
N ILE A 5 11.58 -1.32 6.12
CA ILE A 5 10.48 -2.12 6.66
C ILE A 5 9.74 -2.86 5.56
N LYS A 6 9.90 -2.40 4.32
CA LYS A 6 9.27 -3.02 3.16
C LYS A 6 9.63 -2.25 1.91
N GLN A 7 10.44 -2.84 1.06
CA GLN A 7 10.83 -2.17 -0.17
C GLN A 7 10.64 -3.09 -1.36
N SER A 8 9.64 -2.79 -2.18
CA SER A 8 9.36 -3.61 -3.36
C SER A 8 8.47 -2.87 -4.35
N PHE A 9 8.07 -3.57 -5.41
CA PHE A 9 7.23 -2.97 -6.44
C PHE A 9 5.77 -2.93 -6.00
N LEU A 10 5.07 -1.88 -6.42
CA LEU A 10 3.66 -1.72 -6.08
C LEU A 10 2.89 -1.17 -7.27
N LEU A 11 1.61 -1.50 -7.35
CA LEU A 11 0.78 -1.00 -8.44
C LEU A 11 0.17 0.34 -8.06
N LYS A 12 0.21 1.29 -8.99
CA LYS A 12 -0.33 2.63 -8.74
C LYS A 12 -1.42 2.99 -9.74
N ARG A 13 -2.66 3.07 -9.25
CA ARG A 13 -3.80 3.40 -10.10
C ARG A 13 -3.61 4.76 -10.75
N SER A 14 -4.15 4.92 -11.95
CA SER A 14 -4.04 6.17 -12.69
C SER A 14 -5.41 6.71 -13.07
N GLY A 15 -6.19 7.13 -12.08
CA GLY A 15 -7.51 7.66 -12.33
C GLY A 15 -8.47 6.60 -12.86
N ASN A 16 -9.63 7.05 -13.33
CA ASN A 16 -10.63 6.15 -13.87
C ASN A 16 -11.13 5.18 -12.79
N SER A 17 -12.17 5.57 -12.08
CA SER A 17 -12.74 4.74 -11.02
C SER A 17 -13.41 3.50 -11.60
N LEU A 18 -14.32 3.72 -12.56
CA LEU A 18 -15.03 2.61 -13.20
C LEU A 18 -14.07 1.63 -13.83
N ASN A 19 -13.02 2.15 -14.45
CA ASN A 19 -12.01 1.33 -15.11
C ASN A 19 -10.61 1.68 -14.60
N LYS A 20 -10.30 1.22 -13.39
CA LYS A 20 -9.00 1.49 -12.78
C LYS A 20 -7.86 1.18 -13.75
N GLU A 21 -6.65 1.51 -13.34
CA GLU A 21 -5.46 1.27 -14.15
C GLU A 21 -4.21 1.50 -13.32
N TRP A 22 -3.63 0.41 -12.84
CA TRP A 22 -2.44 0.48 -12.01
C TRP A 22 -1.19 0.11 -12.81
N LYS A 23 -0.11 0.85 -12.56
CA LYS A 23 1.16 0.61 -13.26
C LYS A 23 2.23 0.16 -12.26
N LYS A 24 3.25 -0.51 -12.77
CA LYS A 24 4.33 -0.99 -11.91
C LYS A 24 5.07 0.17 -11.26
N LYS A 25 5.12 0.15 -9.93
CA LYS A 25 5.79 1.20 -9.18
C LYS A 25 6.85 0.62 -8.24
N TYR A 26 7.44 1.46 -7.42
CA TYR A 26 8.46 1.03 -6.48
C TYR A 26 8.35 1.82 -5.17
N VAL A 27 8.03 1.12 -4.08
CA VAL A 27 7.89 1.77 -2.78
C VAL A 27 8.87 1.20 -1.76
N THR A 28 9.30 2.06 -0.84
CA THR A 28 10.20 1.61 0.21
C THR A 28 9.83 2.21 1.56
N LEU A 29 9.37 1.36 2.46
CA LEU A 29 9.01 1.76 3.80
C LEU A 29 10.25 1.64 4.67
N SER A 30 10.72 2.76 5.21
CA SER A 30 11.91 2.76 6.03
C SER A 30 11.57 2.92 7.51
N SER A 31 12.54 2.63 8.36
CA SER A 31 12.35 2.74 9.80
C SER A 31 12.44 4.19 10.27
N ASN A 32 12.66 5.12 9.35
CA ASN A 32 12.76 6.54 9.70
C ASN A 32 11.42 7.25 9.58
N GLY A 33 10.34 6.47 9.72
CA GLY A 33 9.02 7.05 9.62
C GLY A 33 8.82 7.79 8.31
N PHE A 34 9.30 7.19 7.23
CA PHE A 34 9.18 7.80 5.92
C PHE A 34 8.82 6.77 4.85
N LEU A 35 7.77 7.08 4.10
CA LEU A 35 7.33 6.19 3.04
C LEU A 35 7.66 6.81 1.68
N LEU A 36 8.51 6.14 0.91
CA LEU A 36 8.91 6.66 -0.39
C LEU A 36 8.40 5.78 -1.53
N TYR A 37 8.16 6.40 -2.69
CA TYR A 37 7.68 5.67 -3.85
C TYR A 37 8.13 6.36 -5.14
N HIS A 38 8.72 5.57 -6.04
CA HIS A 38 9.21 6.08 -7.31
C HIS A 38 8.50 5.37 -8.47
N PRO A 39 8.56 5.97 -9.68
CA PRO A 39 7.92 5.39 -10.87
C PRO A 39 8.24 3.91 -11.07
N SER A 40 9.51 3.54 -10.86
CA SER A 40 9.93 2.16 -11.02
C SER A 40 11.25 1.90 -10.30
N ILE A 41 11.86 0.76 -10.59
CA ILE A 41 13.13 0.39 -9.98
C ILE A 41 14.25 1.33 -10.42
N ASN A 42 14.34 1.58 -11.72
CA ASN A 42 15.35 2.48 -12.25
C ASN A 42 15.32 3.82 -11.51
N ASP A 43 14.16 4.14 -10.96
CA ASP A 43 14.01 5.39 -10.22
C ASP A 43 14.64 5.27 -8.83
N TYR A 44 14.42 4.14 -8.18
CA TYR A 44 14.98 3.88 -6.85
C TYR A 44 16.49 3.74 -6.94
N ILE A 45 16.93 2.86 -7.84
CA ILE A 45 18.35 2.59 -8.05
C ILE A 45 19.09 3.87 -8.42
N HIS A 46 18.71 4.43 -9.55
CA HIS A 46 19.32 5.64 -10.09
C HIS A 46 18.94 6.89 -9.30
N SER A 47 17.79 6.83 -8.63
CA SER A 47 17.31 7.96 -7.82
C SER A 47 16.72 9.06 -8.71
N THR A 48 15.53 8.80 -9.23
CA THR A 48 14.83 9.76 -10.08
C THR A 48 13.33 9.68 -9.82
N HIS A 49 12.76 10.78 -9.36
CA HIS A 49 11.33 10.82 -9.06
C HIS A 49 11.01 9.85 -7.93
N GLY A 50 11.11 10.35 -6.70
CA GLY A 50 10.83 9.52 -5.54
C GLY A 50 10.12 10.28 -4.46
N LYS A 51 8.79 10.27 -4.53
CA LYS A 51 7.97 10.98 -3.55
C LYS A 51 8.06 10.32 -2.18
N GLU A 52 8.05 11.14 -1.14
CA GLU A 52 8.14 10.65 0.23
C GLU A 52 7.18 11.42 1.14
N MET A 53 6.70 10.74 2.18
CA MET A 53 5.77 11.35 3.12
C MET A 53 6.15 11.04 4.56
N ASP A 54 5.79 11.94 5.46
CA ASP A 54 6.08 11.76 6.88
C ASP A 54 5.09 10.77 7.47
N LEU A 55 5.61 9.76 8.18
CA LEU A 55 4.76 8.74 8.79
C LEU A 55 4.37 9.12 10.22
N LEU A 56 4.37 10.42 10.51
CA LEU A 56 4.00 10.89 11.85
C LEU A 56 2.49 10.98 11.99
N ARG A 57 1.84 11.60 11.01
CA ARG A 57 0.39 11.76 11.02
C ARG A 57 -0.21 11.17 9.75
N THR A 58 0.09 9.90 9.50
CA THR A 58 -0.42 9.21 8.31
C THR A 58 -1.58 8.30 8.66
N THR A 59 -2.36 7.92 7.66
CA THR A 59 -3.50 7.04 7.85
C THR A 59 -3.52 5.93 6.80
N VAL A 60 -4.37 4.94 7.01
CA VAL A 60 -4.49 3.83 6.08
C VAL A 60 -5.93 3.68 5.59
N LYS A 61 -6.10 3.80 4.27
CA LYS A 61 -7.42 3.70 3.67
C LYS A 61 -7.55 2.40 2.87
N VAL A 62 -8.76 1.86 2.83
CA VAL A 62 -9.02 0.62 2.10
C VAL A 62 -10.35 0.69 1.35
N PRO A 63 -10.37 0.24 0.08
CA PRO A 63 -11.58 0.25 -0.74
C PRO A 63 -12.61 -0.78 -0.26
N GLY A 64 -13.09 -0.60 0.96
CA GLY A 64 -14.06 -1.52 1.52
C GLY A 64 -13.65 -2.03 2.89
N LYS A 65 -14.27 -1.48 3.93
CA LYS A 65 -13.97 -1.88 5.30
C LYS A 65 -14.07 -3.40 5.46
N ARG A 66 -13.68 -3.89 6.64
CA ARG A 66 -13.73 -5.31 6.92
C ARG A 66 -12.75 -6.08 6.03
N PRO A 67 -12.28 -7.26 6.48
CA PRO A 67 -11.34 -8.08 5.72
C PRO A 67 -11.83 -8.36 4.30
N PRO A 68 -11.01 -8.07 3.28
CA PRO A 68 -11.39 -8.30 1.87
C PRO A 68 -11.88 -9.73 1.63
N ARG A 69 -13.16 -9.88 1.34
CA ARG A 69 -13.74 -11.18 1.08
C ARG A 69 -13.16 -11.81 -0.18
N ALA A 70 -12.66 -13.03 -0.04
CA ALA A 70 -12.05 -13.74 -1.17
C ALA A 70 -13.12 -14.49 -1.97
N ILE A 71 -14.17 -14.92 -1.28
CA ILE A 71 -15.26 -15.65 -1.93
C ILE A 71 -16.23 -14.70 -2.62
N SER A 72 -16.42 -13.53 -2.03
CA SER A 72 -17.33 -12.53 -2.59
C SER A 72 -17.04 -11.15 -2.02
N ALA A 73 -16.48 -10.27 -2.86
CA ALA A 73 -16.15 -8.92 -2.44
C ALA A 73 -17.29 -7.94 -2.74
N PHE A 74 -18.47 -8.49 -2.97
CA PHE A 74 -19.64 -7.67 -3.29
C PHE A 74 -20.83 -8.07 -2.40
N GLY A 75 -21.80 -7.18 -2.31
CA GLY A 75 -22.97 -7.45 -1.50
C GLY A 75 -23.80 -8.59 -2.05
N PRO A 76 -25.13 -8.40 -2.21
CA PRO A 76 -26.02 -9.45 -2.73
C PRO A 76 -25.73 -9.76 -4.20
N SER A 77 -26.54 -10.64 -4.78
CA SER A 77 -26.37 -11.03 -6.18
C SER A 77 -24.99 -11.65 -6.41
N ALA A 78 -24.92 -12.97 -6.25
CA ALA A 78 -23.67 -13.69 -6.45
C ALA A 78 -23.12 -13.48 -7.86
N SER A 79 -24.03 -13.27 -8.81
CA SER A 79 -23.65 -13.06 -10.20
C SER A 79 -23.36 -11.57 -10.47
N GLY A 80 -22.46 -11.00 -9.68
CA GLY A 80 -22.11 -9.61 -9.84
C GLY A 80 -20.64 -9.40 -10.14
N SER A 81 -20.35 -8.73 -11.25
CA SER A 81 -18.96 -8.47 -11.64
C SER A 81 -18.78 -7.02 -12.05
N ALA A 82 -17.69 -6.41 -11.59
CA ALA A 82 -17.40 -5.01 -11.91
C ALA A 82 -15.93 -4.84 -12.28
N GLY A 83 -15.63 -5.02 -13.57
CA GLY A 83 -14.25 -4.88 -14.02
C GLY A 83 -13.68 -6.17 -14.57
N GLN A 84 -12.74 -6.76 -13.84
CA GLN A 84 -12.12 -8.00 -14.27
C GLN A 84 -12.40 -9.12 -13.27
N ALA A 85 -11.83 -8.99 -12.08
CA ALA A 85 -12.01 -9.99 -11.03
C ALA A 85 -11.31 -9.56 -9.74
N GLU A 86 -12.10 -9.08 -8.78
CA GLU A 86 -11.56 -8.64 -7.51
C GLU A 86 -11.71 -9.73 -6.45
N GLU A 87 -11.65 -10.98 -6.88
CA GLU A 87 -11.79 -12.11 -5.97
C GLU A 87 -10.62 -12.17 -4.99
N GLU A 88 -9.45 -11.70 -5.44
CA GLU A 88 -8.26 -11.70 -4.60
C GLU A 88 -7.36 -10.52 -4.95
N ASN A 89 -7.87 -9.31 -4.78
CA ASN A 89 -7.12 -8.10 -5.08
C ASN A 89 -6.82 -7.32 -3.80
N PHE A 90 -5.58 -7.42 -3.33
CA PHE A 90 -5.16 -6.71 -2.11
C PHE A 90 -4.64 -5.32 -2.43
N GLU A 91 -5.31 -4.31 -1.90
CA GLU A 91 -4.91 -2.92 -2.13
C GLU A 91 -5.05 -2.09 -0.86
N PHE A 92 -4.05 -1.26 -0.58
CA PHE A 92 -4.07 -0.40 0.61
C PHE A 92 -3.68 1.03 0.25
N LEU A 93 -4.27 1.99 0.96
CA LEU A 93 -4.00 3.41 0.71
C LEU A 93 -3.15 4.02 1.82
N ILE A 94 -2.34 5.01 1.46
CA ILE A 94 -1.47 5.69 2.41
C ILE A 94 -1.73 7.20 2.40
N VAL A 95 -2.32 7.71 3.49
CA VAL A 95 -2.63 9.13 3.58
C VAL A 95 -1.59 9.88 4.40
N SER A 96 -1.16 11.02 3.89
CA SER A 96 -0.17 11.84 4.56
C SER A 96 -0.85 12.94 5.38
N SER A 97 -0.06 13.84 5.95
CA SER A 97 -0.60 14.93 6.75
C SER A 97 -1.08 16.08 5.88
N THR A 98 -0.61 16.12 4.63
CA THR A 98 -1.01 17.18 3.71
C THR A 98 -2.11 16.70 2.76
N GLY A 99 -2.87 15.70 3.20
CA GLY A 99 -3.95 15.18 2.40
C GLY A 99 -3.49 14.23 1.31
N GLN A 100 -2.18 14.17 1.07
CA GLN A 100 -1.63 13.29 0.04
C GLN A 100 -2.03 11.84 0.31
N THR A 101 -2.49 11.14 -0.74
CA THR A 101 -2.91 9.76 -0.59
C THR A 101 -2.31 8.87 -1.69
N TRP A 102 -1.45 7.95 -1.28
CA TRP A 102 -0.82 7.01 -2.20
C TRP A 102 -1.55 5.68 -2.20
N HIS A 103 -2.31 5.41 -3.25
CA HIS A 103 -3.01 4.14 -3.34
C HIS A 103 -2.15 3.11 -4.06
N PHE A 104 -1.77 2.05 -3.35
CA PHE A 104 -0.93 1.02 -3.93
C PHE A 104 -1.61 -0.34 -3.93
N GLU A 105 -1.09 -1.24 -4.76
CA GLU A 105 -1.62 -2.59 -4.86
C GLU A 105 -0.49 -3.59 -4.68
N ALA A 106 -0.41 -4.18 -3.49
CA ALA A 106 0.64 -5.15 -3.17
C ALA A 106 0.64 -6.31 -4.16
N ALA A 107 1.80 -6.58 -4.74
CA ALA A 107 1.95 -7.68 -5.70
C ALA A 107 1.72 -9.02 -5.01
N SER A 108 2.11 -9.09 -3.74
CA SER A 108 1.96 -10.32 -2.96
C SER A 108 0.97 -10.09 -1.81
N PHE A 109 0.24 -11.14 -1.47
CA PHE A 109 -0.75 -11.06 -0.40
C PHE A 109 -0.08 -10.82 0.96
N GLU A 110 1.10 -11.41 1.14
CA GLU A 110 1.85 -11.25 2.39
C GLU A 110 2.46 -9.85 2.48
N GLU A 111 2.84 -9.30 1.34
CA GLU A 111 3.45 -7.97 1.29
C GLU A 111 2.45 -6.88 1.65
N ARG A 112 1.21 -7.04 1.21
CA ARG A 112 0.17 -6.05 1.49
C ARG A 112 0.00 -5.85 2.99
N ASP A 113 0.14 -6.93 3.74
CA ASP A 113 0.01 -6.87 5.19
C ASP A 113 1.25 -6.22 5.81
N ALA A 114 2.42 -6.67 5.38
CA ALA A 114 3.67 -6.13 5.88
C ALA A 114 3.70 -4.62 5.70
N TRP A 115 3.36 -4.17 4.49
CA TRP A 115 3.33 -2.74 4.19
C TRP A 115 2.35 -2.02 5.10
N VAL A 116 1.11 -2.49 5.12
CA VAL A 116 0.09 -1.87 5.96
C VAL A 116 0.55 -1.85 7.41
N GLN A 117 1.29 -2.89 7.81
CA GLN A 117 1.81 -2.97 9.16
C GLN A 117 3.06 -2.12 9.31
N ALA A 118 3.78 -1.93 8.20
CA ALA A 118 4.99 -1.13 8.21
C ALA A 118 4.64 0.35 8.36
N ILE A 119 3.63 0.77 7.62
CA ILE A 119 3.19 2.16 7.67
C ILE A 119 2.59 2.46 9.04
N GLU A 120 1.68 1.60 9.50
CA GLU A 120 1.05 1.80 10.80
C GLU A 120 2.11 1.67 11.90
N SER A 121 3.10 0.81 11.67
CA SER A 121 4.17 0.60 12.64
C SER A 121 5.01 1.86 12.79
N GLN A 122 5.37 2.46 11.66
CA GLN A 122 6.17 3.68 11.68
C GLN A 122 5.41 4.81 12.35
N ILE A 123 4.09 4.79 12.21
CA ILE A 123 3.24 5.82 12.81
C ILE A 123 3.20 5.67 14.32
N LEU A 124 3.16 4.42 14.79
CA LEU A 124 3.12 4.15 16.22
C LEU A 124 4.44 4.53 16.88
N ALA A 125 5.54 4.32 16.15
CA ALA A 125 6.87 4.63 16.66
C ALA A 125 7.13 6.14 16.63
N SER A 126 6.54 6.81 15.64
CA SER A 126 6.71 8.26 15.51
C SER A 126 5.82 9.00 16.51
N LEU A 127 4.67 8.40 16.82
CA LEU A 127 3.74 9.02 17.76
C LEU A 127 4.35 9.10 19.16
N GLN A 128 4.94 7.99 19.60
CA GLN A 128 5.57 7.93 20.92
C GLN A 128 6.93 8.60 20.90
N ARG A 1 20.67 5.45 11.20
CA ARG A 1 20.34 4.51 10.10
C ARG A 1 19.16 3.62 10.46
N ALA A 2 18.06 3.80 9.73
CA ALA A 2 16.85 3.01 9.98
C ALA A 2 16.91 1.67 9.26
N ILE A 3 15.93 0.83 9.53
CA ILE A 3 15.86 -0.49 8.91
C ILE A 3 14.64 -0.60 7.98
N PRO A 4 14.84 -1.09 6.75
CA PRO A 4 13.74 -1.23 5.79
C PRO A 4 12.62 -2.12 6.31
N ILE A 5 11.41 -1.60 6.31
CA ILE A 5 10.24 -2.34 6.77
C ILE A 5 9.51 -3.04 5.63
N LYS A 6 9.77 -2.59 4.40
CA LYS A 6 9.17 -3.17 3.21
C LYS A 6 9.59 -2.39 1.98
N GLN A 7 10.41 -2.98 1.15
CA GLN A 7 10.87 -2.32 -0.06
C GLN A 7 10.72 -3.24 -1.26
N SER A 8 9.89 -2.82 -2.21
CA SER A 8 9.67 -3.62 -3.41
C SER A 8 8.77 -2.88 -4.40
N PHE A 9 8.41 -3.56 -5.48
CA PHE A 9 7.56 -2.97 -6.51
C PHE A 9 6.10 -3.02 -6.08
N LEU A 10 5.41 -1.88 -6.23
CA LEU A 10 4.01 -1.78 -5.86
C LEU A 10 3.18 -1.25 -7.02
N LEU A 11 1.93 -1.68 -7.11
CA LEU A 11 1.05 -1.22 -8.17
C LEU A 11 0.36 0.07 -7.75
N LYS A 12 0.39 1.08 -8.61
CA LYS A 12 -0.23 2.36 -8.30
C LYS A 12 -1.42 2.62 -9.22
N ARG A 13 -2.62 2.62 -8.62
CA ARG A 13 -3.84 2.86 -9.37
C ARG A 13 -3.79 4.18 -10.13
N SER A 14 -4.45 4.23 -11.28
CA SER A 14 -4.47 5.44 -12.09
C SER A 14 -5.90 5.86 -12.41
N GLY A 15 -6.72 4.89 -12.79
CA GLY A 15 -8.11 5.17 -13.11
C GLY A 15 -9.01 5.09 -11.90
N ASN A 16 -10.30 4.86 -12.15
CA ASN A 16 -11.29 4.76 -11.08
C ASN A 16 -11.77 3.32 -10.92
N SER A 17 -12.73 3.13 -10.01
CA SER A 17 -13.29 1.81 -9.76
C SER A 17 -13.91 1.23 -11.04
N LEU A 18 -14.64 2.06 -11.76
CA LEU A 18 -15.29 1.64 -13.00
C LEU A 18 -14.26 1.26 -14.05
N ASN A 19 -13.11 1.93 -14.02
CA ASN A 19 -12.04 1.65 -14.95
C ASN A 19 -10.67 1.83 -14.30
N LYS A 20 -10.30 0.88 -13.45
CA LYS A 20 -9.02 0.94 -12.76
C LYS A 20 -7.87 0.64 -13.70
N GLU A 21 -6.66 0.99 -13.28
CA GLU A 21 -5.46 0.76 -14.07
C GLU A 21 -4.22 1.11 -13.25
N TRP A 22 -3.56 0.09 -12.74
CA TRP A 22 -2.37 0.29 -11.93
C TRP A 22 -1.10 0.04 -12.75
N LYS A 23 -0.04 0.76 -12.39
CA LYS A 23 1.24 0.62 -13.09
C LYS A 23 2.33 0.15 -12.13
N LYS A 24 3.35 -0.50 -12.67
CA LYS A 24 4.45 -1.01 -11.85
C LYS A 24 5.20 0.15 -11.19
N LYS A 25 5.16 0.18 -9.87
CA LYS A 25 5.84 1.23 -9.11
C LYS A 25 6.92 0.65 -8.21
N TYR A 26 7.52 1.51 -7.38
CA TYR A 26 8.58 1.10 -6.48
C TYR A 26 8.47 1.86 -5.16
N VAL A 27 8.19 1.13 -4.07
CA VAL A 27 8.05 1.76 -2.76
C VAL A 27 9.02 1.17 -1.74
N THR A 28 9.37 1.99 -0.76
CA THR A 28 10.23 1.54 0.32
C THR A 28 9.74 2.08 1.65
N LEU A 29 9.51 1.18 2.58
CA LEU A 29 9.06 1.53 3.91
C LEU A 29 10.23 1.37 4.85
N SER A 30 10.70 2.48 5.41
CA SER A 30 11.84 2.44 6.32
C SER A 30 11.40 2.63 7.75
N SER A 31 12.26 2.20 8.67
CA SER A 31 11.96 2.33 10.10
C SER A 31 12.13 3.78 10.57
N ASN A 32 12.44 4.67 9.63
CA ASN A 32 12.64 6.09 9.95
C ASN A 32 11.33 6.86 9.84
N GLY A 33 10.22 6.17 10.00
CA GLY A 33 8.93 6.81 9.90
C GLY A 33 8.78 7.57 8.60
N PHE A 34 9.27 6.98 7.52
CA PHE A 34 9.20 7.61 6.22
C PHE A 34 8.83 6.62 5.13
N LEU A 35 7.87 7.01 4.30
CA LEU A 35 7.42 6.17 3.20
C LEU A 35 7.72 6.85 1.88
N LEU A 36 8.57 6.22 1.07
CA LEU A 36 8.95 6.79 -0.22
C LEU A 36 8.56 5.86 -1.36
N TYR A 37 8.27 6.44 -2.53
CA TYR A 37 7.89 5.66 -3.69
C TYR A 37 8.23 6.39 -4.99
N HIS A 38 8.77 5.65 -5.95
CA HIS A 38 9.16 6.19 -7.24
C HIS A 38 8.39 5.49 -8.36
N PRO A 39 8.34 6.10 -9.55
CA PRO A 39 7.63 5.53 -10.71
C PRO A 39 7.98 4.06 -10.94
N SER A 40 9.23 3.69 -10.68
CA SER A 40 9.68 2.30 -10.87
C SER A 40 11.09 2.09 -10.32
N ILE A 41 11.68 0.96 -10.66
CA ILE A 41 13.03 0.62 -10.20
C ILE A 41 14.06 1.60 -10.77
N ASN A 42 13.98 1.85 -12.09
CA ASN A 42 14.89 2.78 -12.74
C ASN A 42 14.92 4.11 -11.98
N ASP A 43 13.82 4.41 -11.31
CA ASP A 43 13.71 5.64 -10.54
C ASP A 43 14.48 5.53 -9.22
N TYR A 44 14.34 4.38 -8.57
CA TYR A 44 15.02 4.15 -7.30
C TYR A 44 16.53 4.04 -7.53
N ILE A 45 16.91 3.20 -8.48
CA ILE A 45 18.30 2.99 -8.83
C ILE A 45 18.98 4.28 -9.28
N HIS A 46 18.45 4.83 -10.36
CA HIS A 46 18.99 6.05 -10.96
C HIS A 46 18.64 7.29 -10.14
N SER A 47 17.56 7.21 -9.36
CA SER A 47 17.13 8.33 -8.52
C SER A 47 16.40 9.39 -9.34
N THR A 48 15.17 9.09 -9.73
CA THR A 48 14.35 10.00 -10.50
C THR A 48 12.89 9.90 -10.08
N HIS A 49 12.34 10.98 -9.54
CA HIS A 49 10.97 10.99 -9.08
C HIS A 49 10.81 10.01 -7.92
N GLY A 50 11.06 10.50 -6.70
CA GLY A 50 10.95 9.67 -5.52
C GLY A 50 10.25 10.39 -4.39
N LYS A 51 8.93 10.31 -4.38
CA LYS A 51 8.14 10.97 -3.35
C LYS A 51 8.35 10.31 -1.99
N GLU A 52 8.14 11.10 -0.93
CA GLU A 52 8.30 10.61 0.44
C GLU A 52 7.42 11.41 1.39
N MET A 53 6.72 10.70 2.26
CA MET A 53 5.83 11.35 3.22
C MET A 53 6.23 11.02 4.65
N ASP A 54 5.97 11.95 5.56
CA ASP A 54 6.28 11.75 6.97
C ASP A 54 5.23 10.85 7.60
N LEU A 55 5.67 9.75 8.21
CA LEU A 55 4.75 8.81 8.83
C LEU A 55 4.42 9.20 10.28
N LEU A 56 4.39 10.50 10.55
CA LEU A 56 4.07 10.98 11.89
C LEU A 56 2.57 11.04 12.10
N ARG A 57 1.87 11.63 11.13
CA ARG A 57 0.42 11.76 11.19
C ARG A 57 -0.21 11.26 9.90
N THR A 58 0.06 9.99 9.57
CA THR A 58 -0.47 9.39 8.36
C THR A 58 -1.62 8.44 8.68
N THR A 59 -2.41 8.12 7.64
CA THR A 59 -3.54 7.22 7.80
C THR A 59 -3.48 6.11 6.76
N VAL A 60 -4.25 5.05 6.99
CA VAL A 60 -4.27 3.93 6.07
C VAL A 60 -5.70 3.41 5.88
N LYS A 61 -6.11 3.23 4.62
CA LYS A 61 -7.46 2.75 4.33
C LYS A 61 -7.51 2.02 3.00
N VAL A 62 -8.58 1.26 2.79
CA VAL A 62 -8.76 0.51 1.55
C VAL A 62 -9.83 1.16 0.67
N PRO A 63 -9.78 0.90 -0.65
CA PRO A 63 -10.76 1.45 -1.59
C PRO A 63 -12.16 0.88 -1.38
N GLY A 64 -12.76 1.20 -0.24
CA GLY A 64 -14.09 0.72 0.07
C GLY A 64 -14.19 -0.80 0.00
N LYS A 65 -13.36 -1.47 0.79
CA LYS A 65 -13.36 -2.92 0.82
C LYS A 65 -13.24 -3.44 2.25
N ARG A 66 -13.71 -4.67 2.48
CA ARG A 66 -13.66 -5.27 3.80
C ARG A 66 -12.23 -5.70 4.15
N PRO A 67 -11.91 -5.80 5.44
CA PRO A 67 -10.58 -6.20 5.90
C PRO A 67 -10.18 -7.58 5.36
N PRO A 68 -9.00 -7.68 4.70
CA PRO A 68 -8.52 -8.94 4.14
C PRO A 68 -8.03 -9.91 5.22
N ARG A 69 -8.55 -11.13 5.19
CA ARG A 69 -8.17 -12.14 6.16
C ARG A 69 -7.02 -12.99 5.63
N ALA A 70 -5.86 -12.88 6.28
CA ALA A 70 -4.68 -13.65 5.87
C ALA A 70 -4.69 -15.03 6.50
N ILE A 71 -5.23 -15.14 7.70
CA ILE A 71 -5.29 -16.41 8.41
C ILE A 71 -6.56 -17.17 8.05
N SER A 72 -7.71 -16.59 8.39
CA SER A 72 -9.00 -17.22 8.11
C SER A 72 -10.13 -16.21 8.27
N ALA A 73 -11.34 -16.63 7.91
CA ALA A 73 -12.52 -15.77 8.01
C ALA A 73 -13.23 -15.95 9.35
N PHE A 74 -12.53 -16.54 10.30
CA PHE A 74 -13.09 -16.79 11.63
C PHE A 74 -14.29 -17.73 11.55
N GLY A 75 -14.24 -18.65 10.59
CA GLY A 75 -15.33 -19.61 10.43
C GLY A 75 -16.51 -19.02 9.68
N PRO A 76 -16.49 -19.08 8.34
CA PRO A 76 -17.58 -18.54 7.51
C PRO A 76 -18.85 -19.38 7.60
N SER A 77 -19.89 -18.78 8.16
CA SER A 77 -21.17 -19.48 8.32
C SER A 77 -22.32 -18.49 8.35
N ALA A 78 -22.24 -17.45 7.52
CA ALA A 78 -23.27 -16.44 7.45
C ALA A 78 -24.43 -16.88 6.56
N SER A 79 -24.11 -17.65 5.52
CA SER A 79 -25.10 -18.15 4.59
C SER A 79 -25.85 -17.00 3.92
N GLY A 80 -25.49 -16.72 2.66
CA GLY A 80 -26.13 -15.65 1.93
C GLY A 80 -26.41 -16.02 0.49
N SER A 81 -26.45 -15.02 -0.38
CA SER A 81 -26.71 -15.24 -1.79
C SER A 81 -25.65 -14.57 -2.66
N ALA A 82 -24.46 -15.17 -2.72
CA ALA A 82 -23.37 -14.62 -3.51
C ALA A 82 -22.16 -15.55 -3.46
N GLY A 83 -22.33 -16.77 -3.94
CA GLY A 83 -21.25 -17.73 -3.95
C GLY A 83 -20.74 -18.03 -2.56
N GLN A 84 -19.66 -17.35 -2.17
CA GLN A 84 -19.07 -17.55 -0.85
C GLN A 84 -18.07 -16.45 -0.53
N ALA A 85 -16.90 -16.52 -1.16
CA ALA A 85 -15.84 -15.55 -0.96
C ALA A 85 -14.59 -15.91 -1.74
N GLU A 86 -14.19 -15.02 -2.65
CA GLU A 86 -13.01 -15.25 -3.47
C GLU A 86 -12.56 -13.97 -4.16
N GLU A 87 -12.77 -12.84 -3.50
CA GLU A 87 -12.39 -11.54 -4.05
C GLU A 87 -10.87 -11.41 -4.10
N GLU A 88 -10.23 -11.68 -2.97
CA GLU A 88 -8.77 -11.61 -2.88
C GLU A 88 -8.25 -10.27 -3.41
N ASN A 89 -8.79 -9.18 -2.90
CA ASN A 89 -8.37 -7.85 -3.33
C ASN A 89 -7.47 -7.22 -2.28
N PHE A 90 -6.17 -7.19 -2.55
CA PHE A 90 -5.20 -6.62 -1.61
C PHE A 90 -4.74 -5.25 -2.08
N GLU A 91 -5.25 -4.20 -1.44
CA GLU A 91 -4.87 -2.83 -1.79
C GLU A 91 -5.00 -1.91 -0.57
N PHE A 92 -4.01 -1.05 -0.38
CA PHE A 92 -4.03 -0.13 0.77
C PHE A 92 -3.71 1.30 0.33
N LEU A 93 -4.30 2.27 1.02
CA LEU A 93 -4.08 3.68 0.71
C LEU A 93 -3.28 4.36 1.81
N ILE A 94 -2.33 5.20 1.42
CA ILE A 94 -1.48 5.92 2.36
C ILE A 94 -1.74 7.42 2.31
N VAL A 95 -2.37 7.96 3.35
CA VAL A 95 -2.67 9.38 3.40
C VAL A 95 -1.65 10.13 4.26
N SER A 96 -1.01 11.14 3.66
CA SER A 96 -0.02 11.94 4.35
C SER A 96 -0.68 13.17 4.99
N SER A 97 0.08 13.88 5.81
CA SER A 97 -0.43 15.08 6.49
C SER A 97 -0.70 16.21 5.49
N THR A 98 -0.18 16.06 4.27
CA THR A 98 -0.38 17.09 3.24
C THR A 98 -1.46 16.68 2.26
N GLY A 99 -2.35 15.81 2.71
CA GLY A 99 -3.44 15.34 1.87
C GLY A 99 -2.97 14.45 0.73
N GLN A 100 -1.69 14.10 0.73
CA GLN A 100 -1.14 13.24 -0.32
C GLN A 100 -1.54 11.79 -0.06
N THR A 101 -2.33 11.23 -0.97
CA THR A 101 -2.79 9.85 -0.83
C THR A 101 -2.13 8.93 -1.86
N TRP A 102 -1.33 8.00 -1.37
CA TRP A 102 -0.66 7.04 -2.23
C TRP A 102 -1.40 5.71 -2.21
N HIS A 103 -2.10 5.40 -3.29
CA HIS A 103 -2.82 4.14 -3.38
C HIS A 103 -1.94 3.08 -4.02
N PHE A 104 -1.62 2.03 -3.26
CA PHE A 104 -0.77 0.96 -3.78
C PHE A 104 -1.45 -0.39 -3.74
N GLU A 105 -0.90 -1.33 -4.51
CA GLU A 105 -1.40 -2.69 -4.58
C GLU A 105 -0.25 -3.67 -4.41
N ALA A 106 -0.10 -4.21 -3.21
CA ALA A 106 0.97 -5.15 -2.91
C ALA A 106 1.01 -6.29 -3.93
N ALA A 107 2.17 -6.46 -4.56
CA ALA A 107 2.35 -7.52 -5.55
C ALA A 107 2.12 -8.89 -4.92
N SER A 108 2.45 -8.99 -3.63
CA SER A 108 2.28 -10.24 -2.90
C SER A 108 1.24 -10.07 -1.80
N PHE A 109 0.40 -11.09 -1.61
CA PHE A 109 -0.63 -11.04 -0.59
C PHE A 109 -0.04 -10.80 0.79
N GLU A 110 1.09 -11.43 1.07
CA GLU A 110 1.77 -11.27 2.35
C GLU A 110 2.40 -9.89 2.47
N GLU A 111 2.87 -9.37 1.33
CA GLU A 111 3.51 -8.06 1.30
C GLU A 111 2.51 -6.96 1.62
N ARG A 112 1.27 -7.12 1.16
CA ARG A 112 0.24 -6.12 1.40
C ARG A 112 0.07 -5.87 2.89
N ASP A 113 -0.07 -6.95 3.66
CA ASP A 113 -0.23 -6.83 5.10
C ASP A 113 1.02 -6.23 5.73
N ALA A 114 2.19 -6.70 5.30
CA ALA A 114 3.45 -6.19 5.82
C ALA A 114 3.51 -4.68 5.63
N TRP A 115 3.26 -4.24 4.40
CA TRP A 115 3.26 -2.82 4.09
C TRP A 115 2.29 -2.06 4.99
N VAL A 116 1.03 -2.49 4.98
CA VAL A 116 0.01 -1.86 5.80
C VAL A 116 0.45 -1.81 7.26
N GLN A 117 1.14 -2.87 7.69
CA GLN A 117 1.64 -2.92 9.05
C GLN A 117 2.88 -2.04 9.19
N ALA A 118 3.62 -1.91 8.10
CA ALA A 118 4.82 -1.08 8.09
C ALA A 118 4.45 0.39 8.21
N ILE A 119 3.37 0.78 7.54
CA ILE A 119 2.91 2.16 7.59
C ILE A 119 2.40 2.49 8.99
N GLU A 120 1.50 1.66 9.51
CA GLU A 120 0.96 1.86 10.85
C GLU A 120 2.05 1.71 11.89
N SER A 121 3.01 0.82 11.60
CA SER A 121 4.13 0.59 12.52
C SER A 121 5.00 1.83 12.64
N GLN A 122 5.23 2.49 11.51
CA GLN A 122 6.04 3.69 11.50
C GLN A 122 5.31 4.84 12.20
N ILE A 123 4.00 4.85 12.08
CA ILE A 123 3.18 5.87 12.70
C ILE A 123 3.11 5.67 14.21
N LEU A 124 3.03 4.42 14.62
CA LEU A 124 2.97 4.10 16.05
C LEU A 124 4.27 4.46 16.73
N ALA A 125 5.38 4.25 16.03
CA ALA A 125 6.70 4.55 16.57
C ALA A 125 6.97 6.06 16.54
N SER A 126 6.34 6.74 15.58
CA SER A 126 6.52 8.19 15.44
C SER A 126 5.57 8.94 16.37
N LEU A 127 4.39 8.39 16.61
CA LEU A 127 3.41 9.02 17.48
C LEU A 127 3.98 9.22 18.88
N GLN A 128 4.86 8.31 19.29
CA GLN A 128 5.48 8.38 20.61
C GLN A 128 6.34 9.64 20.74
N ARG A 1 21.32 4.30 11.67
CA ARG A 1 21.03 3.54 10.43
C ARG A 1 19.67 2.85 10.52
N ALA A 2 18.72 3.31 9.71
CA ALA A 2 17.38 2.73 9.70
C ALA A 2 17.37 1.39 8.98
N ILE A 3 16.28 0.66 9.10
CA ILE A 3 16.14 -0.64 8.46
C ILE A 3 14.85 -0.72 7.66
N PRO A 4 14.93 -1.16 6.39
CA PRO A 4 13.75 -1.28 5.51
C PRO A 4 12.72 -2.24 6.08
N ILE A 5 11.49 -1.78 6.20
CA ILE A 5 10.40 -2.60 6.72
C ILE A 5 9.65 -3.30 5.59
N LYS A 6 9.79 -2.77 4.37
CA LYS A 6 9.14 -3.37 3.20
C LYS A 6 9.53 -2.60 1.96
N GLN A 7 10.32 -3.23 1.11
CA GLN A 7 10.74 -2.58 -0.12
C GLN A 7 10.52 -3.50 -1.32
N SER A 8 9.59 -3.13 -2.18
CA SER A 8 9.27 -3.93 -3.35
C SER A 8 8.46 -3.14 -4.37
N PHE A 9 8.03 -3.81 -5.44
CA PHE A 9 7.25 -3.17 -6.48
C PHE A 9 5.77 -3.19 -6.16
N LEU A 10 5.14 -2.03 -6.23
CA LEU A 10 3.72 -1.89 -5.96
C LEU A 10 2.99 -1.35 -7.18
N LEU A 11 1.71 -1.65 -7.28
CA LEU A 11 0.92 -1.16 -8.42
C LEU A 11 0.30 0.19 -8.08
N LYS A 12 0.35 1.11 -9.03
CA LYS A 12 -0.19 2.45 -8.82
C LYS A 12 -1.24 2.79 -9.87
N ARG A 13 -2.49 2.95 -9.44
CA ARG A 13 -3.58 3.28 -10.34
C ARG A 13 -3.34 4.62 -11.03
N SER A 14 -3.82 4.75 -12.25
CA SER A 14 -3.66 5.99 -13.01
C SER A 14 -4.92 6.84 -12.93
N GLY A 15 -6.01 6.35 -13.50
CA GLY A 15 -7.27 7.08 -13.47
C GLY A 15 -8.43 6.24 -13.92
N ASN A 16 -9.47 6.90 -14.42
CA ASN A 16 -10.67 6.21 -14.89
C ASN A 16 -11.34 5.44 -13.75
N SER A 17 -12.54 5.88 -13.38
CA SER A 17 -13.28 5.23 -12.30
C SER A 17 -14.00 3.99 -12.80
N LEU A 18 -14.45 4.04 -14.05
CA LEU A 18 -15.16 2.91 -14.65
C LEU A 18 -14.23 1.70 -14.79
N ASN A 19 -12.95 1.97 -15.01
CA ASN A 19 -11.97 0.91 -15.16
C ASN A 19 -10.60 1.38 -14.67
N LYS A 20 -10.17 0.84 -13.54
CA LYS A 20 -8.88 1.19 -12.96
C LYS A 20 -7.73 0.87 -13.93
N GLU A 21 -6.52 1.24 -13.53
CA GLU A 21 -5.34 1.01 -14.34
C GLU A 21 -4.09 1.26 -13.51
N TRP A 22 -3.49 0.19 -13.00
CA TRP A 22 -2.31 0.30 -12.17
C TRP A 22 -1.06 -0.06 -12.96
N LYS A 23 0.03 0.65 -12.67
CA LYS A 23 1.30 0.39 -13.35
C LYS A 23 2.36 -0.05 -12.34
N LYS A 24 3.43 -0.67 -12.85
CA LYS A 24 4.50 -1.15 -11.98
C LYS A 24 5.17 0.02 -11.27
N LYS A 25 5.10 0.02 -9.95
CA LYS A 25 5.70 1.06 -9.14
C LYS A 25 6.75 0.50 -8.20
N TYR A 26 7.40 1.37 -7.45
CA TYR A 26 8.43 0.96 -6.50
C TYR A 26 8.25 1.68 -5.16
N VAL A 27 8.22 0.91 -4.07
CA VAL A 27 8.04 1.50 -2.75
C VAL A 27 8.97 0.87 -1.73
N THR A 28 9.43 1.69 -0.80
CA THR A 28 10.29 1.20 0.27
C THR A 28 9.91 1.83 1.60
N LEU A 29 9.41 1.01 2.50
CA LEU A 29 9.03 1.45 3.82
C LEU A 29 10.25 1.30 4.72
N SER A 30 10.77 2.42 5.20
CA SER A 30 11.94 2.42 6.06
C SER A 30 11.57 2.62 7.51
N SER A 31 12.49 2.28 8.40
CA SER A 31 12.26 2.42 9.84
C SER A 31 12.44 3.87 10.29
N ASN A 32 12.68 4.77 9.33
CA ASN A 32 12.87 6.19 9.64
C ASN A 32 11.55 6.95 9.57
N GLY A 33 10.44 6.25 9.78
CA GLY A 33 9.14 6.87 9.73
C GLY A 33 8.94 7.63 8.43
N PHE A 34 9.40 7.03 7.34
CA PHE A 34 9.29 7.65 6.03
C PHE A 34 8.92 6.62 4.96
N LEU A 35 7.82 6.87 4.26
CA LEU A 35 7.37 5.99 3.19
C LEU A 35 7.80 6.54 1.85
N LEU A 36 8.64 5.81 1.13
CA LEU A 36 9.13 6.27 -0.16
C LEU A 36 8.59 5.42 -1.30
N TYR A 37 8.35 6.06 -2.44
CA TYR A 37 7.85 5.35 -3.61
C TYR A 37 8.23 6.12 -4.89
N HIS A 38 8.75 5.38 -5.86
CA HIS A 38 9.16 5.98 -7.12
C HIS A 38 8.40 5.38 -8.30
N PRO A 39 8.37 6.08 -9.45
CA PRO A 39 7.68 5.61 -10.65
C PRO A 39 8.08 4.19 -11.04
N SER A 40 9.31 3.81 -10.69
CA SER A 40 9.82 2.48 -11.01
C SER A 40 11.16 2.24 -10.34
N ILE A 41 11.78 1.09 -10.65
CA ILE A 41 13.07 0.74 -10.08
C ILE A 41 14.14 1.72 -10.52
N ASN A 42 14.18 2.03 -11.81
CA ASN A 42 15.15 2.98 -12.34
C ASN A 42 15.13 4.27 -11.53
N ASP A 43 13.97 4.59 -10.97
CA ASP A 43 13.81 5.79 -10.18
C ASP A 43 14.44 5.62 -8.79
N TYR A 44 14.26 4.44 -8.21
CA TYR A 44 14.81 4.13 -6.89
C TYR A 44 16.34 4.01 -6.98
N ILE A 45 16.78 3.19 -7.92
CA ILE A 45 18.20 2.96 -8.14
C ILE A 45 18.93 4.26 -8.46
N HIS A 46 18.52 4.86 -9.57
CA HIS A 46 19.12 6.09 -10.05
C HIS A 46 18.71 7.30 -9.21
N SER A 47 17.56 7.21 -8.54
CA SER A 47 17.06 8.28 -7.69
C SER A 47 16.42 9.40 -8.52
N THR A 48 15.22 9.13 -9.02
CA THR A 48 14.50 10.10 -9.82
C THR A 48 13.18 10.49 -9.16
N HIS A 49 13.06 11.76 -8.81
CA HIS A 49 11.86 12.29 -8.16
C HIS A 49 11.78 11.81 -6.72
N GLY A 50 11.74 10.50 -6.54
CA GLY A 50 11.68 9.91 -5.22
C GLY A 50 10.61 10.54 -4.35
N LYS A 51 9.42 9.99 -4.38
CA LYS A 51 8.31 10.50 -3.58
C LYS A 51 8.37 9.94 -2.16
N GLU A 52 8.21 10.82 -1.17
CA GLU A 52 8.26 10.41 0.23
C GLU A 52 7.09 11.01 1.01
N MET A 53 6.42 10.18 1.79
CA MET A 53 5.29 10.61 2.59
C MET A 53 5.62 10.48 4.08
N ASP A 54 5.59 11.60 4.79
CA ASP A 54 5.88 11.60 6.22
C ASP A 54 4.95 10.65 6.97
N LEU A 55 5.54 9.80 7.82
CA LEU A 55 4.75 8.84 8.58
C LEU A 55 4.50 9.34 10.00
N LEU A 56 4.36 10.65 10.14
CA LEU A 56 4.09 11.24 11.45
C LEU A 56 2.62 11.17 11.81
N ARG A 57 1.78 11.64 10.88
CA ARG A 57 0.33 11.63 11.08
C ARG A 57 -0.38 11.07 9.86
N THR A 58 0.12 9.94 9.37
CA THR A 58 -0.46 9.29 8.20
C THR A 58 -1.55 8.31 8.59
N THR A 59 -2.39 7.95 7.62
CA THR A 59 -3.47 7.01 7.86
C THR A 59 -3.46 5.90 6.81
N VAL A 60 -4.30 4.90 7.00
CA VAL A 60 -4.39 3.78 6.07
C VAL A 60 -5.82 3.56 5.61
N LYS A 61 -6.03 3.61 4.30
CA LYS A 61 -7.37 3.41 3.73
C LYS A 61 -7.45 2.10 2.96
N VAL A 62 -8.63 1.48 2.99
CA VAL A 62 -8.85 0.22 2.29
C VAL A 62 -10.10 0.30 1.40
N PRO A 63 -9.95 0.05 0.09
CA PRO A 63 -11.07 0.10 -0.85
C PRO A 63 -12.00 -1.10 -0.70
N GLY A 64 -12.62 -1.21 0.47
CA GLY A 64 -13.54 -2.30 0.73
C GLY A 64 -12.99 -3.29 1.75
N LYS A 65 -13.62 -3.34 2.92
CA LYS A 65 -13.20 -4.25 3.97
C LYS A 65 -13.34 -5.70 3.53
N ARG A 66 -12.83 -6.62 4.34
CA ARG A 66 -12.89 -8.04 4.03
C ARG A 66 -12.19 -8.35 2.72
N PRO A 67 -11.83 -9.62 2.49
CA PRO A 67 -11.15 -10.03 1.26
C PRO A 67 -11.89 -9.58 0.00
N PRO A 68 -11.23 -8.74 -0.84
CA PRO A 68 -11.84 -8.24 -2.07
C PRO A 68 -12.23 -9.36 -3.03
N ARG A 69 -13.25 -9.11 -3.84
CA ARG A 69 -13.72 -10.11 -4.80
C ARG A 69 -12.82 -10.13 -6.04
N ALA A 70 -13.18 -10.95 -7.01
CA ALA A 70 -12.40 -11.07 -8.24
C ALA A 70 -12.84 -10.03 -9.27
N ILE A 71 -14.15 -9.94 -9.51
CA ILE A 71 -14.69 -8.98 -10.47
C ILE A 71 -14.97 -7.64 -9.80
N SER A 72 -15.65 -7.68 -8.66
CA SER A 72 -15.99 -6.47 -7.93
C SER A 72 -16.72 -6.81 -6.63
N ALA A 73 -16.96 -5.79 -5.82
CA ALA A 73 -17.65 -5.97 -4.55
C ALA A 73 -19.15 -5.75 -4.68
N PHE A 74 -19.63 -5.80 -5.92
CA PHE A 74 -21.05 -5.61 -6.21
C PHE A 74 -21.39 -6.08 -7.61
N GLY A 75 -21.76 -7.33 -7.74
CA GLY A 75 -22.10 -7.88 -9.04
C GLY A 75 -23.07 -9.04 -8.94
N PRO A 76 -24.39 -8.76 -8.90
CA PRO A 76 -25.42 -9.81 -8.80
C PRO A 76 -25.27 -10.88 -9.87
N SER A 77 -25.73 -12.09 -9.57
CA SER A 77 -25.63 -13.19 -10.51
C SER A 77 -26.64 -14.29 -10.17
N ALA A 78 -27.45 -14.67 -11.14
CA ALA A 78 -28.46 -15.71 -10.94
C ALA A 78 -27.81 -17.08 -10.80
N SER A 79 -26.69 -17.28 -11.48
CA SER A 79 -25.97 -18.55 -11.44
C SER A 79 -24.48 -18.34 -11.66
N GLY A 80 -23.76 -18.04 -10.58
CA GLY A 80 -22.33 -17.82 -10.68
C GLY A 80 -21.52 -19.08 -10.42
N SER A 81 -20.34 -19.17 -11.02
CA SER A 81 -19.48 -20.33 -10.84
C SER A 81 -18.11 -19.91 -10.28
N ALA A 82 -17.51 -20.79 -9.50
CA ALA A 82 -16.20 -20.52 -8.91
C ALA A 82 -15.10 -21.34 -9.58
N GLY A 83 -13.87 -20.86 -9.48
CA GLY A 83 -12.75 -21.56 -10.08
C GLY A 83 -12.41 -21.02 -11.45
N GLN A 84 -12.70 -19.75 -11.68
CA GLN A 84 -12.41 -19.12 -12.96
C GLN A 84 -11.59 -17.85 -12.78
N ALA A 85 -11.96 -17.05 -11.78
CA ALA A 85 -11.26 -15.81 -11.50
C ALA A 85 -11.01 -15.64 -10.01
N GLU A 86 -9.75 -15.78 -9.60
CA GLU A 86 -9.38 -15.65 -8.20
C GLU A 86 -8.21 -14.68 -8.03
N GLU A 87 -8.39 -13.47 -8.54
CA GLU A 87 -7.35 -12.45 -8.45
C GLU A 87 -6.99 -12.15 -6.99
N GLU A 88 -8.00 -11.81 -6.20
CA GLU A 88 -7.80 -11.50 -4.79
C GLU A 88 -6.72 -10.42 -4.62
N ASN A 89 -6.56 -9.59 -5.63
CA ASN A 89 -5.57 -8.52 -5.60
C ASN A 89 -5.93 -7.48 -4.53
N PHE A 90 -5.13 -7.44 -3.47
CA PHE A 90 -5.38 -6.50 -2.37
C PHE A 90 -4.73 -5.15 -2.67
N GLU A 91 -5.38 -4.08 -2.21
CA GLU A 91 -4.89 -2.73 -2.42
C GLU A 91 -5.09 -1.88 -1.17
N PHE A 92 -4.05 -1.15 -0.76
CA PHE A 92 -4.11 -0.30 0.42
C PHE A 92 -3.75 1.14 0.06
N LEU A 93 -4.16 2.09 0.90
CA LEU A 93 -3.90 3.50 0.65
C LEU A 93 -3.08 4.13 1.78
N ILE A 94 -2.27 5.13 1.42
CA ILE A 94 -1.43 5.83 2.38
C ILE A 94 -1.78 7.32 2.40
N VAL A 95 -2.41 7.78 3.47
CA VAL A 95 -2.80 9.19 3.56
C VAL A 95 -1.88 9.98 4.48
N SER A 96 -1.48 11.16 4.03
CA SER A 96 -0.62 12.04 4.80
C SER A 96 -1.45 13.10 5.52
N SER A 97 -0.77 14.04 6.17
CA SER A 97 -1.45 15.11 6.88
C SER A 97 -1.73 16.30 5.96
N THR A 98 -1.33 16.20 4.70
CA THR A 98 -1.56 17.27 3.73
C THR A 98 -2.52 16.82 2.64
N GLY A 99 -3.33 15.80 2.95
CA GLY A 99 -4.28 15.30 1.99
C GLY A 99 -3.69 14.30 1.02
N GLN A 100 -2.37 14.33 0.84
CA GLN A 100 -1.69 13.42 -0.08
C GLN A 100 -2.07 11.97 0.22
N THR A 101 -2.48 11.24 -0.81
CA THR A 101 -2.88 9.85 -0.64
C THR A 101 -2.23 8.96 -1.69
N TRP A 102 -1.36 8.05 -1.23
CA TRP A 102 -0.68 7.11 -2.12
C TRP A 102 -1.43 5.80 -2.16
N HIS A 103 -2.14 5.53 -3.25
CA HIS A 103 -2.86 4.28 -3.37
C HIS A 103 -2.02 3.24 -4.11
N PHE A 104 -1.67 2.17 -3.41
CA PHE A 104 -0.87 1.11 -4.01
C PHE A 104 -1.59 -0.23 -3.95
N GLU A 105 -1.07 -1.18 -4.72
CA GLU A 105 -1.63 -2.53 -4.76
C GLU A 105 -0.54 -3.55 -4.48
N ALA A 106 -0.57 -4.14 -3.29
CA ALA A 106 0.42 -5.13 -2.87
C ALA A 106 0.57 -6.24 -3.90
N ALA A 107 1.79 -6.41 -4.41
CA ALA A 107 2.08 -7.45 -5.39
C ALA A 107 1.87 -8.83 -4.78
N SER A 108 2.12 -8.91 -3.47
CA SER A 108 1.96 -10.17 -2.74
C SER A 108 0.89 -10.02 -1.66
N PHE A 109 0.18 -11.10 -1.38
CA PHE A 109 -0.87 -11.08 -0.37
C PHE A 109 -0.29 -10.85 1.03
N GLU A 110 0.86 -11.46 1.29
CA GLU A 110 1.52 -11.30 2.59
C GLU A 110 2.13 -9.91 2.72
N GLU A 111 2.68 -9.42 1.62
CA GLU A 111 3.31 -8.10 1.60
C GLU A 111 2.31 -7.00 1.92
N ARG A 112 1.07 -7.17 1.46
CA ARG A 112 0.03 -6.18 1.70
C ARG A 112 -0.13 -5.91 3.18
N ASP A 113 -0.09 -6.98 3.98
CA ASP A 113 -0.24 -6.85 5.42
C ASP A 113 1.04 -6.29 6.04
N ALA A 114 2.18 -6.66 5.49
CA ALA A 114 3.45 -6.16 5.99
C ALA A 114 3.54 -4.66 5.79
N TRP A 115 3.19 -4.22 4.58
CA TRP A 115 3.20 -2.80 4.26
C TRP A 115 2.24 -2.02 5.16
N VAL A 116 0.99 -2.47 5.22
CA VAL A 116 0.01 -1.82 6.07
C VAL A 116 0.52 -1.72 7.50
N GLN A 117 1.22 -2.76 7.94
CA GLN A 117 1.79 -2.77 9.28
C GLN A 117 3.04 -1.91 9.33
N ALA A 118 3.76 -1.85 8.22
CA ALA A 118 4.98 -1.06 8.13
C ALA A 118 4.66 0.42 8.25
N ILE A 119 3.67 0.86 7.51
CA ILE A 119 3.25 2.26 7.53
C ILE A 119 2.72 2.64 8.91
N GLU A 120 1.81 1.81 9.44
CA GLU A 120 1.25 2.09 10.76
C GLU A 120 2.31 1.93 11.83
N SER A 121 3.25 1.00 11.61
CA SER A 121 4.33 0.77 12.57
C SER A 121 5.24 2.00 12.64
N GLN A 122 5.48 2.61 11.48
CA GLN A 122 6.32 3.80 11.41
C GLN A 122 5.63 4.98 12.09
N ILE A 123 4.31 5.02 11.96
CA ILE A 123 3.52 6.09 12.56
C ILE A 123 3.52 5.99 14.08
N LEU A 124 3.48 4.77 14.59
CA LEU A 124 3.47 4.53 16.03
C LEU A 124 4.82 4.92 16.64
N ALA A 125 5.90 4.56 15.94
CA ALA A 125 7.24 4.88 16.41
C ALA A 125 7.55 6.36 16.24
N SER A 126 6.93 6.98 15.25
CA SER A 126 7.13 8.40 14.98
C SER A 126 6.33 9.26 15.94
N LEU A 127 5.19 8.75 16.38
CA LEU A 127 4.33 9.48 17.31
C LEU A 127 4.95 9.54 18.69
N GLN A 128 5.58 8.43 19.11
CA GLN A 128 6.21 8.36 20.41
C GLN A 128 7.65 8.87 20.35
N ARG A 1 22.29 4.33 10.71
CA ARG A 1 21.38 4.12 9.56
C ARG A 1 20.07 3.48 10.00
N ALA A 2 19.13 3.38 9.07
CA ALA A 2 17.83 2.79 9.36
C ALA A 2 17.70 1.41 8.71
N ILE A 3 16.57 0.75 8.96
CA ILE A 3 16.32 -0.57 8.39
C ILE A 3 15.00 -0.60 7.63
N PRO A 4 14.98 -1.21 6.43
CA PRO A 4 13.76 -1.30 5.61
C PRO A 4 12.70 -2.18 6.23
N ILE A 5 11.48 -1.69 6.23
CA ILE A 5 10.34 -2.43 6.78
C ILE A 5 9.61 -3.18 5.68
N LYS A 6 9.80 -2.73 4.44
CA LYS A 6 9.19 -3.36 3.27
C LYS A 6 9.60 -2.63 2.02
N GLN A 7 10.41 -3.26 1.21
CA GLN A 7 10.86 -2.63 -0.03
C GLN A 7 10.62 -3.56 -1.20
N SER A 8 9.68 -3.21 -2.06
CA SER A 8 9.35 -4.02 -3.22
C SER A 8 8.56 -3.22 -4.25
N PHE A 9 8.13 -3.90 -5.31
CA PHE A 9 7.37 -3.26 -6.37
C PHE A 9 5.88 -3.28 -6.07
N LEU A 10 5.25 -2.12 -6.08
CA LEU A 10 3.82 -2.00 -5.82
C LEU A 10 3.08 -1.51 -7.06
N LEU A 11 1.77 -1.69 -7.08
CA LEU A 11 0.97 -1.24 -8.21
C LEU A 11 0.32 0.10 -7.89
N LYS A 12 0.25 0.99 -8.89
CA LYS A 12 -0.34 2.31 -8.70
C LYS A 12 -1.37 2.60 -9.78
N ARG A 13 -2.65 2.58 -9.39
CA ARG A 13 -3.74 2.85 -10.33
C ARG A 13 -3.57 4.21 -10.99
N SER A 14 -4.02 4.32 -12.24
CA SER A 14 -3.92 5.57 -12.98
C SER A 14 -5.11 5.73 -13.94
N GLY A 15 -6.24 6.18 -13.40
CA GLY A 15 -7.42 6.37 -14.23
C GLY A 15 -8.68 6.56 -13.39
N ASN A 16 -9.82 6.16 -13.96
CA ASN A 16 -11.09 6.30 -13.27
C ASN A 16 -11.32 5.13 -12.31
N SER A 17 -12.45 5.16 -11.60
CA SER A 17 -12.78 4.10 -10.65
C SER A 17 -13.33 2.88 -11.37
N LEU A 18 -14.10 3.12 -12.43
CA LEU A 18 -14.69 2.02 -13.21
C LEU A 18 -13.62 1.34 -14.07
N ASN A 19 -12.65 2.12 -14.54
CA ASN A 19 -11.58 1.59 -15.37
C ASN A 19 -10.22 1.80 -14.70
N LYS A 20 -9.91 0.95 -13.72
CA LYS A 20 -8.65 1.04 -13.01
C LYS A 20 -7.49 0.57 -13.87
N GLU A 21 -6.29 0.99 -13.52
CA GLU A 21 -5.08 0.62 -14.25
C GLU A 21 -3.85 0.92 -13.41
N TRP A 22 -3.33 -0.10 -12.76
CA TRP A 22 -2.17 0.04 -11.90
C TRP A 22 -0.88 -0.27 -12.65
N LYS A 23 0.09 0.62 -12.52
CA LYS A 23 1.38 0.45 -13.18
C LYS A 23 2.44 0.00 -12.18
N LYS A 24 3.48 -0.67 -12.67
CA LYS A 24 4.54 -1.16 -11.80
C LYS A 24 5.27 0.01 -11.13
N LYS A 25 5.27 0.00 -9.80
CA LYS A 25 5.92 1.04 -9.02
C LYS A 25 6.97 0.45 -8.08
N TYR A 26 7.71 1.32 -7.40
CA TYR A 26 8.75 0.88 -6.47
C TYR A 26 8.59 1.61 -5.14
N VAL A 27 8.29 0.85 -4.08
CA VAL A 27 8.10 1.45 -2.76
C VAL A 27 9.06 0.85 -1.74
N THR A 28 9.48 1.68 -0.80
CA THR A 28 10.36 1.23 0.28
C THR A 28 9.93 1.84 1.60
N LEU A 29 9.43 1.00 2.49
CA LEU A 29 9.02 1.42 3.81
C LEU A 29 10.20 1.32 4.75
N SER A 30 10.64 2.45 5.27
CA SER A 30 11.79 2.48 6.16
C SER A 30 11.37 2.57 7.63
N SER A 31 12.27 2.17 8.51
CA SER A 31 11.99 2.21 9.94
C SER A 31 12.12 3.63 10.50
N ASN A 32 12.43 4.59 9.62
CA ASN A 32 12.58 5.99 10.00
C ASN A 32 11.26 6.73 9.87
N GLY A 33 10.15 6.00 9.97
CA GLY A 33 8.84 6.61 9.85
C GLY A 33 8.72 7.37 8.55
N PHE A 34 9.22 6.76 7.48
CA PHE A 34 9.18 7.38 6.17
C PHE A 34 8.78 6.37 5.09
N LEU A 35 7.81 6.76 4.27
CA LEU A 35 7.34 5.91 3.20
C LEU A 35 7.77 6.50 1.85
N LEU A 36 8.61 5.78 1.12
CA LEU A 36 9.09 6.26 -0.17
C LEU A 36 8.58 5.41 -1.32
N TYR A 37 8.30 6.05 -2.45
CA TYR A 37 7.82 5.36 -3.63
C TYR A 37 8.18 6.13 -4.90
N HIS A 38 8.68 5.42 -5.90
CA HIS A 38 9.08 6.03 -7.16
C HIS A 38 8.34 5.40 -8.33
N PRO A 39 8.27 6.11 -9.47
CA PRO A 39 7.59 5.63 -10.67
C PRO A 39 8.03 4.21 -11.06
N SER A 40 9.27 3.87 -10.75
CA SER A 40 9.80 2.56 -11.07
C SER A 40 11.19 2.35 -10.45
N ILE A 41 11.81 1.22 -10.76
CA ILE A 41 13.13 0.92 -10.23
C ILE A 41 14.17 1.94 -10.70
N ASN A 42 14.13 2.29 -11.99
CA ASN A 42 15.06 3.27 -12.53
C ASN A 42 15.03 4.54 -11.68
N ASP A 43 13.89 4.82 -11.06
CA ASP A 43 13.75 5.98 -10.22
C ASP A 43 14.42 5.77 -8.87
N TYR A 44 14.31 4.54 -8.34
CA TYR A 44 14.92 4.19 -7.06
C TYR A 44 16.44 4.13 -7.19
N ILE A 45 16.89 3.37 -8.19
CA ILE A 45 18.31 3.20 -8.45
C ILE A 45 18.98 4.54 -8.76
N HIS A 46 18.51 5.15 -9.83
CA HIS A 46 19.04 6.41 -10.31
C HIS A 46 18.61 7.59 -9.43
N SER A 47 17.49 7.43 -8.73
CA SER A 47 16.99 8.48 -7.83
C SER A 47 16.33 9.60 -8.62
N THR A 48 15.14 9.33 -9.16
CA THR A 48 14.40 10.32 -9.93
C THR A 48 13.07 10.64 -9.27
N HIS A 49 12.92 11.89 -8.85
CA HIS A 49 11.69 12.35 -8.19
C HIS A 49 11.64 11.86 -6.75
N GLY A 50 11.66 10.55 -6.60
CA GLY A 50 11.63 9.94 -5.28
C GLY A 50 10.58 10.56 -4.37
N LYS A 51 9.37 10.01 -4.40
CA LYS A 51 8.29 10.51 -3.57
C LYS A 51 8.39 9.96 -2.14
N GLU A 52 8.25 10.83 -1.16
CA GLU A 52 8.32 10.44 0.24
C GLU A 52 7.17 11.03 1.04
N MET A 53 6.53 10.19 1.84
CA MET A 53 5.40 10.62 2.66
C MET A 53 5.73 10.46 4.14
N ASP A 54 5.69 11.56 4.87
CA ASP A 54 5.99 11.54 6.30
C ASP A 54 4.98 10.68 7.04
N LEU A 55 5.47 9.74 7.83
CA LEU A 55 4.61 8.83 8.59
C LEU A 55 4.41 9.31 10.02
N LEU A 56 4.27 10.62 10.20
CA LEU A 56 4.07 11.19 11.53
C LEU A 56 2.61 11.10 11.96
N ARG A 57 1.72 11.48 11.05
CA ARG A 57 0.29 11.45 11.33
C ARG A 57 -0.49 10.96 10.12
N THR A 58 0.10 10.01 9.39
CA THR A 58 -0.53 9.45 8.21
C THR A 58 -1.63 8.46 8.57
N THR A 59 -2.56 8.25 7.65
CA THR A 59 -3.66 7.32 7.86
C THR A 59 -3.68 6.26 6.77
N VAL A 60 -4.16 5.08 7.12
CA VAL A 60 -4.23 3.97 6.17
C VAL A 60 -5.67 3.75 5.68
N LYS A 61 -5.89 4.00 4.39
CA LYS A 61 -7.22 3.82 3.81
C LYS A 61 -7.29 2.52 3.02
N VAL A 62 -8.44 1.86 3.10
CA VAL A 62 -8.64 0.59 2.40
C VAL A 62 -10.02 0.54 1.75
N PRO A 63 -10.09 0.28 0.43
CA PRO A 63 -11.37 0.21 -0.29
C PRO A 63 -12.23 -0.96 0.19
N GLY A 64 -12.74 -0.84 1.41
CA GLY A 64 -13.57 -1.88 1.97
C GLY A 64 -12.88 -2.64 3.09
N LYS A 65 -13.03 -2.15 4.32
CA LYS A 65 -12.41 -2.77 5.48
C LYS A 65 -12.66 -4.27 5.51
N ARG A 66 -12.03 -4.96 6.45
CA ARG A 66 -12.19 -6.41 6.56
C ARG A 66 -11.66 -7.11 5.32
N PRO A 67 -11.49 -8.44 5.37
CA PRO A 67 -10.99 -9.23 4.23
C PRO A 67 -11.78 -8.96 2.95
N PRO A 68 -11.11 -8.89 1.80
CA PRO A 68 -11.75 -8.63 0.51
C PRO A 68 -12.68 -9.77 0.09
N ARG A 69 -13.90 -9.41 -0.30
CA ARG A 69 -14.89 -10.39 -0.73
C ARG A 69 -14.96 -11.58 0.22
N ALA A 70 -14.90 -11.29 1.53
CA ALA A 70 -14.95 -12.33 2.55
C ALA A 70 -16.23 -13.14 2.44
N ILE A 71 -17.27 -12.54 1.89
CA ILE A 71 -18.55 -13.22 1.72
C ILE A 71 -18.40 -14.48 0.89
N SER A 72 -17.64 -14.39 -0.18
CA SER A 72 -17.40 -15.53 -1.07
C SER A 72 -18.72 -16.09 -1.60
N ALA A 73 -18.64 -17.23 -2.28
CA ALA A 73 -19.83 -17.87 -2.84
C ALA A 73 -20.41 -18.90 -1.87
N PHE A 74 -20.02 -18.80 -0.62
CA PHE A 74 -20.50 -19.73 0.41
C PHE A 74 -21.98 -19.51 0.69
N GLY A 75 -22.77 -20.56 0.51
CA GLY A 75 -24.20 -20.47 0.74
C GLY A 75 -25.00 -20.40 -0.55
N PRO A 76 -26.15 -19.71 -0.54
CA PRO A 76 -27.00 -19.57 -1.73
C PRO A 76 -26.34 -18.73 -2.83
N SER A 77 -25.39 -17.89 -2.42
CA SER A 77 -24.70 -17.03 -3.37
C SER A 77 -23.80 -17.85 -4.30
N ALA A 78 -24.41 -18.49 -5.27
CA ALA A 78 -23.68 -19.31 -6.23
C ALA A 78 -22.93 -18.44 -7.24
N SER A 79 -23.50 -17.28 -7.54
CA SER A 79 -22.90 -16.35 -8.49
C SER A 79 -23.50 -14.96 -8.35
N GLY A 80 -23.07 -14.22 -7.33
CA GLY A 80 -23.58 -12.89 -7.11
C GLY A 80 -23.37 -11.97 -8.30
N SER A 81 -23.75 -10.71 -8.14
CA SER A 81 -23.60 -9.73 -9.21
C SER A 81 -22.30 -8.94 -9.07
N ALA A 82 -21.49 -8.96 -10.12
CA ALA A 82 -20.22 -8.25 -10.11
C ALA A 82 -19.83 -7.79 -11.52
N GLY A 83 -19.19 -6.63 -11.60
CA GLY A 83 -18.78 -6.10 -12.88
C GLY A 83 -17.50 -6.73 -13.39
N GLN A 84 -16.38 -6.33 -12.80
CA GLN A 84 -15.08 -6.86 -13.20
C GLN A 84 -14.04 -6.62 -12.12
N ALA A 85 -14.03 -7.48 -11.10
CA ALA A 85 -13.08 -7.35 -10.00
C ALA A 85 -12.58 -8.72 -9.54
N GLU A 86 -11.65 -8.72 -8.60
CA GLU A 86 -11.08 -9.96 -8.09
C GLU A 86 -11.56 -10.23 -6.66
N GLU A 87 -11.69 -11.51 -6.32
CA GLU A 87 -12.14 -11.90 -4.99
C GLU A 87 -11.08 -11.61 -3.94
N GLU A 88 -9.81 -11.56 -4.37
CA GLU A 88 -8.71 -11.30 -3.47
C GLU A 88 -7.98 -10.01 -3.84
N ASN A 89 -8.72 -8.91 -3.93
CA ASN A 89 -8.14 -7.62 -4.27
C ASN A 89 -7.47 -6.99 -3.06
N PHE A 90 -6.14 -7.05 -3.02
CA PHE A 90 -5.38 -6.50 -1.91
C PHE A 90 -4.76 -5.16 -2.28
N GLU A 91 -5.35 -4.08 -1.77
CA GLU A 91 -4.86 -2.72 -2.05
C GLU A 91 -5.05 -1.81 -0.85
N PHE A 92 -3.99 -1.08 -0.49
CA PHE A 92 -4.04 -0.17 0.65
C PHE A 92 -3.72 1.26 0.23
N LEU A 93 -4.08 2.22 1.07
CA LEU A 93 -3.83 3.64 0.77
C LEU A 93 -3.03 4.31 1.87
N ILE A 94 -2.23 5.31 1.48
CA ILE A 94 -1.39 6.05 2.42
C ILE A 94 -1.76 7.53 2.40
N VAL A 95 -2.39 8.00 3.47
CA VAL A 95 -2.80 9.41 3.54
C VAL A 95 -1.84 10.22 4.41
N SER A 96 -1.39 11.35 3.87
CA SER A 96 -0.48 12.24 4.58
C SER A 96 -1.26 13.34 5.28
N SER A 97 -0.55 14.29 5.86
CA SER A 97 -1.19 15.40 6.56
C SER A 97 -1.60 16.51 5.58
N THR A 98 -1.04 16.49 4.38
CA THR A 98 -1.37 17.50 3.38
C THR A 98 -2.34 16.95 2.34
N GLY A 99 -3.09 15.92 2.73
CA GLY A 99 -4.06 15.32 1.82
C GLY A 99 -3.44 14.31 0.87
N GLN A 100 -2.12 14.38 0.68
CA GLN A 100 -1.44 13.44 -0.21
C GLN A 100 -1.85 12.00 0.07
N THR A 101 -2.35 11.32 -0.94
CA THR A 101 -2.79 9.94 -0.79
C THR A 101 -2.12 9.01 -1.78
N TRP A 102 -1.30 8.09 -1.26
CA TRP A 102 -0.61 7.11 -2.09
C TRP A 102 -1.37 5.79 -2.10
N HIS A 103 -2.02 5.48 -3.21
CA HIS A 103 -2.76 4.23 -3.30
C HIS A 103 -1.92 3.16 -4.00
N PHE A 104 -1.59 2.10 -3.28
CA PHE A 104 -0.78 1.03 -3.85
C PHE A 104 -1.49 -0.32 -3.74
N GLU A 105 -0.98 -1.28 -4.52
CA GLU A 105 -1.51 -2.64 -4.52
C GLU A 105 -0.37 -3.64 -4.34
N ALA A 106 -0.31 -4.23 -3.15
CA ALA A 106 0.73 -5.20 -2.83
C ALA A 106 0.82 -6.30 -3.87
N ALA A 107 2.03 -6.52 -4.40
CA ALA A 107 2.24 -7.56 -5.40
C ALA A 107 1.91 -8.94 -4.83
N SER A 108 2.09 -9.08 -3.51
CA SER A 108 1.80 -10.33 -2.83
C SER A 108 0.85 -10.10 -1.67
N PHE A 109 0.00 -11.08 -1.40
CA PHE A 109 -0.98 -10.98 -0.32
C PHE A 109 -0.28 -10.83 1.03
N GLU A 110 0.86 -11.48 1.19
CA GLU A 110 1.62 -11.41 2.44
C GLU A 110 2.21 -10.02 2.60
N GLU A 111 2.78 -9.49 1.53
CA GLU A 111 3.38 -8.17 1.53
C GLU A 111 2.33 -7.10 1.81
N ARG A 112 1.10 -7.36 1.36
CA ARG A 112 0.00 -6.41 1.54
C ARG A 112 -0.17 -6.08 3.03
N ASP A 113 -0.15 -7.10 3.88
CA ASP A 113 -0.31 -6.90 5.31
C ASP A 113 0.95 -6.30 5.91
N ALA A 114 2.11 -6.81 5.49
CA ALA A 114 3.38 -6.31 6.00
C ALA A 114 3.47 -4.80 5.76
N TRP A 115 3.22 -4.39 4.53
CA TRP A 115 3.25 -2.97 4.18
C TRP A 115 2.30 -2.18 5.06
N VAL A 116 1.02 -2.57 5.05
CA VAL A 116 0.02 -1.89 5.86
C VAL A 116 0.47 -1.84 7.32
N GLN A 117 1.15 -2.89 7.75
CA GLN A 117 1.65 -2.94 9.12
C GLN A 117 2.87 -2.04 9.25
N ALA A 118 3.63 -1.93 8.16
CA ALA A 118 4.81 -1.09 8.14
C ALA A 118 4.42 0.38 8.20
N ILE A 119 3.31 0.72 7.56
CA ILE A 119 2.82 2.09 7.56
C ILE A 119 2.36 2.49 8.94
N GLU A 120 1.49 1.68 9.54
CA GLU A 120 0.98 1.97 10.87
C GLU A 120 2.09 1.82 11.90
N SER A 121 3.02 0.90 11.64
CA SER A 121 4.15 0.68 12.53
C SER A 121 5.08 1.89 12.52
N GLN A 122 5.26 2.47 11.34
CA GLN A 122 6.12 3.63 11.19
C GLN A 122 5.48 4.85 11.86
N ILE A 123 4.15 4.88 11.83
CA ILE A 123 3.41 5.99 12.43
C ILE A 123 3.42 5.87 13.95
N LEU A 124 3.35 4.64 14.44
CA LEU A 124 3.37 4.40 15.88
C LEU A 124 4.72 4.74 16.47
N ALA A 125 5.78 4.48 15.71
CA ALA A 125 7.14 4.77 16.15
C ALA A 125 7.44 6.26 16.07
N SER A 126 6.84 6.92 15.08
CA SER A 126 7.05 8.35 14.89
C SER A 126 6.22 9.16 15.88
N LEU A 127 5.09 8.61 16.30
CA LEU A 127 4.22 9.28 17.25
C LEU A 127 4.88 9.37 18.62
N GLN A 128 5.04 8.23 19.27
CA GLN A 128 5.65 8.17 20.58
C GLN A 128 7.15 8.44 20.50
N ARG A 1 20.85 6.06 11.13
CA ARG A 1 20.83 4.63 10.73
C ARG A 1 19.41 4.07 10.78
N ALA A 2 18.87 3.75 9.61
CA ALA A 2 17.52 3.20 9.52
C ALA A 2 17.53 1.82 8.87
N ILE A 3 16.39 1.15 8.90
CA ILE A 3 16.26 -0.18 8.31
C ILE A 3 14.96 -0.30 7.53
N PRO A 4 15.00 -0.90 6.32
CA PRO A 4 13.81 -1.07 5.48
C PRO A 4 12.81 -2.07 6.07
N ILE A 5 11.56 -1.64 6.19
CA ILE A 5 10.51 -2.49 6.73
C ILE A 5 9.76 -3.21 5.60
N LYS A 6 9.86 -2.68 4.39
CA LYS A 6 9.22 -3.28 3.23
C LYS A 6 9.62 -2.51 1.99
N GLN A 7 10.41 -3.13 1.14
CA GLN A 7 10.84 -2.47 -0.09
C GLN A 7 10.63 -3.39 -1.28
N SER A 8 9.65 -3.05 -2.11
CA SER A 8 9.33 -3.85 -3.29
C SER A 8 8.51 -3.06 -4.29
N PHE A 9 8.08 -3.73 -5.36
CA PHE A 9 7.28 -3.08 -6.39
C PHE A 9 5.80 -3.09 -6.03
N LEU A 10 5.14 -1.96 -6.24
CA LEU A 10 3.73 -1.82 -5.94
C LEU A 10 2.99 -1.27 -7.15
N LEU A 11 1.71 -1.59 -7.25
CA LEU A 11 0.89 -1.11 -8.37
C LEU A 11 0.27 0.23 -8.01
N LYS A 12 0.30 1.18 -8.95
CA LYS A 12 -0.27 2.51 -8.71
C LYS A 12 -1.30 2.86 -9.79
N ARG A 13 -2.54 3.09 -9.36
CA ARG A 13 -3.62 3.44 -10.27
C ARG A 13 -3.19 4.55 -11.24
N SER A 14 -3.74 4.52 -12.44
CA SER A 14 -3.42 5.51 -13.46
C SER A 14 -4.10 6.84 -13.15
N GLY A 15 -5.39 6.78 -12.85
CA GLY A 15 -6.14 7.99 -12.55
C GLY A 15 -7.63 7.77 -12.54
N ASN A 16 -8.20 7.52 -13.71
CA ASN A 16 -9.64 7.28 -13.84
C ASN A 16 -10.06 6.08 -13.00
N SER A 17 -11.24 6.16 -12.40
CA SER A 17 -11.77 5.08 -11.57
C SER A 17 -12.49 4.05 -12.43
N LEU A 18 -13.30 4.53 -13.37
CA LEU A 18 -14.05 3.64 -14.25
C LEU A 18 -13.10 2.76 -15.06
N ASN A 19 -11.97 3.32 -15.45
CA ASN A 19 -10.97 2.59 -16.22
C ASN A 19 -9.66 2.48 -15.45
N LYS A 20 -9.65 1.67 -14.40
CA LYS A 20 -8.46 1.49 -13.58
C LYS A 20 -7.30 0.99 -14.41
N GLU A 21 -6.09 1.33 -13.99
CA GLU A 21 -4.87 0.93 -14.68
C GLU A 21 -3.66 1.19 -13.79
N TRP A 22 -3.19 0.14 -13.15
CA TRP A 22 -2.05 0.23 -12.25
C TRP A 22 -0.74 -0.06 -12.97
N LYS A 23 0.29 0.71 -12.65
CA LYS A 23 1.60 0.54 -13.25
C LYS A 23 2.59 0.01 -12.21
N LYS A 24 3.70 -0.55 -12.68
CA LYS A 24 4.72 -1.10 -11.78
C LYS A 24 5.53 0.02 -11.13
N LYS A 25 5.30 0.21 -9.83
CA LYS A 25 6.00 1.23 -9.07
C LYS A 25 7.01 0.60 -8.12
N TYR A 26 7.71 1.42 -7.36
CA TYR A 26 8.71 0.94 -6.41
C TYR A 26 8.57 1.68 -5.09
N VAL A 27 8.20 0.94 -4.04
CA VAL A 27 8.03 1.55 -2.72
C VAL A 27 8.97 0.95 -1.70
N THR A 28 9.43 1.78 -0.78
CA THR A 28 10.31 1.32 0.28
C THR A 28 9.92 1.95 1.62
N LEU A 29 9.41 1.12 2.51
CA LEU A 29 9.03 1.55 3.84
C LEU A 29 10.24 1.41 4.74
N SER A 30 10.75 2.52 5.23
CA SER A 30 11.94 2.49 6.08
C SER A 30 11.57 2.67 7.55
N SER A 31 12.52 2.35 8.42
CA SER A 31 12.30 2.47 9.86
C SER A 31 12.47 3.92 10.32
N ASN A 32 12.72 4.82 9.37
CA ASN A 32 12.90 6.24 9.68
C ASN A 32 11.60 6.99 9.57
N GLY A 33 10.49 6.28 9.74
CA GLY A 33 9.19 6.91 9.65
C GLY A 33 9.01 7.65 8.35
N PHE A 34 9.46 7.03 7.26
CA PHE A 34 9.36 7.63 5.95
C PHE A 34 8.95 6.62 4.89
N LEU A 35 7.86 6.91 4.19
CA LEU A 35 7.37 6.04 3.13
C LEU A 35 7.78 6.61 1.77
N LEU A 36 8.59 5.86 1.03
CA LEU A 36 9.04 6.32 -0.27
C LEU A 36 8.49 5.46 -1.39
N TYR A 37 8.18 6.11 -2.52
CA TYR A 37 7.65 5.41 -3.68
C TYR A 37 8.02 6.16 -4.96
N HIS A 38 8.66 5.44 -5.89
CA HIS A 38 9.08 6.03 -7.15
C HIS A 38 8.35 5.37 -8.33
N PRO A 39 8.34 6.04 -9.50
CA PRO A 39 7.68 5.51 -10.70
C PRO A 39 8.03 4.05 -10.98
N SER A 40 9.30 3.70 -10.79
CA SER A 40 9.75 2.33 -11.02
C SER A 40 11.13 2.10 -10.41
N ILE A 41 11.68 0.91 -10.64
CA ILE A 41 13.00 0.56 -10.11
C ILE A 41 14.06 1.53 -10.61
N ASN A 42 14.02 1.86 -11.90
CA ASN A 42 14.99 2.80 -12.47
C ASN A 42 15.02 4.09 -11.63
N ASP A 43 13.90 4.39 -10.98
CA ASP A 43 13.81 5.57 -10.15
C ASP A 43 14.52 5.35 -8.82
N TYR A 44 14.39 4.14 -8.26
CA TYR A 44 15.04 3.81 -6.99
C TYR A 44 16.54 3.66 -7.19
N ILE A 45 16.91 2.85 -8.18
CA ILE A 45 18.30 2.60 -8.51
C ILE A 45 19.03 3.91 -8.82
N HIS A 46 18.55 4.58 -9.85
CA HIS A 46 19.13 5.82 -10.31
C HIS A 46 18.79 6.98 -9.36
N SER A 47 17.69 6.86 -8.64
CA SER A 47 17.27 7.88 -7.68
C SER A 47 16.70 9.12 -8.36
N THR A 48 15.49 8.97 -8.91
CA THR A 48 14.82 10.08 -9.57
C THR A 48 14.04 10.89 -8.54
N HIS A 49 12.96 11.55 -8.99
CA HIS A 49 12.13 12.36 -8.09
C HIS A 49 11.97 11.70 -6.72
N GLY A 50 11.46 10.48 -6.74
CA GLY A 50 11.27 9.74 -5.50
C GLY A 50 10.34 10.45 -4.54
N LYS A 51 9.09 10.02 -4.51
CA LYS A 51 8.09 10.62 -3.63
C LYS A 51 8.22 10.05 -2.22
N GLU A 52 8.11 10.93 -1.22
CA GLU A 52 8.21 10.51 0.18
C GLU A 52 7.06 11.11 1.00
N MET A 53 6.44 10.27 1.81
CA MET A 53 5.33 10.69 2.64
C MET A 53 5.68 10.52 4.12
N ASP A 54 5.68 11.64 4.85
CA ASP A 54 5.99 11.60 6.28
C ASP A 54 5.08 10.63 7.01
N LEU A 55 5.67 9.74 7.80
CA LEU A 55 4.89 8.75 8.53
C LEU A 55 4.59 9.22 9.96
N LEU A 56 4.46 10.53 10.14
CA LEU A 56 4.17 11.09 11.45
C LEU A 56 2.66 11.04 11.73
N ARG A 57 1.88 11.69 10.86
CA ARG A 57 0.43 11.71 11.01
C ARG A 57 -0.23 11.13 9.77
N THR A 58 0.15 9.91 9.42
CA THR A 58 -0.40 9.24 8.24
C THR A 58 -1.46 8.22 8.64
N THR A 59 -2.28 7.83 7.67
CA THR A 59 -3.34 6.86 7.90
C THR A 59 -3.33 5.79 6.81
N VAL A 60 -3.96 4.66 7.11
CA VAL A 60 -4.03 3.56 6.16
C VAL A 60 -5.46 3.04 6.04
N LYS A 61 -5.99 3.06 4.83
CA LYS A 61 -7.36 2.61 4.59
C LYS A 61 -7.51 1.93 3.25
N VAL A 62 -8.59 1.17 3.09
CA VAL A 62 -8.86 0.47 1.84
C VAL A 62 -9.80 1.29 0.96
N PRO A 63 -9.55 1.32 -0.36
CA PRO A 63 -10.37 2.08 -1.31
C PRO A 63 -11.87 1.91 -1.08
N GLY A 64 -12.44 2.80 -0.27
CA GLY A 64 -13.87 2.74 0.01
C GLY A 64 -14.21 1.74 1.10
N LYS A 65 -13.81 0.49 0.91
CA LYS A 65 -14.08 -0.56 1.88
C LYS A 65 -13.21 -0.41 3.12
N ARG A 66 -13.56 -1.15 4.17
CA ARG A 66 -12.83 -1.11 5.42
C ARG A 66 -11.59 -2.00 5.35
N PRO A 67 -10.70 -1.94 6.35
CA PRO A 67 -9.48 -2.76 6.37
C PRO A 67 -9.77 -4.24 6.15
N PRO A 68 -8.87 -4.94 5.45
CA PRO A 68 -9.03 -6.38 5.16
C PRO A 68 -8.80 -7.25 6.39
N ARG A 69 -9.89 -7.62 7.06
CA ARG A 69 -9.81 -8.45 8.25
C ARG A 69 -11.04 -9.35 8.37
N ALA A 70 -10.82 -10.60 8.78
CA ALA A 70 -11.92 -11.55 8.93
C ALA A 70 -12.97 -11.04 9.91
N ILE A 71 -12.51 -10.39 10.97
CA ILE A 71 -13.41 -9.85 11.99
C ILE A 71 -14.18 -8.66 11.45
N SER A 72 -13.54 -7.88 10.57
CA SER A 72 -14.17 -6.71 9.98
C SER A 72 -14.51 -6.95 8.51
N ALA A 73 -15.15 -8.09 8.25
CA ALA A 73 -15.53 -8.44 6.88
C ALA A 73 -16.95 -7.98 6.55
N PHE A 74 -17.45 -7.05 7.36
CA PHE A 74 -18.79 -6.51 7.16
C PHE A 74 -18.82 -5.54 5.98
N GLY A 75 -19.90 -5.60 5.20
CA GLY A 75 -20.03 -4.73 4.06
C GLY A 75 -21.32 -4.97 3.29
N PRO A 76 -22.40 -4.24 3.63
CA PRO A 76 -23.70 -4.39 2.97
C PRO A 76 -23.58 -4.26 1.45
N SER A 77 -24.31 -5.11 0.73
CA SER A 77 -24.29 -5.09 -0.73
C SER A 77 -25.65 -4.67 -1.29
N ALA A 78 -25.74 -3.42 -1.73
CA ALA A 78 -26.98 -2.90 -2.29
C ALA A 78 -27.11 -3.25 -3.76
N SER A 79 -25.97 -3.34 -4.44
CA SER A 79 -25.96 -3.67 -5.86
C SER A 79 -25.89 -5.18 -6.07
N GLY A 80 -26.81 -5.90 -5.45
CA GLY A 80 -26.84 -7.35 -5.57
C GLY A 80 -26.50 -8.05 -4.27
N SER A 81 -26.22 -9.35 -4.36
CA SER A 81 -25.88 -10.14 -3.19
C SER A 81 -24.81 -11.18 -3.52
N ALA A 82 -23.88 -10.80 -4.39
CA ALA A 82 -22.80 -11.71 -4.79
C ALA A 82 -21.71 -11.77 -3.74
N GLY A 83 -20.86 -12.78 -3.83
CA GLY A 83 -19.78 -12.95 -2.88
C GLY A 83 -18.56 -13.60 -3.48
N GLN A 84 -18.00 -12.96 -4.52
CA GLN A 84 -16.82 -13.49 -5.19
C GLN A 84 -16.11 -12.39 -5.99
N ALA A 85 -15.45 -11.50 -5.28
CA ALA A 85 -14.73 -10.39 -5.92
C ALA A 85 -13.59 -9.90 -5.04
N GLU A 86 -13.01 -10.81 -4.27
CA GLU A 86 -11.90 -10.46 -3.38
C GLU A 86 -11.01 -11.67 -3.12
N GLU A 87 -10.91 -12.54 -4.12
CA GLU A 87 -10.09 -13.74 -4.00
C GLU A 87 -8.60 -13.38 -3.94
N GLU A 88 -8.17 -12.56 -4.89
CA GLU A 88 -6.78 -12.12 -4.95
C GLU A 88 -6.67 -10.64 -5.28
N ASN A 89 -7.56 -9.84 -4.68
CA ASN A 89 -7.56 -8.41 -4.91
C ASN A 89 -7.35 -7.64 -3.62
N PHE A 90 -6.14 -7.12 -3.43
CA PHE A 90 -5.80 -6.37 -2.23
C PHE A 90 -5.16 -5.04 -2.59
N GLU A 91 -5.65 -3.96 -1.96
CA GLU A 91 -5.14 -2.62 -2.22
C GLU A 91 -5.27 -1.75 -0.97
N PHE A 92 -4.19 -1.06 -0.60
CA PHE A 92 -4.19 -0.20 0.57
C PHE A 92 -3.84 1.24 0.21
N LEU A 93 -4.42 2.19 0.94
CA LEU A 93 -4.19 3.61 0.69
C LEU A 93 -3.38 4.25 1.81
N ILE A 94 -2.49 5.18 1.45
CA ILE A 94 -1.66 5.88 2.41
C ILE A 94 -2.02 7.36 2.44
N VAL A 95 -2.66 7.81 3.53
CA VAL A 95 -3.06 9.21 3.64
C VAL A 95 -2.13 9.99 4.55
N SER A 96 -1.64 11.12 4.06
CA SER A 96 -0.75 11.98 4.84
C SER A 96 -1.56 13.06 5.54
N SER A 97 -0.87 13.99 6.18
CA SER A 97 -1.54 15.08 6.90
C SER A 97 -1.80 16.27 5.97
N THR A 98 -1.39 16.16 4.72
CA THR A 98 -1.60 17.23 3.76
C THR A 98 -2.56 16.81 2.66
N GLY A 99 -3.38 15.80 2.96
CA GLY A 99 -4.34 15.31 1.99
C GLY A 99 -3.74 14.33 1.00
N GLN A 100 -2.42 14.34 0.85
CA GLN A 100 -1.74 13.43 -0.07
C GLN A 100 -2.13 11.99 0.21
N THR A 101 -2.58 11.29 -0.82
CA THR A 101 -3.00 9.90 -0.68
C THR A 101 -2.30 9.00 -1.70
N TRP A 102 -1.47 8.09 -1.20
CA TRP A 102 -0.75 7.16 -2.05
C TRP A 102 -1.50 5.84 -2.14
N HIS A 103 -2.13 5.60 -3.27
CA HIS A 103 -2.87 4.35 -3.45
C HIS A 103 -2.00 3.30 -4.14
N PHE A 104 -1.73 2.20 -3.43
CA PHE A 104 -0.92 1.14 -3.99
C PHE A 104 -1.62 -0.22 -3.89
N GLU A 105 -1.26 -1.11 -4.80
CA GLU A 105 -1.82 -2.45 -4.83
C GLU A 105 -0.72 -3.47 -4.55
N ALA A 106 -0.77 -4.08 -3.38
CA ALA A 106 0.23 -5.06 -2.97
C ALA A 106 0.38 -6.17 -4.00
N ALA A 107 1.61 -6.38 -4.46
CA ALA A 107 1.89 -7.43 -5.44
C ALA A 107 1.80 -8.80 -4.78
N SER A 108 2.13 -8.85 -3.50
CA SER A 108 2.08 -10.08 -2.74
C SER A 108 1.13 -9.95 -1.56
N PHE A 109 0.30 -10.96 -1.33
CA PHE A 109 -0.66 -10.94 -0.24
C PHE A 109 0.02 -10.67 1.09
N GLU A 110 1.04 -11.47 1.40
CA GLU A 110 1.77 -11.31 2.65
C GLU A 110 2.38 -9.92 2.75
N GLU A 111 2.89 -9.42 1.63
CA GLU A 111 3.51 -8.10 1.59
C GLU A 111 2.47 -7.01 1.85
N ARG A 112 1.24 -7.25 1.41
CA ARG A 112 0.15 -6.29 1.60
C ARG A 112 -0.02 -5.94 3.07
N ASP A 113 -0.11 -6.98 3.91
CA ASP A 113 -0.27 -6.77 5.34
C ASP A 113 0.99 -6.17 5.95
N ALA A 114 2.14 -6.63 5.48
CA ALA A 114 3.41 -6.11 5.97
C ALA A 114 3.50 -4.61 5.74
N TRP A 115 3.21 -4.18 4.51
CA TRP A 115 3.24 -2.77 4.16
C TRP A 115 2.27 -1.99 5.04
N VAL A 116 1.00 -2.40 5.05
CA VAL A 116 0.00 -1.73 5.86
C VAL A 116 0.45 -1.67 7.31
N GLN A 117 1.13 -2.73 7.76
CA GLN A 117 1.64 -2.78 9.12
C GLN A 117 2.92 -1.95 9.24
N ALA A 118 3.64 -1.83 8.13
CA ALA A 118 4.88 -1.06 8.11
C ALA A 118 4.58 0.42 8.29
N ILE A 119 3.66 0.92 7.47
CA ILE A 119 3.27 2.32 7.54
C ILE A 119 2.65 2.63 8.90
N GLU A 120 1.76 1.76 9.36
CA GLU A 120 1.12 1.95 10.66
C GLU A 120 2.15 1.80 11.78
N SER A 121 3.13 0.93 11.56
CA SER A 121 4.18 0.69 12.54
C SER A 121 5.10 1.90 12.65
N GLN A 122 5.49 2.45 11.51
CA GLN A 122 6.37 3.61 11.48
C GLN A 122 5.67 4.81 12.10
N ILE A 123 4.35 4.86 11.97
CA ILE A 123 3.56 5.95 12.53
C ILE A 123 3.46 5.83 14.04
N LEU A 124 3.36 4.60 14.52
CA LEU A 124 3.27 4.34 15.95
C LEU A 124 4.57 4.69 16.65
N ALA A 125 5.69 4.41 15.98
CA ALA A 125 7.01 4.69 16.53
C ALA A 125 7.33 6.19 16.46
N SER A 126 6.80 6.85 15.44
CA SER A 126 7.03 8.28 15.25
C SER A 126 6.15 9.10 16.18
N LEU A 127 4.99 8.55 16.54
CA LEU A 127 4.06 9.24 17.43
C LEU A 127 4.72 9.52 18.77
N GLN A 128 5.37 8.51 19.33
CA GLN A 128 6.05 8.65 20.62
C GLN A 128 7.15 9.69 20.54
N ARG A 1 21.34 4.32 11.92
CA ARG A 1 21.13 3.36 10.80
C ARG A 1 19.69 2.85 10.79
N ALA A 2 18.99 3.09 9.68
CA ALA A 2 17.61 2.66 9.54
C ALA A 2 17.54 1.28 8.87
N ILE A 3 16.41 0.60 9.08
CA ILE A 3 16.22 -0.72 8.51
C ILE A 3 14.95 -0.77 7.66
N PRO A 4 15.02 -1.35 6.45
CA PRO A 4 13.86 -1.45 5.56
C PRO A 4 12.73 -2.28 6.16
N ILE A 5 11.54 -1.71 6.18
CA ILE A 5 10.37 -2.41 6.72
C ILE A 5 9.60 -3.13 5.62
N LYS A 6 9.82 -2.72 4.38
CA LYS A 6 9.17 -3.34 3.22
C LYS A 6 9.58 -2.60 1.96
N GLN A 7 10.35 -3.25 1.12
CA GLN A 7 10.80 -2.62 -0.11
C GLN A 7 10.53 -3.55 -1.29
N SER A 8 9.68 -3.12 -2.20
CA SER A 8 9.34 -3.93 -3.38
C SER A 8 8.49 -3.13 -4.36
N PHE A 9 8.05 -3.80 -5.42
CA PHE A 9 7.23 -3.17 -6.44
C PHE A 9 5.76 -3.18 -6.05
N LEU A 10 5.10 -2.04 -6.23
CA LEU A 10 3.68 -1.91 -5.90
C LEU A 10 2.90 -1.37 -7.09
N LEU A 11 1.62 -1.74 -7.17
CA LEU A 11 0.77 -1.29 -8.26
C LEU A 11 0.15 0.07 -7.93
N LYS A 12 0.10 0.95 -8.94
CA LYS A 12 -0.46 2.28 -8.74
C LYS A 12 -1.49 2.61 -9.82
N ARG A 13 -2.76 2.64 -9.44
CA ARG A 13 -3.83 2.95 -10.37
C ARG A 13 -3.64 4.33 -10.99
N SER A 14 -4.07 4.47 -12.24
CA SER A 14 -3.94 5.74 -12.95
C SER A 14 -4.88 5.80 -14.15
N GLY A 15 -5.83 6.72 -14.09
CA GLY A 15 -6.79 6.87 -15.19
C GLY A 15 -8.14 7.36 -14.71
N ASN A 16 -8.90 6.47 -14.09
CA ASN A 16 -10.23 6.82 -13.59
C ASN A 16 -10.75 5.75 -12.62
N SER A 17 -11.92 5.99 -12.06
CA SER A 17 -12.52 5.05 -11.13
C SER A 17 -13.31 3.97 -11.87
N LEU A 18 -13.93 4.36 -12.98
CA LEU A 18 -14.72 3.43 -13.78
C LEU A 18 -13.81 2.40 -14.46
N ASN A 19 -12.61 2.83 -14.83
CA ASN A 19 -11.65 1.95 -15.49
C ASN A 19 -10.27 2.08 -14.85
N LYS A 20 -10.05 1.34 -13.78
CA LYS A 20 -8.77 1.37 -13.07
C LYS A 20 -7.63 0.86 -13.96
N GLU A 21 -6.42 1.24 -13.61
CA GLU A 21 -5.23 0.82 -14.34
C GLU A 21 -3.99 1.07 -13.50
N TRP A 22 -3.51 0.00 -12.87
CA TRP A 22 -2.34 0.08 -12.01
C TRP A 22 -1.06 -0.25 -12.77
N LYS A 23 -0.04 0.57 -12.56
CA LYS A 23 1.25 0.38 -13.20
C LYS A 23 2.29 -0.07 -12.19
N LYS A 24 3.30 -0.78 -12.65
CA LYS A 24 4.36 -1.26 -11.76
C LYS A 24 5.12 -0.10 -11.13
N LYS A 25 5.08 -0.03 -9.81
CA LYS A 25 5.76 1.03 -9.07
C LYS A 25 6.84 0.44 -8.16
N TYR A 26 7.49 1.31 -7.39
CA TYR A 26 8.55 0.88 -6.49
C TYR A 26 8.43 1.63 -5.15
N VAL A 27 8.15 0.90 -4.09
CA VAL A 27 7.99 1.50 -2.77
C VAL A 27 8.96 0.92 -1.76
N THR A 28 9.41 1.74 -0.82
CA THR A 28 10.30 1.29 0.23
C THR A 28 9.92 1.88 1.57
N LEU A 29 9.42 1.03 2.45
CA LEU A 29 9.06 1.45 3.79
C LEU A 29 10.27 1.28 4.68
N SER A 30 10.78 2.37 5.20
CA SER A 30 11.96 2.33 6.04
C SER A 30 11.60 2.54 7.50
N SER A 31 12.52 2.15 8.37
CA SER A 31 12.31 2.30 9.82
C SER A 31 12.51 3.75 10.26
N ASN A 32 12.78 4.63 9.29
CA ASN A 32 13.00 6.05 9.59
C ASN A 32 11.70 6.84 9.49
N GLY A 33 10.58 6.15 9.70
CA GLY A 33 9.29 6.80 9.63
C GLY A 33 9.11 7.55 8.33
N PHE A 34 9.57 6.95 7.23
CA PHE A 34 9.48 7.57 5.93
C PHE A 34 9.07 6.56 4.87
N LEU A 35 7.97 6.86 4.17
CA LEU A 35 7.48 5.98 3.11
C LEU A 35 7.87 6.56 1.75
N LEU A 36 8.69 5.81 1.01
CA LEU A 36 9.15 6.28 -0.29
C LEU A 36 8.57 5.42 -1.42
N TYR A 37 8.35 6.06 -2.57
CA TYR A 37 7.81 5.36 -3.73
C TYR A 37 8.13 6.13 -5.01
N HIS A 38 8.63 5.40 -6.00
CA HIS A 38 8.99 5.99 -7.29
C HIS A 38 8.18 5.35 -8.41
N PRO A 39 8.13 6.00 -9.59
CA PRO A 39 7.37 5.49 -10.74
C PRO A 39 8.00 4.22 -11.33
N SER A 40 9.31 4.08 -11.19
CA SER A 40 10.01 2.91 -11.71
C SER A 40 11.30 2.65 -10.92
N ILE A 41 11.84 1.44 -11.07
CA ILE A 41 13.06 1.06 -10.37
C ILE A 41 14.19 2.05 -10.71
N ASN A 42 14.25 2.47 -11.98
CA ASN A 42 15.27 3.42 -12.40
C ASN A 42 15.25 4.65 -11.50
N ASP A 43 14.08 4.95 -10.94
CA ASP A 43 13.94 6.10 -10.06
C ASP A 43 14.50 5.79 -8.68
N TYR A 44 14.31 4.55 -8.22
CA TYR A 44 14.81 4.12 -6.92
C TYR A 44 16.33 3.99 -6.97
N ILE A 45 16.82 3.26 -7.96
CA ILE A 45 18.24 3.03 -8.14
C ILE A 45 18.99 4.35 -8.35
N HIS A 46 18.62 5.03 -9.42
CA HIS A 46 19.23 6.29 -9.80
C HIS A 46 18.80 7.44 -8.89
N SER A 47 17.63 7.30 -8.27
CA SER A 47 17.11 8.33 -7.37
C SER A 47 16.55 9.52 -8.15
N THR A 48 15.39 9.32 -8.76
CA THR A 48 14.74 10.37 -9.53
C THR A 48 13.35 10.68 -8.96
N HIS A 49 13.18 11.92 -8.49
CA HIS A 49 11.93 12.37 -7.89
C HIS A 49 11.73 11.73 -6.54
N GLY A 50 11.66 10.40 -6.53
CA GLY A 50 11.49 9.65 -5.31
C GLY A 50 10.49 10.29 -4.35
N LYS A 51 9.23 9.93 -4.51
CA LYS A 51 8.17 10.48 -3.66
C LYS A 51 8.30 9.95 -2.23
N GLU A 52 8.16 10.84 -1.25
CA GLU A 52 8.26 10.46 0.15
C GLU A 52 7.10 11.02 0.95
N MET A 53 6.50 10.17 1.78
CA MET A 53 5.37 10.57 2.60
C MET A 53 5.72 10.42 4.08
N ASP A 54 5.70 11.53 4.81
CA ASP A 54 6.01 11.51 6.23
C ASP A 54 5.08 10.55 6.97
N LEU A 55 5.66 9.69 7.80
CA LEU A 55 4.89 8.71 8.54
C LEU A 55 4.57 9.20 9.95
N LEU A 56 4.49 10.52 10.13
CA LEU A 56 4.19 11.10 11.43
C LEU A 56 2.68 11.12 11.67
N ARG A 57 1.95 11.72 10.74
CA ARG A 57 0.50 11.81 10.86
C ARG A 57 -0.17 11.26 9.60
N THR A 58 0.14 10.01 9.27
CA THR A 58 -0.43 9.36 8.10
C THR A 58 -1.49 8.34 8.49
N THR A 59 -2.32 7.96 7.52
CA THR A 59 -3.38 6.98 7.76
C THR A 59 -3.38 5.92 6.67
N VAL A 60 -3.87 4.73 7.02
CA VAL A 60 -3.93 3.62 6.08
C VAL A 60 -5.34 3.08 5.98
N LYS A 61 -5.88 3.04 4.76
CA LYS A 61 -7.23 2.55 4.54
C LYS A 61 -7.44 2.05 3.11
N VAL A 62 -8.51 1.30 2.90
CA VAL A 62 -8.82 0.76 1.58
C VAL A 62 -10.02 1.50 0.97
N PRO A 63 -10.13 1.48 -0.37
CA PRO A 63 -11.23 2.17 -1.07
C PRO A 63 -12.50 1.33 -1.12
N GLY A 64 -13.44 1.64 -0.23
CA GLY A 64 -14.70 0.91 -0.18
C GLY A 64 -14.60 -0.40 0.55
N LYS A 65 -13.67 -1.25 0.14
CA LYS A 65 -13.49 -2.56 0.76
C LYS A 65 -13.36 -2.43 2.27
N ARG A 66 -13.37 -3.57 2.96
CA ARG A 66 -13.26 -3.58 4.41
C ARG A 66 -11.79 -3.60 4.84
N PRO A 67 -11.51 -3.24 6.11
CA PRO A 67 -10.14 -3.21 6.62
C PRO A 67 -9.49 -4.59 6.60
N PRO A 68 -8.38 -4.76 5.86
CA PRO A 68 -7.68 -6.04 5.75
C PRO A 68 -7.24 -6.56 7.12
N ARG A 69 -7.61 -7.79 7.43
CA ARG A 69 -7.25 -8.42 8.70
C ARG A 69 -6.68 -9.81 8.49
N ALA A 70 -5.87 -10.26 9.44
CA ALA A 70 -5.25 -11.58 9.37
C ALA A 70 -6.29 -12.68 9.60
N ILE A 71 -7.16 -12.49 10.58
CA ILE A 71 -8.19 -13.46 10.89
C ILE A 71 -9.57 -12.82 10.91
N SER A 72 -9.80 -11.94 11.87
CA SER A 72 -11.08 -11.25 12.01
C SER A 72 -12.21 -12.24 12.23
N ALA A 73 -12.84 -12.16 13.40
CA ALA A 73 -13.95 -13.04 13.74
C ALA A 73 -15.29 -12.42 13.40
N PHE A 74 -15.25 -11.41 12.55
CA PHE A 74 -16.47 -10.72 12.12
C PHE A 74 -17.11 -11.42 10.94
N GLY A 75 -18.36 -11.06 10.65
CA GLY A 75 -19.07 -11.68 9.54
C GLY A 75 -19.19 -13.19 9.69
N PRO A 76 -20.19 -13.66 10.45
CA PRO A 76 -20.40 -15.09 10.66
C PRO A 76 -20.47 -15.88 9.35
N SER A 77 -20.54 -17.19 9.46
CA SER A 77 -20.61 -18.05 8.28
C SER A 77 -22.06 -18.31 7.87
N ALA A 78 -22.38 -18.01 6.61
CA ALA A 78 -23.72 -18.20 6.10
C ALA A 78 -23.95 -19.64 5.64
N SER A 79 -22.87 -20.26 5.17
CA SER A 79 -22.94 -21.64 4.69
C SER A 79 -23.92 -21.77 3.53
N GLY A 80 -23.42 -21.60 2.31
CA GLY A 80 -24.27 -21.69 1.14
C GLY A 80 -24.02 -20.57 0.15
N SER A 81 -23.89 -19.35 0.66
CA SER A 81 -23.64 -18.18 -0.19
C SER A 81 -22.23 -18.21 -0.74
N ALA A 82 -22.11 -18.23 -2.07
CA ALA A 82 -20.81 -18.25 -2.72
C ALA A 82 -20.47 -16.88 -3.31
N GLY A 83 -19.27 -16.78 -3.89
CA GLY A 83 -18.84 -15.52 -4.47
C GLY A 83 -18.44 -14.50 -3.43
N GLN A 84 -18.02 -14.98 -2.26
CA GLN A 84 -17.60 -14.10 -1.17
C GLN A 84 -16.13 -14.30 -0.85
N ALA A 85 -15.68 -15.54 -0.93
CA ALA A 85 -14.28 -15.87 -0.65
C ALA A 85 -13.43 -15.73 -1.90
N GLU A 86 -12.20 -16.24 -1.83
CA GLU A 86 -11.26 -16.18 -2.95
C GLU A 86 -11.24 -14.79 -3.60
N GLU A 87 -11.46 -13.77 -2.77
CA GLU A 87 -11.45 -12.39 -3.25
C GLU A 87 -10.09 -12.02 -3.83
N GLU A 88 -9.04 -12.32 -3.06
CA GLU A 88 -7.68 -12.04 -3.49
C GLU A 88 -7.49 -10.56 -3.80
N ASN A 89 -8.29 -9.71 -3.17
CA ASN A 89 -8.21 -8.27 -3.40
C ASN A 89 -7.55 -7.57 -2.22
N PHE A 90 -6.28 -7.19 -2.39
CA PHE A 90 -5.54 -6.50 -1.35
C PHE A 90 -4.95 -5.19 -1.85
N GLU A 91 -5.55 -4.08 -1.43
CA GLU A 91 -5.10 -2.75 -1.82
C GLU A 91 -5.20 -1.80 -0.63
N PHE A 92 -4.11 -1.07 -0.36
CA PHE A 92 -4.09 -0.14 0.78
C PHE A 92 -3.71 1.27 0.33
N LEU A 93 -4.31 2.27 0.97
CA LEU A 93 -4.03 3.67 0.65
C LEU A 93 -3.25 4.34 1.77
N ILE A 94 -2.32 5.22 1.39
CA ILE A 94 -1.50 5.94 2.35
C ILE A 94 -1.87 7.42 2.35
N VAL A 95 -2.52 7.88 3.41
CA VAL A 95 -2.92 9.27 3.50
C VAL A 95 -1.96 10.08 4.37
N SER A 96 -1.53 11.23 3.86
CA SER A 96 -0.63 12.10 4.58
C SER A 96 -1.40 13.22 5.27
N SER A 97 -0.69 14.16 5.86
CA SER A 97 -1.32 15.28 6.54
C SER A 97 -1.68 16.39 5.57
N THR A 98 -1.09 16.36 4.38
CA THR A 98 -1.38 17.38 3.37
C THR A 98 -2.33 16.85 2.31
N GLY A 99 -3.11 15.84 2.67
CA GLY A 99 -4.06 15.27 1.74
C GLY A 99 -3.45 14.27 0.78
N GLN A 100 -2.13 14.32 0.61
CA GLN A 100 -1.44 13.40 -0.29
C GLN A 100 -1.82 11.96 0.02
N THR A 101 -2.39 11.27 -0.97
CA THR A 101 -2.82 9.89 -0.79
C THR A 101 -2.15 8.95 -1.79
N TRP A 102 -1.31 8.05 -1.27
CA TRP A 102 -0.62 7.08 -2.11
C TRP A 102 -1.38 5.76 -2.11
N HIS A 103 -2.07 5.46 -3.20
CA HIS A 103 -2.81 4.21 -3.29
C HIS A 103 -1.99 3.14 -3.98
N PHE A 104 -1.67 2.08 -3.25
CA PHE A 104 -0.87 0.99 -3.81
C PHE A 104 -1.58 -0.35 -3.67
N GLU A 105 -1.13 -1.31 -4.49
CA GLU A 105 -1.68 -2.65 -4.47
C GLU A 105 -0.55 -3.66 -4.29
N ALA A 106 -0.50 -4.26 -3.10
CA ALA A 106 0.54 -5.24 -2.78
C ALA A 106 0.61 -6.35 -3.82
N ALA A 107 1.77 -6.50 -4.46
CA ALA A 107 1.96 -7.54 -5.46
C ALA A 107 1.74 -8.92 -4.85
N SER A 108 2.11 -9.07 -3.59
CA SER A 108 1.94 -10.32 -2.87
C SER A 108 1.00 -10.14 -1.69
N PHE A 109 0.28 -11.20 -1.35
CA PHE A 109 -0.67 -11.15 -0.24
C PHE A 109 0.05 -10.88 1.08
N GLU A 110 1.29 -11.32 1.18
CA GLU A 110 2.08 -11.12 2.39
C GLU A 110 2.53 -9.67 2.52
N GLU A 111 2.76 -9.03 1.37
CA GLU A 111 3.22 -7.64 1.34
C GLU A 111 2.11 -6.66 1.71
N ARG A 112 0.88 -6.97 1.30
CA ARG A 112 -0.25 -6.08 1.59
C ARG A 112 -0.37 -5.82 3.09
N ASP A 113 -0.25 -6.87 3.89
CA ASP A 113 -0.34 -6.75 5.33
C ASP A 113 0.93 -6.12 5.91
N ALA A 114 2.09 -6.66 5.51
CA ALA A 114 3.36 -6.15 5.98
C ALA A 114 3.45 -4.65 5.75
N TRP A 115 3.20 -4.23 4.51
CA TRP A 115 3.23 -2.82 4.17
C TRP A 115 2.27 -2.02 5.04
N VAL A 116 1.01 -2.44 5.08
CA VAL A 116 0.01 -1.75 5.90
C VAL A 116 0.49 -1.66 7.34
N GLN A 117 1.19 -2.70 7.80
CA GLN A 117 1.71 -2.74 9.15
C GLN A 117 2.98 -1.90 9.26
N ALA A 118 3.72 -1.81 8.16
CA ALA A 118 4.95 -1.04 8.12
C ALA A 118 4.65 0.44 8.29
N ILE A 119 3.72 0.93 7.49
CA ILE A 119 3.34 2.34 7.56
C ILE A 119 2.70 2.64 8.91
N GLU A 120 1.78 1.78 9.34
CA GLU A 120 1.12 1.97 10.63
C GLU A 120 2.12 1.83 11.76
N SER A 121 3.13 0.98 11.55
CA SER A 121 4.17 0.77 12.55
C SER A 121 5.05 2.00 12.69
N GLN A 122 5.49 2.52 11.55
CA GLN A 122 6.34 3.71 11.53
C GLN A 122 5.61 4.90 12.16
N ILE A 123 4.30 4.92 11.99
CA ILE A 123 3.48 6.00 12.53
C ILE A 123 3.35 5.86 14.05
N LEU A 124 3.27 4.62 14.52
CA LEU A 124 3.15 4.35 15.95
C LEU A 124 4.44 4.72 16.67
N ALA A 125 5.57 4.46 16.03
CA ALA A 125 6.87 4.76 16.61
C ALA A 125 7.17 6.26 16.53
N SER A 126 6.62 6.92 15.52
CA SER A 126 6.83 8.34 15.32
C SER A 126 5.91 9.16 16.24
N LEU A 127 4.74 8.61 16.53
CA LEU A 127 3.78 9.29 17.40
C LEU A 127 4.23 9.23 18.85
N GLN A 128 4.93 8.17 19.22
CA GLN A 128 5.41 7.99 20.57
C GLN A 128 6.59 8.90 20.86
N ARG A 1 20.05 6.15 9.06
CA ARG A 1 20.40 5.05 9.99
C ARG A 1 19.18 4.21 10.35
N ALA A 2 18.34 3.95 9.36
CA ALA A 2 17.13 3.16 9.57
C ALA A 2 17.21 1.82 8.84
N ILE A 3 16.23 0.96 9.11
CA ILE A 3 16.19 -0.35 8.47
C ILE A 3 14.93 -0.50 7.62
N PRO A 4 15.06 -0.99 6.38
CA PRO A 4 13.92 -1.16 5.48
C PRO A 4 12.84 -2.06 6.08
N ILE A 5 11.62 -1.54 6.12
CA ILE A 5 10.48 -2.27 6.66
C ILE A 5 9.74 -3.03 5.56
N LYS A 6 9.92 -2.58 4.32
CA LYS A 6 9.29 -3.21 3.16
C LYS A 6 9.68 -2.46 1.91
N GLN A 7 10.48 -3.09 1.08
CA GLN A 7 10.90 -2.44 -0.16
C GLN A 7 10.68 -3.37 -1.35
N SER A 8 9.70 -3.03 -2.18
CA SER A 8 9.39 -3.84 -3.35
C SER A 8 8.53 -3.07 -4.34
N PHE A 9 8.10 -3.75 -5.39
CA PHE A 9 7.27 -3.13 -6.43
C PHE A 9 5.80 -3.12 -6.01
N LEU A 10 5.12 -2.02 -6.32
CA LEU A 10 3.71 -1.88 -5.98
C LEU A 10 2.93 -1.34 -7.18
N LEU A 11 1.63 -1.60 -7.20
CA LEU A 11 0.79 -1.12 -8.29
C LEU A 11 0.15 0.21 -7.89
N LYS A 12 0.25 1.20 -8.78
CA LYS A 12 -0.32 2.53 -8.50
C LYS A 12 -1.43 2.87 -9.47
N ARG A 13 -2.62 3.07 -8.94
CA ARG A 13 -3.79 3.42 -9.75
C ARG A 13 -3.49 4.61 -10.65
N SER A 14 -4.12 4.64 -11.83
CA SER A 14 -3.92 5.73 -12.78
C SER A 14 -5.03 6.76 -12.67
N GLY A 15 -6.25 6.28 -12.44
CA GLY A 15 -7.38 7.18 -12.32
C GLY A 15 -8.71 6.48 -12.57
N ASN A 16 -9.80 7.09 -12.13
CA ASN A 16 -11.13 6.52 -12.31
C ASN A 16 -11.26 5.20 -11.56
N SER A 17 -12.43 4.96 -10.98
CA SER A 17 -12.69 3.74 -10.24
C SER A 17 -13.15 2.62 -11.16
N LEU A 18 -14.23 2.88 -11.91
CA LEU A 18 -14.77 1.89 -12.84
C LEU A 18 -13.73 1.50 -13.89
N ASN A 19 -12.95 2.49 -14.33
CA ASN A 19 -11.92 2.25 -15.33
C ASN A 19 -10.53 2.32 -14.70
N LYS A 20 -10.34 1.55 -13.63
CA LYS A 20 -9.06 1.53 -12.93
C LYS A 20 -7.92 1.12 -13.87
N GLU A 21 -6.70 1.43 -13.46
CA GLU A 21 -5.52 1.11 -14.25
C GLU A 21 -4.27 1.37 -13.42
N TRP A 22 -3.71 0.31 -12.88
CA TRP A 22 -2.50 0.42 -12.05
C TRP A 22 -1.25 0.11 -12.85
N LYS A 23 -0.15 0.75 -12.47
CA LYS A 23 1.13 0.56 -13.14
C LYS A 23 2.19 0.08 -12.15
N LYS A 24 3.25 -0.54 -12.67
CA LYS A 24 4.32 -1.04 -11.83
C LYS A 24 5.10 0.11 -11.19
N LYS A 25 5.16 0.10 -9.86
CA LYS A 25 5.87 1.14 -9.12
C LYS A 25 6.92 0.52 -8.20
N TYR A 26 7.59 1.37 -7.44
CA TYR A 26 8.62 0.93 -6.51
C TYR A 26 8.50 1.67 -5.18
N VAL A 27 8.17 0.94 -4.12
CA VAL A 27 8.02 1.56 -2.80
C VAL A 27 8.99 0.99 -1.79
N THR A 28 9.43 1.83 -0.87
CA THR A 28 10.34 1.39 0.19
C THR A 28 9.95 2.01 1.52
N LEU A 29 9.47 1.16 2.42
CA LEU A 29 9.09 1.58 3.75
C LEU A 29 10.30 1.43 4.64
N SER A 30 10.80 2.55 5.17
CA SER A 30 11.98 2.52 6.01
C SER A 30 11.60 2.73 7.48
N SER A 31 12.50 2.31 8.37
CA SER A 31 12.26 2.45 9.80
C SER A 31 12.44 3.90 10.26
N ASN A 32 12.72 4.80 9.29
CA ASN A 32 12.92 6.21 9.60
C ASN A 32 11.61 6.98 9.50
N GLY A 33 10.50 6.28 9.72
CA GLY A 33 9.21 6.91 9.64
C GLY A 33 9.01 7.65 8.33
N PHE A 34 9.47 7.04 7.25
CA PHE A 34 9.35 7.64 5.93
C PHE A 34 8.93 6.62 4.88
N LEU A 35 7.86 6.93 4.16
CA LEU A 35 7.36 6.06 3.10
C LEU A 35 7.74 6.63 1.74
N LEU A 36 8.55 5.90 0.99
CA LEU A 36 8.99 6.36 -0.33
C LEU A 36 8.44 5.49 -1.44
N TYR A 37 8.18 6.11 -2.59
CA TYR A 37 7.67 5.40 -3.76
C TYR A 37 8.03 6.15 -5.03
N HIS A 38 8.70 5.45 -5.95
CA HIS A 38 9.11 6.05 -7.22
C HIS A 38 8.40 5.38 -8.39
N PRO A 39 8.38 6.04 -9.56
CA PRO A 39 7.74 5.51 -10.76
C PRO A 39 8.11 4.05 -11.04
N SER A 40 9.40 3.75 -11.00
CA SER A 40 9.87 2.39 -11.26
C SER A 40 11.21 2.13 -10.56
N ILE A 41 11.82 1.00 -10.87
CA ILE A 41 13.11 0.63 -10.28
C ILE A 41 14.20 1.62 -10.70
N ASN A 42 14.21 1.99 -11.97
CA ASN A 42 15.21 2.95 -12.47
C ASN A 42 15.22 4.20 -11.59
N ASP A 43 14.08 4.48 -10.97
CA ASP A 43 13.97 5.64 -10.09
C ASP A 43 14.64 5.38 -8.75
N TYR A 44 14.45 4.17 -8.23
CA TYR A 44 15.05 3.79 -6.94
C TYR A 44 16.56 3.63 -7.10
N ILE A 45 16.94 2.84 -8.10
CA ILE A 45 18.34 2.58 -8.39
C ILE A 45 19.10 3.87 -8.64
N HIS A 46 18.68 4.58 -9.66
CA HIS A 46 19.30 5.84 -10.06
C HIS A 46 18.94 6.96 -9.09
N SER A 47 17.81 6.84 -8.41
CA SER A 47 17.38 7.84 -7.43
C SER A 47 16.83 9.09 -8.11
N THR A 48 15.65 8.97 -8.69
CA THR A 48 15.01 10.10 -9.36
C THR A 48 14.19 10.89 -8.33
N HIS A 49 13.15 11.58 -8.80
CA HIS A 49 12.28 12.38 -7.92
C HIS A 49 12.04 11.66 -6.59
N GLY A 50 11.53 10.45 -6.68
CA GLY A 50 11.26 9.66 -5.49
C GLY A 50 10.33 10.35 -4.52
N LYS A 51 9.05 9.98 -4.57
CA LYS A 51 8.05 10.57 -3.69
C LYS A 51 8.19 10.03 -2.26
N GLU A 52 8.06 10.91 -1.28
CA GLU A 52 8.17 10.53 0.12
C GLU A 52 7.02 11.11 0.93
N MET A 53 6.40 10.27 1.75
CA MET A 53 5.29 10.70 2.60
C MET A 53 5.63 10.52 4.07
N ASP A 54 5.59 11.61 4.82
CA ASP A 54 5.90 11.57 6.25
C ASP A 54 4.98 10.57 6.96
N LEU A 55 5.58 9.70 7.77
CA LEU A 55 4.82 8.71 8.50
C LEU A 55 4.49 9.17 9.92
N LEU A 56 4.49 10.49 10.13
CA LEU A 56 4.19 11.04 11.45
C LEU A 56 2.68 11.15 11.65
N ARG A 57 2.01 11.87 10.75
CA ARG A 57 0.57 12.05 10.83
C ARG A 57 -0.09 11.50 9.58
N THR A 58 0.10 10.22 9.32
CA THR A 58 -0.48 9.56 8.15
C THR A 58 -1.52 8.52 8.55
N THR A 59 -2.35 8.15 7.59
CA THR A 59 -3.39 7.16 7.81
C THR A 59 -3.32 6.08 6.72
N VAL A 60 -3.77 4.88 7.06
CA VAL A 60 -3.75 3.78 6.10
C VAL A 60 -5.10 3.06 6.07
N LYS A 61 -5.66 2.91 4.86
CA LYS A 61 -6.95 2.24 4.71
C LYS A 61 -7.10 1.65 3.31
N VAL A 62 -7.99 0.67 3.19
CA VAL A 62 -8.25 0.02 1.91
C VAL A 62 -9.50 0.57 1.25
N PRO A 63 -9.60 0.47 -0.09
CA PRO A 63 -10.75 0.97 -0.84
C PRO A 63 -12.00 0.13 -0.56
N GLY A 64 -13.01 0.29 -1.40
CA GLY A 64 -14.25 -0.46 -1.22
C GLY A 64 -14.27 -1.76 -2.01
N LYS A 65 -13.09 -2.22 -2.41
CA LYS A 65 -12.98 -3.45 -3.18
C LYS A 65 -13.71 -4.61 -2.48
N ARG A 66 -13.81 -5.74 -3.17
CA ARG A 66 -14.48 -6.91 -2.60
C ARG A 66 -13.76 -7.38 -1.35
N PRO A 67 -14.41 -8.26 -0.56
CA PRO A 67 -13.82 -8.79 0.68
C PRO A 67 -12.52 -9.55 0.42
N PRO A 68 -11.40 -9.08 0.99
CA PRO A 68 -10.09 -9.72 0.81
C PRO A 68 -9.82 -10.79 1.86
N ARG A 69 -10.82 -11.63 2.12
CA ARG A 69 -10.68 -12.70 3.10
C ARG A 69 -10.07 -13.95 2.47
N ALA A 70 -8.74 -13.97 2.39
CA ALA A 70 -8.03 -15.10 1.81
C ALA A 70 -8.27 -16.37 2.61
N ILE A 71 -8.46 -16.21 3.92
CA ILE A 71 -8.70 -17.34 4.80
C ILE A 71 -10.02 -18.03 4.45
N SER A 72 -10.99 -17.25 3.99
CA SER A 72 -12.30 -17.78 3.63
C SER A 72 -12.33 -18.16 2.16
N ALA A 73 -11.40 -19.02 1.75
CA ALA A 73 -11.34 -19.47 0.36
C ALA A 73 -12.12 -20.76 0.14
N PHE A 74 -13.01 -21.06 1.08
CA PHE A 74 -13.82 -22.27 1.01
C PHE A 74 -14.68 -22.26 -0.26
N GLY A 75 -14.11 -22.76 -1.35
CA GLY A 75 -14.84 -22.80 -2.61
C GLY A 75 -14.55 -24.06 -3.40
N PRO A 76 -15.52 -24.53 -4.21
CA PRO A 76 -15.34 -25.74 -5.02
C PRO A 76 -14.37 -25.54 -6.18
N SER A 77 -13.43 -26.46 -6.31
CA SER A 77 -12.44 -26.37 -7.37
C SER A 77 -11.54 -27.62 -7.38
N ALA A 78 -12.13 -28.76 -7.71
CA ALA A 78 -11.39 -30.02 -7.76
C ALA A 78 -10.78 -30.24 -9.13
N SER A 79 -11.46 -29.77 -10.16
CA SER A 79 -10.99 -29.92 -11.53
C SER A 79 -11.60 -28.86 -12.44
N GLY A 80 -10.97 -27.68 -12.47
CA GLY A 80 -11.47 -26.60 -13.30
C GLY A 80 -11.44 -25.27 -12.59
N SER A 81 -11.68 -24.19 -13.35
CA SER A 81 -11.68 -22.85 -12.78
C SER A 81 -12.86 -22.04 -13.29
N ALA A 82 -13.17 -20.94 -12.60
CA ALA A 82 -14.29 -20.08 -12.99
C ALA A 82 -13.93 -18.62 -12.83
N GLY A 83 -14.30 -17.81 -13.81
CA GLY A 83 -14.01 -16.39 -13.76
C GLY A 83 -15.13 -15.59 -13.13
N GLN A 84 -15.47 -15.91 -11.88
CA GLN A 84 -16.53 -15.22 -11.18
C GLN A 84 -16.03 -13.92 -10.58
N ALA A 85 -15.32 -14.02 -9.46
CA ALA A 85 -14.78 -12.85 -8.78
C ALA A 85 -13.32 -13.05 -8.41
N GLU A 86 -12.59 -11.95 -8.31
CA GLU A 86 -11.16 -12.01 -7.96
C GLU A 86 -10.96 -11.83 -6.47
N GLU A 87 -11.09 -12.93 -5.72
CA GLU A 87 -10.92 -12.89 -4.26
C GLU A 87 -9.53 -12.37 -3.89
N GLU A 88 -8.58 -12.51 -4.81
CA GLU A 88 -7.22 -12.07 -4.57
C GLU A 88 -7.07 -10.57 -4.84
N ASN A 89 -7.88 -9.77 -4.15
CA ASN A 89 -7.85 -8.32 -4.32
C ASN A 89 -7.39 -7.64 -3.03
N PHE A 90 -6.13 -7.19 -3.02
CA PHE A 90 -5.57 -6.53 -1.85
C PHE A 90 -4.93 -5.19 -2.25
N GLU A 91 -5.53 -4.10 -1.78
CA GLU A 91 -5.02 -2.76 -2.08
C GLU A 91 -5.17 -1.86 -0.86
N PHE A 92 -4.10 -1.13 -0.52
CA PHE A 92 -4.11 -0.23 0.62
C PHE A 92 -3.79 1.20 0.21
N LEU A 93 -4.24 2.16 1.02
CA LEU A 93 -4.01 3.58 0.74
C LEU A 93 -3.19 4.24 1.85
N ILE A 94 -2.41 5.25 1.47
CA ILE A 94 -1.58 5.99 2.42
C ILE A 94 -1.92 7.47 2.38
N VAL A 95 -2.57 7.97 3.42
CA VAL A 95 -2.96 9.38 3.47
C VAL A 95 -2.03 10.21 4.35
N SER A 96 -1.60 11.35 3.82
CA SER A 96 -0.73 12.26 4.55
C SER A 96 -1.55 13.33 5.26
N SER A 97 -0.86 14.30 5.86
CA SER A 97 -1.54 15.38 6.57
C SER A 97 -1.93 16.50 5.62
N THR A 98 -1.40 16.47 4.40
CA THR A 98 -1.69 17.49 3.41
C THR A 98 -2.66 16.98 2.35
N GLY A 99 -3.42 15.96 2.71
CA GLY A 99 -4.39 15.39 1.78
C GLY A 99 -3.79 14.36 0.83
N GLN A 100 -2.47 14.42 0.64
CA GLN A 100 -1.80 13.49 -0.26
C GLN A 100 -2.17 12.05 0.07
N THR A 101 -2.59 11.30 -0.94
CA THR A 101 -2.99 9.91 -0.74
C THR A 101 -2.31 8.98 -1.75
N TRP A 102 -1.45 8.10 -1.24
CA TRP A 102 -0.76 7.13 -2.08
C TRP A 102 -1.51 5.81 -2.09
N HIS A 103 -2.18 5.51 -3.18
CA HIS A 103 -2.91 4.26 -3.29
C HIS A 103 -2.07 3.20 -4.01
N PHE A 104 -1.71 2.13 -3.31
CA PHE A 104 -0.91 1.07 -3.90
C PHE A 104 -1.62 -0.27 -3.83
N GLU A 105 -1.16 -1.19 -4.66
CA GLU A 105 -1.71 -2.55 -4.70
C GLU A 105 -0.59 -3.56 -4.47
N ALA A 106 -0.57 -4.14 -3.27
CA ALA A 106 0.46 -5.12 -2.91
C ALA A 106 0.55 -6.24 -3.93
N ALA A 107 1.75 -6.44 -4.48
CA ALA A 107 1.96 -7.49 -5.46
C ALA A 107 1.77 -8.86 -4.83
N SER A 108 2.10 -8.96 -3.54
CA SER A 108 1.95 -10.21 -2.80
C SER A 108 0.95 -10.02 -1.66
N PHE A 109 0.08 -11.01 -1.47
CA PHE A 109 -0.92 -10.96 -0.42
C PHE A 109 -0.29 -10.66 0.95
N GLU A 110 0.78 -11.39 1.26
CA GLU A 110 1.48 -11.20 2.53
C GLU A 110 2.11 -9.81 2.59
N GLU A 111 2.61 -9.35 1.46
CA GLU A 111 3.25 -8.04 1.38
C GLU A 111 2.28 -6.94 1.76
N ARG A 112 1.01 -7.09 1.38
CA ARG A 112 -0.01 -6.10 1.69
C ARG A 112 -0.10 -5.86 3.19
N ASP A 113 -0.16 -6.94 3.96
CA ASP A 113 -0.24 -6.83 5.42
C ASP A 113 1.07 -6.33 5.99
N ALA A 114 2.18 -6.61 5.32
CA ALA A 114 3.48 -6.16 5.78
C ALA A 114 3.59 -4.65 5.62
N TRP A 115 3.24 -4.17 4.44
CA TRP A 115 3.27 -2.74 4.14
C TRP A 115 2.31 -1.99 5.04
N VAL A 116 1.07 -2.48 5.13
CA VAL A 116 0.08 -1.84 5.99
C VAL A 116 0.58 -1.76 7.43
N GLN A 117 1.32 -2.80 7.83
CA GLN A 117 1.88 -2.84 9.17
C GLN A 117 3.14 -1.98 9.25
N ALA A 118 3.86 -1.92 8.13
CA ALA A 118 5.08 -1.12 8.06
C ALA A 118 4.76 0.35 8.22
N ILE A 119 3.80 0.82 7.44
CA ILE A 119 3.37 2.21 7.49
C ILE A 119 2.79 2.53 8.87
N GLU A 120 1.89 1.67 9.36
CA GLU A 120 1.29 1.86 10.66
C GLU A 120 2.34 1.74 11.75
N SER A 121 3.33 0.89 11.51
CA SER A 121 4.41 0.69 12.47
C SER A 121 5.25 1.95 12.61
N GLN A 122 5.59 2.55 11.47
CA GLN A 122 6.38 3.78 11.46
C GLN A 122 5.61 4.92 12.13
N ILE A 123 4.30 4.90 11.96
CA ILE A 123 3.44 5.92 12.55
C ILE A 123 3.30 5.71 14.05
N LEU A 124 3.23 4.46 14.46
CA LEU A 124 3.10 4.11 15.88
C LEU A 124 4.39 4.44 16.62
N ALA A 125 5.53 4.26 15.95
CA ALA A 125 6.82 4.53 16.55
C ALA A 125 7.06 6.04 16.64
N SER A 126 6.58 6.77 15.64
CA SER A 126 6.75 8.22 15.61
C SER A 126 5.87 8.89 16.67
N LEU A 127 4.73 8.26 16.97
CA LEU A 127 3.81 8.79 17.96
C LEU A 127 4.43 8.77 19.35
N GLN A 128 5.02 7.63 19.71
CA GLN A 128 5.64 7.47 21.01
C GLN A 128 7.12 7.83 20.95
N ARG A 1 20.72 4.75 12.82
CA ARG A 1 20.19 4.51 11.46
C ARG A 1 18.86 3.76 11.50
N ALA A 2 18.29 3.49 10.33
CA ALA A 2 17.03 2.78 10.24
C ALA A 2 17.18 1.50 9.43
N ILE A 3 16.13 0.68 9.43
CA ILE A 3 16.13 -0.58 8.70
C ILE A 3 14.88 -0.72 7.83
N PRO A 4 15.03 -1.20 6.59
CA PRO A 4 13.89 -1.36 5.67
C PRO A 4 12.80 -2.23 6.27
N ILE A 5 11.58 -1.69 6.27
CA ILE A 5 10.42 -2.40 6.81
C ILE A 5 9.67 -3.14 5.70
N LYS A 6 9.88 -2.72 4.45
CA LYS A 6 9.25 -3.34 3.30
C LYS A 6 9.67 -2.61 2.04
N GLN A 7 10.45 -3.25 1.21
CA GLN A 7 10.90 -2.62 -0.02
C GLN A 7 10.65 -3.56 -1.21
N SER A 8 9.71 -3.17 -2.07
CA SER A 8 9.39 -3.99 -3.23
C SER A 8 8.57 -3.18 -4.24
N PHE A 9 8.14 -3.86 -5.30
CA PHE A 9 7.36 -3.22 -6.35
C PHE A 9 5.87 -3.23 -6.02
N LEU A 10 5.25 -2.06 -6.11
CA LEU A 10 3.82 -1.93 -5.83
C LEU A 10 3.08 -1.40 -7.05
N LEU A 11 1.79 -1.65 -7.10
CA LEU A 11 0.98 -1.18 -8.22
C LEU A 11 0.32 0.15 -7.86
N LYS A 12 0.33 1.09 -8.80
CA LYS A 12 -0.27 2.41 -8.55
C LYS A 12 -1.25 2.78 -9.66
N ARG A 13 -2.52 2.94 -9.28
CA ARG A 13 -3.58 3.30 -10.22
C ARG A 13 -3.26 4.64 -10.89
N SER A 14 -3.69 4.77 -12.14
CA SER A 14 -3.45 6.00 -12.89
C SER A 14 -4.46 7.08 -12.51
N GLY A 15 -5.72 6.85 -12.81
CA GLY A 15 -6.76 7.81 -12.48
C GLY A 15 -8.01 7.63 -13.31
N ASN A 16 -8.60 6.45 -13.23
CA ASN A 16 -9.82 6.14 -13.99
C ASN A 16 -10.84 5.40 -13.12
N SER A 17 -11.87 6.12 -12.68
CA SER A 17 -12.90 5.52 -11.84
C SER A 17 -13.67 4.45 -12.59
N LEU A 18 -14.02 4.74 -13.84
CA LEU A 18 -14.75 3.79 -14.67
C LEU A 18 -13.97 2.49 -14.83
N ASN A 19 -12.66 2.61 -14.92
CA ASN A 19 -11.80 1.43 -15.07
C ASN A 19 -10.40 1.71 -14.54
N LYS A 20 -10.09 1.13 -13.38
CA LYS A 20 -8.78 1.32 -12.76
C LYS A 20 -7.65 0.93 -13.71
N GLU A 21 -6.44 1.33 -13.36
CA GLU A 21 -5.27 1.05 -14.18
C GLU A 21 -4.00 1.30 -13.36
N TRP A 22 -3.45 0.23 -12.80
CA TRP A 22 -2.27 0.32 -11.98
C TRP A 22 -1.01 -0.03 -12.78
N LYS A 23 0.07 0.70 -12.51
CA LYS A 23 1.33 0.48 -13.19
C LYS A 23 2.39 0.00 -12.19
N LYS A 24 3.46 -0.61 -12.71
CA LYS A 24 4.53 -1.12 -11.86
C LYS A 24 5.22 0.04 -11.14
N LYS A 25 5.20 -0.02 -9.81
CA LYS A 25 5.81 1.01 -8.99
C LYS A 25 6.90 0.43 -8.09
N TYR A 26 7.58 1.31 -7.35
CA TYR A 26 8.64 0.89 -6.46
C TYR A 26 8.54 1.62 -5.12
N VAL A 27 8.27 0.88 -4.05
CA VAL A 27 8.13 1.48 -2.72
C VAL A 27 9.08 0.88 -1.71
N THR A 28 9.52 1.71 -0.77
CA THR A 28 10.40 1.26 0.29
C THR A 28 10.00 1.87 1.62
N LEU A 29 9.49 1.03 2.50
CA LEU A 29 9.10 1.45 3.83
C LEU A 29 10.29 1.30 4.75
N SER A 30 10.78 2.41 5.28
CA SER A 30 11.94 2.38 6.16
C SER A 30 11.52 2.58 7.61
N SER A 31 12.38 2.14 8.52
CA SER A 31 12.11 2.28 9.94
C SER A 31 12.29 3.73 10.41
N ASN A 32 12.63 4.61 9.47
CA ASN A 32 12.83 6.03 9.78
C ASN A 32 11.53 6.81 9.66
N GLY A 33 10.42 6.13 9.85
CA GLY A 33 9.13 6.77 9.76
C GLY A 33 8.98 7.53 8.45
N PHE A 34 9.48 6.94 7.38
CA PHE A 34 9.41 7.56 6.07
C PHE A 34 9.02 6.55 5.00
N LEU A 35 7.94 6.84 4.28
CA LEU A 35 7.49 5.97 3.21
C LEU A 35 7.89 6.55 1.86
N LEU A 36 8.72 5.83 1.13
CA LEU A 36 9.19 6.30 -0.17
C LEU A 36 8.63 5.44 -1.31
N TYR A 37 8.36 6.08 -2.44
CA TYR A 37 7.84 5.39 -3.61
C TYR A 37 8.21 6.15 -4.88
N HIS A 38 8.73 5.42 -5.86
CA HIS A 38 9.13 6.01 -7.13
C HIS A 38 8.38 5.38 -8.30
N PRO A 39 8.33 6.07 -9.45
CA PRO A 39 7.64 5.57 -10.64
C PRO A 39 8.03 4.14 -10.99
N SER A 40 9.25 3.76 -10.66
CA SER A 40 9.74 2.41 -10.95
C SER A 40 11.14 2.19 -10.39
N ILE A 41 11.72 1.03 -10.69
CA ILE A 41 13.07 0.70 -10.22
C ILE A 41 14.09 1.72 -10.73
N ASN A 42 14.03 2.04 -12.02
CA ASN A 42 14.95 3.02 -12.60
C ASN A 42 14.92 4.31 -11.79
N ASP A 43 13.79 4.58 -11.16
CA ASP A 43 13.64 5.78 -10.34
C ASP A 43 14.34 5.61 -8.99
N TYR A 44 14.22 4.42 -8.41
CA TYR A 44 14.87 4.13 -7.13
C TYR A 44 16.38 4.06 -7.29
N ILE A 45 16.81 3.26 -8.27
CA ILE A 45 18.23 3.08 -8.56
C ILE A 45 18.88 4.41 -8.92
N HIS A 46 18.40 5.00 -9.99
CA HIS A 46 18.92 6.26 -10.51
C HIS A 46 18.51 7.44 -9.64
N SER A 47 17.41 7.30 -8.91
CA SER A 47 16.92 8.37 -8.04
C SER A 47 16.24 9.48 -8.84
N THR A 48 15.03 9.19 -9.32
CA THR A 48 14.26 10.14 -10.10
C THR A 48 12.93 10.45 -9.43
N HIS A 49 12.73 11.72 -9.06
CA HIS A 49 11.51 12.16 -8.41
C HIS A 49 11.51 11.78 -6.94
N GLY A 50 11.60 10.48 -6.68
CA GLY A 50 11.63 9.98 -5.32
C GLY A 50 10.59 10.62 -4.43
N LYS A 51 9.40 10.03 -4.39
CA LYS A 51 8.32 10.55 -3.56
C LYS A 51 8.40 9.99 -2.15
N GLU A 52 8.31 10.87 -1.16
CA GLU A 52 8.38 10.46 0.24
C GLU A 52 7.22 11.06 1.04
N MET A 53 6.58 10.22 1.83
CA MET A 53 5.45 10.65 2.65
C MET A 53 5.79 10.50 4.13
N ASP A 54 5.76 11.62 4.85
CA ASP A 54 6.06 11.61 6.28
C ASP A 54 5.08 10.70 7.03
N LEU A 55 5.62 9.74 7.77
CA LEU A 55 4.80 8.81 8.52
C LEU A 55 4.55 9.30 9.94
N LEU A 56 4.30 10.58 10.09
CA LEU A 56 4.04 11.16 11.41
C LEU A 56 2.58 10.97 11.82
N ARG A 57 1.67 11.53 11.03
CA ARG A 57 0.25 11.42 11.30
C ARG A 57 -0.50 10.87 10.09
N THR A 58 0.15 9.94 9.39
CA THR A 58 -0.45 9.34 8.21
C THR A 58 -1.50 8.32 8.59
N THR A 59 -2.38 7.99 7.64
CA THR A 59 -3.44 7.03 7.88
C THR A 59 -3.46 5.97 6.78
N VAL A 60 -3.92 4.77 7.12
CA VAL A 60 -3.99 3.68 6.16
C VAL A 60 -5.42 3.20 5.98
N LYS A 61 -5.88 3.16 4.74
CA LYS A 61 -7.24 2.71 4.45
C LYS A 61 -7.33 1.98 3.12
N VAL A 62 -8.42 1.27 2.91
CA VAL A 62 -8.63 0.53 1.67
C VAL A 62 -9.82 1.08 0.89
N PRO A 63 -9.84 0.87 -0.44
CA PRO A 63 -10.93 1.34 -1.29
C PRO A 63 -12.29 0.81 -0.83
N GLY A 64 -13.27 0.90 -1.71
CA GLY A 64 -14.61 0.42 -1.38
C GLY A 64 -14.85 -1.00 -1.86
N LYS A 65 -14.05 -1.93 -1.35
CA LYS A 65 -14.18 -3.33 -1.71
C LYS A 65 -14.43 -4.20 -0.48
N ARG A 66 -14.75 -5.47 -0.72
CA ARG A 66 -15.02 -6.40 0.37
C ARG A 66 -13.79 -6.61 1.24
N PRO A 67 -13.98 -7.13 2.46
CA PRO A 67 -12.87 -7.37 3.40
C PRO A 67 -11.98 -8.53 2.96
N PRO A 68 -10.69 -8.26 2.71
CA PRO A 68 -9.74 -9.29 2.28
C PRO A 68 -9.61 -10.42 3.30
N ARG A 69 -10.24 -11.55 3.02
CA ARG A 69 -10.18 -12.70 3.91
C ARG A 69 -8.88 -13.45 3.75
N ALA A 70 -7.95 -13.23 4.66
CA ALA A 70 -6.64 -13.89 4.61
C ALA A 70 -6.80 -15.40 4.68
N ILE A 71 -7.45 -15.89 5.73
CA ILE A 71 -7.67 -17.32 5.91
C ILE A 71 -8.74 -17.83 4.97
N SER A 72 -9.78 -17.04 4.78
CA SER A 72 -10.88 -17.42 3.89
C SER A 72 -11.51 -18.74 4.34
N ALA A 73 -11.73 -18.88 5.64
CA ALA A 73 -12.33 -20.09 6.20
C ALA A 73 -13.84 -19.95 6.32
N PHE A 74 -14.41 -18.99 5.61
CA PHE A 74 -15.84 -18.76 5.63
C PHE A 74 -16.36 -18.44 4.23
N GLY A 75 -17.62 -18.02 4.16
CA GLY A 75 -18.21 -17.68 2.88
C GLY A 75 -18.27 -18.88 1.94
N PRO A 76 -19.47 -19.48 1.76
CA PRO A 76 -19.64 -20.64 0.88
C PRO A 76 -19.44 -20.29 -0.58
N SER A 77 -18.60 -21.07 -1.27
CA SER A 77 -18.32 -20.85 -2.68
C SER A 77 -17.95 -22.15 -3.38
N ALA A 78 -18.45 -22.33 -4.59
CA ALA A 78 -18.16 -23.53 -5.36
C ALA A 78 -16.68 -23.65 -5.69
N SER A 79 -16.02 -22.50 -5.87
CA SER A 79 -14.61 -22.47 -6.19
C SER A 79 -14.07 -21.05 -6.15
N GLY A 80 -13.78 -20.56 -4.94
CA GLY A 80 -13.26 -19.21 -4.80
C GLY A 80 -14.28 -18.15 -5.16
N SER A 81 -13.98 -17.35 -6.17
CA SER A 81 -14.88 -16.30 -6.61
C SER A 81 -15.10 -16.37 -8.13
N ALA A 82 -16.11 -15.66 -8.61
CA ALA A 82 -16.43 -15.64 -10.02
C ALA A 82 -15.34 -14.94 -10.82
N GLY A 83 -15.59 -14.75 -12.11
CA GLY A 83 -14.62 -14.08 -12.96
C GLY A 83 -15.06 -12.69 -13.38
N GLN A 84 -15.74 -12.00 -12.47
CA GLN A 84 -16.22 -10.65 -12.75
C GLN A 84 -15.44 -9.62 -11.93
N ALA A 85 -15.04 -10.00 -10.73
CA ALA A 85 -14.30 -9.11 -9.84
C ALA A 85 -13.43 -9.91 -8.88
N GLU A 86 -12.20 -9.45 -8.68
CA GLU A 86 -11.26 -10.11 -7.78
C GLU A 86 -11.52 -9.71 -6.33
N GLU A 87 -12.18 -10.60 -5.59
CA GLU A 87 -12.50 -10.35 -4.19
C GLU A 87 -11.23 -10.33 -3.34
N GLU A 88 -10.20 -11.00 -3.81
CA GLU A 88 -8.93 -11.06 -3.07
C GLU A 88 -7.98 -9.93 -3.50
N ASN A 89 -8.54 -8.84 -4.00
CA ASN A 89 -7.74 -7.70 -4.42
C ASN A 89 -7.15 -6.98 -3.21
N PHE A 90 -5.84 -7.11 -3.05
CA PHE A 90 -5.15 -6.48 -1.91
C PHE A 90 -4.60 -5.11 -2.30
N GLU A 91 -5.27 -4.06 -1.84
CA GLU A 91 -4.86 -2.69 -2.13
C GLU A 91 -5.04 -1.80 -0.90
N PHE A 92 -3.99 -1.06 -0.55
CA PHE A 92 -4.04 -0.17 0.61
C PHE A 92 -3.71 1.26 0.21
N LEU A 93 -4.18 2.23 1.01
CA LEU A 93 -3.94 3.63 0.73
C LEU A 93 -3.15 4.30 1.86
N ILE A 94 -2.27 5.22 1.48
CA ILE A 94 -1.44 5.96 2.44
C ILE A 94 -1.81 7.43 2.44
N VAL A 95 -2.45 7.89 3.51
CA VAL A 95 -2.85 9.29 3.59
C VAL A 95 -1.89 10.11 4.45
N SER A 96 -1.45 11.24 3.90
CA SER A 96 -0.53 12.12 4.61
C SER A 96 -1.32 13.19 5.36
N SER A 97 -0.60 14.14 5.95
CA SER A 97 -1.24 15.22 6.69
C SER A 97 -1.68 16.34 5.77
N THR A 98 -1.11 16.39 4.57
CA THR A 98 -1.46 17.43 3.61
C THR A 98 -2.44 16.90 2.56
N GLY A 99 -3.17 15.86 2.92
CA GLY A 99 -4.14 15.28 2.01
C GLY A 99 -3.53 14.27 1.04
N GLN A 100 -2.22 14.37 0.83
CA GLN A 100 -1.53 13.45 -0.09
C GLN A 100 -1.92 12.01 0.20
N THR A 101 -2.38 11.30 -0.83
CA THR A 101 -2.80 9.92 -0.68
C THR A 101 -2.13 9.01 -1.69
N TRP A 102 -1.29 8.09 -1.19
CA TRP A 102 -0.60 7.14 -2.05
C TRP A 102 -1.35 5.81 -2.08
N HIS A 103 -2.03 5.54 -3.17
CA HIS A 103 -2.76 4.29 -3.28
C HIS A 103 -1.93 3.23 -3.99
N PHE A 104 -1.60 2.16 -3.28
CA PHE A 104 -0.78 1.09 -3.86
C PHE A 104 -1.50 -0.25 -3.78
N GLU A 105 -0.98 -1.21 -4.53
CA GLU A 105 -1.52 -2.56 -4.56
C GLU A 105 -0.39 -3.57 -4.42
N ALA A 106 -0.24 -4.12 -3.21
CA ALA A 106 0.82 -5.09 -2.92
C ALA A 106 0.83 -6.22 -3.95
N ALA A 107 1.99 -6.46 -4.56
CA ALA A 107 2.13 -7.52 -5.54
C ALA A 107 1.81 -8.88 -4.93
N SER A 108 2.09 -9.01 -3.64
CA SER A 108 1.83 -10.25 -2.92
C SER A 108 0.83 -10.02 -1.78
N PHE A 109 0.13 -11.07 -1.40
CA PHE A 109 -0.86 -10.99 -0.33
C PHE A 109 -0.19 -10.67 1.00
N GLU A 110 0.78 -11.50 1.38
CA GLU A 110 1.50 -11.33 2.64
C GLU A 110 2.20 -9.97 2.66
N GLU A 111 2.64 -9.51 1.50
CA GLU A 111 3.32 -8.23 1.38
C GLU A 111 2.38 -7.07 1.68
N ARG A 112 1.14 -7.18 1.23
CA ARG A 112 0.15 -6.13 1.46
C ARG A 112 -0.01 -5.85 2.95
N ASP A 113 -0.19 -6.90 3.73
CA ASP A 113 -0.36 -6.75 5.17
C ASP A 113 0.91 -6.16 5.80
N ALA A 114 2.06 -6.69 5.41
CA ALA A 114 3.33 -6.20 5.93
C ALA A 114 3.44 -4.70 5.72
N TRP A 115 3.22 -4.26 4.49
CA TRP A 115 3.27 -2.84 4.15
C TRP A 115 2.30 -2.05 5.01
N VAL A 116 1.03 -2.45 5.00
CA VAL A 116 0.02 -1.76 5.79
C VAL A 116 0.44 -1.71 7.27
N GLN A 117 1.10 -2.78 7.72
CA GLN A 117 1.58 -2.84 9.09
C GLN A 117 2.86 -2.04 9.25
N ALA A 118 3.62 -1.92 8.16
CA ALA A 118 4.86 -1.18 8.17
C ALA A 118 4.59 0.31 8.23
N ILE A 119 3.55 0.74 7.52
CA ILE A 119 3.17 2.13 7.49
C ILE A 119 2.59 2.55 8.83
N GLU A 120 1.65 1.76 9.34
CA GLU A 120 1.03 2.06 10.63
C GLU A 120 2.05 1.92 11.76
N SER A 121 2.99 1.00 11.60
CA SER A 121 4.02 0.80 12.62
C SER A 121 4.97 1.98 12.65
N GLN A 122 5.29 2.51 11.47
CA GLN A 122 6.18 3.66 11.37
C GLN A 122 5.51 4.89 12.00
N ILE A 123 4.19 4.95 11.88
CA ILE A 123 3.42 6.05 12.42
C ILE A 123 3.37 5.97 13.94
N LEU A 124 3.26 4.76 14.47
CA LEU A 124 3.19 4.55 15.91
C LEU A 124 4.53 4.89 16.57
N ALA A 125 5.61 4.60 15.85
CA ALA A 125 6.95 4.87 16.36
C ALA A 125 7.28 6.36 16.27
N SER A 126 6.78 7.01 15.21
CA SER A 126 7.02 8.43 15.01
C SER A 126 6.11 9.27 15.90
N LEU A 127 4.93 8.75 16.19
CA LEU A 127 3.97 9.45 17.04
C LEU A 127 4.44 9.47 18.49
N GLN A 128 4.87 8.31 18.97
CA GLN A 128 5.34 8.19 20.34
C GLN A 128 6.74 8.80 20.50
#